data_1MY5
# 
_entry.id   1MY5 
# 
_audit_conform.dict_name       mmcif_pdbx.dic 
_audit_conform.dict_version    5.386 
_audit_conform.dict_location   http://mmcif.pdb.org/dictionaries/ascii/mmcif_pdbx.dic 
# 
loop_
_database_2.database_id 
_database_2.database_code 
_database_2.pdbx_database_accession 
_database_2.pdbx_DOI 
PDB   1MY5         pdb_00001my5 10.2210/pdb1my5/pdb 
RCSB  RCSB017302   ?            ?                   
WWPDB D_1000017302 ?            ?                   
# 
loop_
_pdbx_audit_revision_history.ordinal 
_pdbx_audit_revision_history.data_content_type 
_pdbx_audit_revision_history.major_revision 
_pdbx_audit_revision_history.minor_revision 
_pdbx_audit_revision_history.revision_date 
1 'Structure model' 1 0 2002-12-04 
2 'Structure model' 1 1 2008-04-28 
3 'Structure model' 1 2 2011-07-13 
4 'Structure model' 1 3 2024-02-14 
# 
_pdbx_audit_revision_details.ordinal             1 
_pdbx_audit_revision_details.revision_ordinal    1 
_pdbx_audit_revision_details.data_content_type   'Structure model' 
_pdbx_audit_revision_details.provider            repository 
_pdbx_audit_revision_details.type                'Initial release' 
_pdbx_audit_revision_details.description         ? 
_pdbx_audit_revision_details.details             ? 
# 
loop_
_pdbx_audit_revision_group.ordinal 
_pdbx_audit_revision_group.revision_ordinal 
_pdbx_audit_revision_group.data_content_type 
_pdbx_audit_revision_group.group 
1 2 'Structure model' 'Version format compliance' 
2 3 'Structure model' 'Version format compliance' 
3 4 'Structure model' 'Data collection'           
4 4 'Structure model' 'Database references'       
5 4 'Structure model' 'Refinement description'    
# 
loop_
_pdbx_audit_revision_category.ordinal 
_pdbx_audit_revision_category.revision_ordinal 
_pdbx_audit_revision_category.data_content_type 
_pdbx_audit_revision_category.category 
1 4 'Structure model' chem_comp_atom                
2 4 'Structure model' chem_comp_bond                
3 4 'Structure model' database_2                    
4 4 'Structure model' pdbx_initial_refinement_model 
# 
loop_
_pdbx_audit_revision_item.ordinal 
_pdbx_audit_revision_item.revision_ordinal 
_pdbx_audit_revision_item.data_content_type 
_pdbx_audit_revision_item.item 
1 4 'Structure model' '_database_2.pdbx_DOI'                
2 4 'Structure model' '_database_2.pdbx_database_accession' 
# 
_pdbx_database_status.status_code                     REL 
_pdbx_database_status.entry_id                        1MY5 
_pdbx_database_status.recvd_initial_deposition_date   2002-10-03 
_pdbx_database_status.deposit_site                    RCSB 
_pdbx_database_status.process_site                    RCSB 
_pdbx_database_status.status_code_sf                  ? 
_pdbx_database_status.status_code_mr                  ? 
_pdbx_database_status.SG_entry                        ? 
_pdbx_database_status.pdb_format_compatible           Y 
_pdbx_database_status.status_code_cs                  ? 
_pdbx_database_status.status_code_nmr_data            ? 
_pdbx_database_status.methods_development_category    ? 
# 
loop_
_pdbx_database_related.db_name 
_pdbx_database_related.db_id 
_pdbx_database_related.details 
_pdbx_database_related.content_type 
PDB 1bft 'NF-kappaB p65 subunit dimerization domain homodimer'                 unspecified 
PDB 1my7 'NF-kappaB P65 subunit dimerization domain homodimer, N202R mutation' unspecified 
# 
loop_
_audit_author.name 
_audit_author.pdbx_ordinal 
'Huxford, T.'             1 
'Mishler, D.'             2 
'Phelps, C.B.'            3 
'Huang, D.-B.'            4 
'Sengchanthalangsy, L.L.' 5 
'Reeves, R.'              6 
'Hughes, C.A.'            7 
'Komives, E.A.'           8 
'Ghosh, G.'               9 
# 
_citation.id                        primary 
_citation.title                     
'Solvent exposed non-contacting amino acids play a critical role in NF-kappaB/I kappaB alpha complex formation' 
_citation.journal_abbrev            J.Mol.Biol. 
_citation.journal_volume            324 
_citation.page_first                587 
_citation.page_last                 597 
_citation.year                      2002 
_citation.journal_id_ASTM           JMOBAK 
_citation.country                   UK 
_citation.journal_id_ISSN           0022-2836 
_citation.journal_id_CSD            0070 
_citation.book_publisher            ? 
_citation.pdbx_database_id_PubMed   12460563 
_citation.pdbx_database_id_DOI      '10.1016/S0022-2836(02)01149-X' 
# 
loop_
_citation_author.citation_id 
_citation_author.name 
_citation_author.ordinal 
_citation_author.identifier_ORCID 
primary 'Huxford, T.'             1 ? 
primary 'Mishler, D.'             2 ? 
primary 'Phelps, C.B.'            3 ? 
primary 'Huang, D.-B.'            4 ? 
primary 'Sengchanthalangsy, L.L.' 5 ? 
primary 'Reeves, R.'              6 ? 
primary 'Hughes, C.A.'            7 ? 
primary 'Komives, E.A.'           8 ? 
primary 'Ghosh, G.'               9 ? 
# 
loop_
_entity.id 
_entity.type 
_entity.src_method 
_entity.pdbx_description 
_entity.formula_weight 
_entity.pdbx_number_of_molecules 
_entity.pdbx_ec 
_entity.pdbx_mutation 
_entity.pdbx_fragment 
_entity.details 
1 polymer man 'NF-kappaB p65 (RelA) subunit' 13201.880 2   ? ? 'residues 191-304 (dimerization domain)' ? 
2 water   nat water                          18.015    168 ? ? ?                                        ? 
# 
_entity_poly.entity_id                      1 
_entity_poly.type                           'polypeptide(L)' 
_entity_poly.nstd_linkage                   no 
_entity_poly.nstd_monomer                   no 
_entity_poly.pdbx_seq_one_letter_code       
;TAELKICRVNRNSGSCLGGDEIFLLCDKVQKEDIEVYFTGPGWEARGSFSQADVHRQVAIVFRTPPYADPSLQAPVRVSM
QLRRPSDRELSEPMEFQYLPDTDDRHRIEEKRKR
;
_entity_poly.pdbx_seq_one_letter_code_can   
;TAELKICRVNRNSGSCLGGDEIFLLCDKVQKEDIEVYFTGPGWEARGSFSQADVHRQVAIVFRTPPYADPSLQAPVRVSM
QLRRPSDRELSEPMEFQYLPDTDDRHRIEEKRKR
;
_entity_poly.pdbx_strand_id                 A,B 
_entity_poly.pdbx_target_identifier         ? 
# 
_pdbx_entity_nonpoly.entity_id   2 
_pdbx_entity_nonpoly.name        water 
_pdbx_entity_nonpoly.comp_id     HOH 
# 
loop_
_entity_poly_seq.entity_id 
_entity_poly_seq.num 
_entity_poly_seq.mon_id 
_entity_poly_seq.hetero 
1 1   THR n 
1 2   ALA n 
1 3   GLU n 
1 4   LEU n 
1 5   LYS n 
1 6   ILE n 
1 7   CYS n 
1 8   ARG n 
1 9   VAL n 
1 10  ASN n 
1 11  ARG n 
1 12  ASN n 
1 13  SER n 
1 14  GLY n 
1 15  SER n 
1 16  CYS n 
1 17  LEU n 
1 18  GLY n 
1 19  GLY n 
1 20  ASP n 
1 21  GLU n 
1 22  ILE n 
1 23  PHE n 
1 24  LEU n 
1 25  LEU n 
1 26  CYS n 
1 27  ASP n 
1 28  LYS n 
1 29  VAL n 
1 30  GLN n 
1 31  LYS n 
1 32  GLU n 
1 33  ASP n 
1 34  ILE n 
1 35  GLU n 
1 36  VAL n 
1 37  TYR n 
1 38  PHE n 
1 39  THR n 
1 40  GLY n 
1 41  PRO n 
1 42  GLY n 
1 43  TRP n 
1 44  GLU n 
1 45  ALA n 
1 46  ARG n 
1 47  GLY n 
1 48  SER n 
1 49  PHE n 
1 50  SER n 
1 51  GLN n 
1 52  ALA n 
1 53  ASP n 
1 54  VAL n 
1 55  HIS n 
1 56  ARG n 
1 57  GLN n 
1 58  VAL n 
1 59  ALA n 
1 60  ILE n 
1 61  VAL n 
1 62  PHE n 
1 63  ARG n 
1 64  THR n 
1 65  PRO n 
1 66  PRO n 
1 67  TYR n 
1 68  ALA n 
1 69  ASP n 
1 70  PRO n 
1 71  SER n 
1 72  LEU n 
1 73  GLN n 
1 74  ALA n 
1 75  PRO n 
1 76  VAL n 
1 77  ARG n 
1 78  VAL n 
1 79  SER n 
1 80  MET n 
1 81  GLN n 
1 82  LEU n 
1 83  ARG n 
1 84  ARG n 
1 85  PRO n 
1 86  SER n 
1 87  ASP n 
1 88  ARG n 
1 89  GLU n 
1 90  LEU n 
1 91  SER n 
1 92  GLU n 
1 93  PRO n 
1 94  MET n 
1 95  GLU n 
1 96  PHE n 
1 97  GLN n 
1 98  TYR n 
1 99  LEU n 
1 100 PRO n 
1 101 ASP n 
1 102 THR n 
1 103 ASP n 
1 104 ASP n 
1 105 ARG n 
1 106 HIS n 
1 107 ARG n 
1 108 ILE n 
1 109 GLU n 
1 110 GLU n 
1 111 LYS n 
1 112 ARG n 
1 113 LYS n 
1 114 ARG n 
# 
_entity_src_gen.entity_id                          1 
_entity_src_gen.pdbx_src_id                        1 
_entity_src_gen.pdbx_alt_source_flag               sample 
_entity_src_gen.pdbx_seq_type                      ? 
_entity_src_gen.pdbx_beg_seq_num                   ? 
_entity_src_gen.pdbx_end_seq_num                   ? 
_entity_src_gen.gene_src_common_name               'house mouse' 
_entity_src_gen.gene_src_genus                     Mus 
_entity_src_gen.pdbx_gene_src_gene                 RELA 
_entity_src_gen.gene_src_species                   ? 
_entity_src_gen.gene_src_strain                    ? 
_entity_src_gen.gene_src_tissue                    ? 
_entity_src_gen.gene_src_tissue_fraction           ? 
_entity_src_gen.gene_src_details                   ? 
_entity_src_gen.pdbx_gene_src_fragment             ? 
_entity_src_gen.pdbx_gene_src_scientific_name      'Mus musculus' 
_entity_src_gen.pdbx_gene_src_ncbi_taxonomy_id     10090 
_entity_src_gen.pdbx_gene_src_variant              ? 
_entity_src_gen.pdbx_gene_src_cell_line            ? 
_entity_src_gen.pdbx_gene_src_atcc                 ? 
_entity_src_gen.pdbx_gene_src_organ                ? 
_entity_src_gen.pdbx_gene_src_organelle            ? 
_entity_src_gen.pdbx_gene_src_cell                 ? 
_entity_src_gen.pdbx_gene_src_cellular_location    ? 
_entity_src_gen.host_org_common_name               ? 
_entity_src_gen.pdbx_host_org_scientific_name      'Escherichia coli BL21(DE3)' 
_entity_src_gen.pdbx_host_org_ncbi_taxonomy_id     469008 
_entity_src_gen.host_org_genus                     Escherichia 
_entity_src_gen.pdbx_host_org_gene                 ? 
_entity_src_gen.pdbx_host_org_organ                ? 
_entity_src_gen.host_org_species                   'Escherichia coli' 
_entity_src_gen.pdbx_host_org_tissue               ? 
_entity_src_gen.pdbx_host_org_tissue_fraction      ? 
_entity_src_gen.pdbx_host_org_strain               'BL21(DE3)' 
_entity_src_gen.pdbx_host_org_variant              ? 
_entity_src_gen.pdbx_host_org_cell_line            ? 
_entity_src_gen.pdbx_host_org_atcc                 ? 
_entity_src_gen.pdbx_host_org_culture_collection   ? 
_entity_src_gen.pdbx_host_org_cell                 ? 
_entity_src_gen.pdbx_host_org_organelle            ? 
_entity_src_gen.pdbx_host_org_cellular_location    ? 
_entity_src_gen.pdbx_host_org_vector_type          PLASMID 
_entity_src_gen.pdbx_host_org_vector               ? 
_entity_src_gen.host_org_details                   ? 
_entity_src_gen.expression_system_id               ? 
_entity_src_gen.plasmid_name                       pET11a 
_entity_src_gen.plasmid_details                    ? 
_entity_src_gen.pdbx_description                   ? 
# 
loop_
_chem_comp.id 
_chem_comp.type 
_chem_comp.mon_nstd_flag 
_chem_comp.name 
_chem_comp.pdbx_synonyms 
_chem_comp.formula 
_chem_comp.formula_weight 
ALA 'L-peptide linking' y ALANINE         ? 'C3 H7 N O2'     89.093  
ARG 'L-peptide linking' y ARGININE        ? 'C6 H15 N4 O2 1' 175.209 
ASN 'L-peptide linking' y ASPARAGINE      ? 'C4 H8 N2 O3'    132.118 
ASP 'L-peptide linking' y 'ASPARTIC ACID' ? 'C4 H7 N O4'     133.103 
CYS 'L-peptide linking' y CYSTEINE        ? 'C3 H7 N O2 S'   121.158 
GLN 'L-peptide linking' y GLUTAMINE       ? 'C5 H10 N2 O3'   146.144 
GLU 'L-peptide linking' y 'GLUTAMIC ACID' ? 'C5 H9 N O4'     147.129 
GLY 'peptide linking'   y GLYCINE         ? 'C2 H5 N O2'     75.067  
HIS 'L-peptide linking' y HISTIDINE       ? 'C6 H10 N3 O2 1' 156.162 
HOH non-polymer         . WATER           ? 'H2 O'           18.015  
ILE 'L-peptide linking' y ISOLEUCINE      ? 'C6 H13 N O2'    131.173 
LEU 'L-peptide linking' y LEUCINE         ? 'C6 H13 N O2'    131.173 
LYS 'L-peptide linking' y LYSINE          ? 'C6 H15 N2 O2 1' 147.195 
MET 'L-peptide linking' y METHIONINE      ? 'C5 H11 N O2 S'  149.211 
PHE 'L-peptide linking' y PHENYLALANINE   ? 'C9 H11 N O2'    165.189 
PRO 'L-peptide linking' y PROLINE         ? 'C5 H9 N O2'     115.130 
SER 'L-peptide linking' y SERINE          ? 'C3 H7 N O3'     105.093 
THR 'L-peptide linking' y THREONINE       ? 'C4 H9 N O3'     119.119 
TRP 'L-peptide linking' y TRYPTOPHAN      ? 'C11 H12 N2 O2'  204.225 
TYR 'L-peptide linking' y TYROSINE        ? 'C9 H11 N O3'    181.189 
VAL 'L-peptide linking' y VALINE          ? 'C5 H11 N O2'    117.146 
# 
loop_
_pdbx_poly_seq_scheme.asym_id 
_pdbx_poly_seq_scheme.entity_id 
_pdbx_poly_seq_scheme.seq_id 
_pdbx_poly_seq_scheme.mon_id 
_pdbx_poly_seq_scheme.ndb_seq_num 
_pdbx_poly_seq_scheme.pdb_seq_num 
_pdbx_poly_seq_scheme.auth_seq_num 
_pdbx_poly_seq_scheme.pdb_mon_id 
_pdbx_poly_seq_scheme.auth_mon_id 
_pdbx_poly_seq_scheme.pdb_strand_id 
_pdbx_poly_seq_scheme.pdb_ins_code 
_pdbx_poly_seq_scheme.hetero 
A 1 1   THR 1   191 191 THR THR A . n 
A 1 2   ALA 2   192 192 ALA ALA A . n 
A 1 3   GLU 3   193 193 GLU GLU A . n 
A 1 4   LEU 4   194 194 LEU LEU A . n 
A 1 5   LYS 5   195 195 LYS LYS A . n 
A 1 6   ILE 6   196 196 ILE ILE A . n 
A 1 7   CYS 7   197 197 CYS CYS A . n 
A 1 8   ARG 8   198 198 ARG ARG A . n 
A 1 9   VAL 9   199 199 VAL VAL A . n 
A 1 10  ASN 10  200 200 ASN ASN A . n 
A 1 11  ARG 11  201 201 ARG ARG A . n 
A 1 12  ASN 12  202 202 ASN ASN A . n 
A 1 13  SER 13  203 203 SER SER A . n 
A 1 14  GLY 14  204 204 GLY GLY A . n 
A 1 15  SER 15  205 205 SER SER A . n 
A 1 16  CYS 16  206 206 CYS CYS A . n 
A 1 17  LEU 17  207 207 LEU LEU A . n 
A 1 18  GLY 18  208 208 GLY GLY A . n 
A 1 19  GLY 19  209 209 GLY GLY A . n 
A 1 20  ASP 20  210 210 ASP ASP A . n 
A 1 21  GLU 21  211 211 GLU GLU A . n 
A 1 22  ILE 22  212 212 ILE ILE A . n 
A 1 23  PHE 23  213 213 PHE PHE A . n 
A 1 24  LEU 24  214 214 LEU LEU A . n 
A 1 25  LEU 25  215 215 LEU LEU A . n 
A 1 26  CYS 26  216 216 CYS CYS A . n 
A 1 27  ASP 27  217 217 ASP ASP A . n 
A 1 28  LYS 28  218 218 LYS LYS A . n 
A 1 29  VAL 29  219 219 VAL VAL A . n 
A 1 30  GLN 30  220 220 GLN GLN A . n 
A 1 31  LYS 31  221 221 LYS LYS A . n 
A 1 32  GLU 32  222 222 GLU GLU A . n 
A 1 33  ASP 33  223 223 ASP ASP A . n 
A 1 34  ILE 34  224 224 ILE ILE A . n 
A 1 35  GLU 35  225 225 GLU GLU A . n 
A 1 36  VAL 36  226 226 VAL VAL A . n 
A 1 37  TYR 37  227 227 TYR TYR A . n 
A 1 38  PHE 38  228 228 PHE PHE A . n 
A 1 39  THR 39  229 229 THR THR A . n 
A 1 40  GLY 40  230 230 GLY GLY A . n 
A 1 41  PRO 41  231 231 PRO PRO A . n 
A 1 42  GLY 42  232 232 GLY GLY A . n 
A 1 43  TRP 43  233 233 TRP TRP A . n 
A 1 44  GLU 44  234 234 GLU GLU A . n 
A 1 45  ALA 45  235 235 ALA ALA A . n 
A 1 46  ARG 46  236 236 ARG ARG A . n 
A 1 47  GLY 47  237 237 GLY GLY A . n 
A 1 48  SER 48  238 238 SER SER A . n 
A 1 49  PHE 49  239 239 PHE PHE A . n 
A 1 50  SER 50  240 240 SER SER A . n 
A 1 51  GLN 51  241 241 GLN GLN A . n 
A 1 52  ALA 52  242 242 ALA ALA A . n 
A 1 53  ASP 53  243 243 ASP ASP A . n 
A 1 54  VAL 54  244 244 VAL VAL A . n 
A 1 55  HIS 55  245 245 HIS HIS A . n 
A 1 56  ARG 56  246 246 ARG ARG A . n 
A 1 57  GLN 57  247 247 GLN GLN A . n 
A 1 58  VAL 58  248 248 VAL VAL A . n 
A 1 59  ALA 59  249 249 ALA ALA A . n 
A 1 60  ILE 60  250 250 ILE ILE A . n 
A 1 61  VAL 61  251 251 VAL VAL A . n 
A 1 62  PHE 62  252 252 PHE PHE A . n 
A 1 63  ARG 63  253 253 ARG ARG A . n 
A 1 64  THR 64  254 254 THR THR A . n 
A 1 65  PRO 65  255 255 PRO PRO A . n 
A 1 66  PRO 66  256 256 PRO PRO A . n 
A 1 67  TYR 67  257 257 TYR TYR A . n 
A 1 68  ALA 68  258 258 ALA ALA A . n 
A 1 69  ASP 69  259 259 ASP ASP A . n 
A 1 70  PRO 70  260 260 PRO PRO A . n 
A 1 71  SER 71  261 261 SER SER A . n 
A 1 72  LEU 72  262 262 LEU LEU A . n 
A 1 73  GLN 73  263 263 GLN GLN A . n 
A 1 74  ALA 74  264 264 ALA ALA A . n 
A 1 75  PRO 75  265 265 PRO PRO A . n 
A 1 76  VAL 76  266 266 VAL VAL A . n 
A 1 77  ARG 77  267 267 ARG ARG A . n 
A 1 78  VAL 78  268 268 VAL VAL A . n 
A 1 79  SER 79  269 269 SER SER A . n 
A 1 80  MET 80  270 270 MET MET A . n 
A 1 81  GLN 81  271 271 GLN GLN A . n 
A 1 82  LEU 82  272 272 LEU LEU A . n 
A 1 83  ARG 83  273 273 ARG ARG A . n 
A 1 84  ARG 84  274 274 ARG ARG A . n 
A 1 85  PRO 85  275 275 PRO PRO A . n 
A 1 86  SER 86  276 276 SER SER A . n 
A 1 87  ASP 87  277 277 ASP ASP A . n 
A 1 88  ARG 88  278 278 ARG ARG A . n 
A 1 89  GLU 89  279 279 GLU GLU A . n 
A 1 90  LEU 90  280 280 LEU LEU A . n 
A 1 91  SER 91  281 281 SER SER A . n 
A 1 92  GLU 92  282 282 GLU GLU A . n 
A 1 93  PRO 93  283 283 PRO PRO A . n 
A 1 94  MET 94  284 284 MET MET A . n 
A 1 95  GLU 95  285 285 GLU GLU A . n 
A 1 96  PHE 96  286 286 PHE PHE A . n 
A 1 97  GLN 97  287 287 GLN GLN A . n 
A 1 98  TYR 98  288 288 TYR TYR A . n 
A 1 99  LEU 99  289 289 LEU LEU A . n 
A 1 100 PRO 100 290 290 PRO PRO A . n 
A 1 101 ASP 101 291 291 ASP ASP A . n 
A 1 102 THR 102 292 292 THR THR A . n 
A 1 103 ASP 103 293 293 ASP ASP A . n 
A 1 104 ASP 104 294 294 ASP ALA A . n 
A 1 105 ARG 105 295 295 ARG ARG A . n 
A 1 106 HIS 106 296 296 HIS HIS A . n 
A 1 107 ARG 107 297 297 ARG ARG A . n 
A 1 108 ILE 108 298 ?   ?   ?   A . n 
A 1 109 GLU 109 299 ?   ?   ?   A . n 
A 1 110 GLU 110 300 ?   ?   ?   A . n 
A 1 111 LYS 111 301 ?   ?   ?   A . n 
A 1 112 ARG 112 302 ?   ?   ?   A . n 
A 1 113 LYS 113 303 ?   ?   ?   A . n 
A 1 114 ARG 114 304 ?   ?   ?   A . n 
B 1 1   THR 1   191 191 THR THR B . n 
B 1 2   ALA 2   192 192 ALA ALA B . n 
B 1 3   GLU 3   193 193 GLU GLU B . n 
B 1 4   LEU 4   194 194 LEU LEU B . n 
B 1 5   LYS 5   195 195 LYS LYS B . n 
B 1 6   ILE 6   196 196 ILE ILE B . n 
B 1 7   CYS 7   197 197 CYS CYS B . n 
B 1 8   ARG 8   198 198 ARG ARG B . n 
B 1 9   VAL 9   199 199 VAL VAL B . n 
B 1 10  ASN 10  200 200 ASN ASN B . n 
B 1 11  ARG 11  201 201 ARG ARG B . n 
B 1 12  ASN 12  202 202 ASN ASN B . n 
B 1 13  SER 13  203 203 SER SER B . n 
B 1 14  GLY 14  204 204 GLY GLY B . n 
B 1 15  SER 15  205 205 SER SER B . n 
B 1 16  CYS 16  206 206 CYS CYS B . n 
B 1 17  LEU 17  207 207 LEU LEU B . n 
B 1 18  GLY 18  208 208 GLY GLY B . n 
B 1 19  GLY 19  209 209 GLY GLY B . n 
B 1 20  ASP 20  210 210 ASP ASP B . n 
B 1 21  GLU 21  211 211 GLU GLU B . n 
B 1 22  ILE 22  212 212 ILE ILE B . n 
B 1 23  PHE 23  213 213 PHE PHE B . n 
B 1 24  LEU 24  214 214 LEU LEU B . n 
B 1 25  LEU 25  215 215 LEU LEU B . n 
B 1 26  CYS 26  216 216 CYS CYS B . n 
B 1 27  ASP 27  217 217 ASP ASP B . n 
B 1 28  LYS 28  218 218 LYS LYS B . n 
B 1 29  VAL 29  219 219 VAL VAL B . n 
B 1 30  GLN 30  220 220 GLN GLN B . n 
B 1 31  LYS 31  221 221 LYS LYS B . n 
B 1 32  GLU 32  222 222 GLU GLU B . n 
B 1 33  ASP 33  223 223 ASP ASP B . n 
B 1 34  ILE 34  224 224 ILE ILE B . n 
B 1 35  GLU 35  225 225 GLU GLU B . n 
B 1 36  VAL 36  226 226 VAL VAL B . n 
B 1 37  TYR 37  227 227 TYR TYR B . n 
B 1 38  PHE 38  228 228 PHE PHE B . n 
B 1 39  THR 39  229 229 THR THR B . n 
B 1 40  GLY 40  230 230 GLY GLY B . n 
B 1 41  PRO 41  231 231 PRO PRO B . n 
B 1 42  GLY 42  232 232 GLY GLY B . n 
B 1 43  TRP 43  233 233 TRP TRP B . n 
B 1 44  GLU 44  234 234 GLU GLU B . n 
B 1 45  ALA 45  235 235 ALA ALA B . n 
B 1 46  ARG 46  236 236 ARG ARG B . n 
B 1 47  GLY 47  237 237 GLY GLY B . n 
B 1 48  SER 48  238 238 SER SER B . n 
B 1 49  PHE 49  239 239 PHE PHE B . n 
B 1 50  SER 50  240 240 SER SER B . n 
B 1 51  GLN 51  241 241 GLN GLN B . n 
B 1 52  ALA 52  242 242 ALA ALA B . n 
B 1 53  ASP 53  243 243 ASP ASP B . n 
B 1 54  VAL 54  244 244 VAL VAL B . n 
B 1 55  HIS 55  245 245 HIS HIS B . n 
B 1 56  ARG 56  246 246 ARG ARG B . n 
B 1 57  GLN 57  247 247 GLN GLN B . n 
B 1 58  VAL 58  248 248 VAL VAL B . n 
B 1 59  ALA 59  249 249 ALA ALA B . n 
B 1 60  ILE 60  250 250 ILE ILE B . n 
B 1 61  VAL 61  251 251 VAL VAL B . n 
B 1 62  PHE 62  252 252 PHE PHE B . n 
B 1 63  ARG 63  253 253 ARG ARG B . n 
B 1 64  THR 64  254 254 THR THR B . n 
B 1 65  PRO 65  255 255 PRO PRO B . n 
B 1 66  PRO 66  256 256 PRO PRO B . n 
B 1 67  TYR 67  257 257 TYR TYR B . n 
B 1 68  ALA 68  258 258 ALA ALA B . n 
B 1 69  ASP 69  259 259 ASP ASP B . n 
B 1 70  PRO 70  260 260 PRO PRO B . n 
B 1 71  SER 71  261 261 SER SER B . n 
B 1 72  LEU 72  262 262 LEU LEU B . n 
B 1 73  GLN 73  263 263 GLN GLN B . n 
B 1 74  ALA 74  264 264 ALA ALA B . n 
B 1 75  PRO 75  265 265 PRO PRO B . n 
B 1 76  VAL 76  266 266 VAL VAL B . n 
B 1 77  ARG 77  267 267 ARG ARG B . n 
B 1 78  VAL 78  268 268 VAL VAL B . n 
B 1 79  SER 79  269 269 SER SER B . n 
B 1 80  MET 80  270 270 MET MET B . n 
B 1 81  GLN 81  271 271 GLN GLN B . n 
B 1 82  LEU 82  272 272 LEU LEU B . n 
B 1 83  ARG 83  273 273 ARG ARG B . n 
B 1 84  ARG 84  274 274 ARG ARG B . n 
B 1 85  PRO 85  275 275 PRO PRO B . n 
B 1 86  SER 86  276 276 SER SER B . n 
B 1 87  ASP 87  277 277 ASP ASP B . n 
B 1 88  ARG 88  278 278 ARG ARG B . n 
B 1 89  GLU 89  279 279 GLU GLU B . n 
B 1 90  LEU 90  280 280 LEU LEU B . n 
B 1 91  SER 91  281 281 SER SER B . n 
B 1 92  GLU 92  282 282 GLU GLU B . n 
B 1 93  PRO 93  283 283 PRO PRO B . n 
B 1 94  MET 94  284 284 MET MET B . n 
B 1 95  GLU 95  285 285 GLU GLU B . n 
B 1 96  PHE 96  286 286 PHE PHE B . n 
B 1 97  GLN 97  287 287 GLN GLN B . n 
B 1 98  TYR 98  288 288 TYR TYR B . n 
B 1 99  LEU 99  289 289 LEU LEU B . n 
B 1 100 PRO 100 290 290 PRO PRO B . n 
B 1 101 ASP 101 291 291 ASP ASP B . n 
B 1 102 THR 102 292 ?   ?   ?   B . n 
B 1 103 ASP 103 293 ?   ?   ?   B . n 
B 1 104 ASP 104 294 ?   ?   ?   B . n 
B 1 105 ARG 105 295 ?   ?   ?   B . n 
B 1 106 HIS 106 296 ?   ?   ?   B . n 
B 1 107 ARG 107 297 ?   ?   ?   B . n 
B 1 108 ILE 108 298 ?   ?   ?   B . n 
B 1 109 GLU 109 299 ?   ?   ?   B . n 
B 1 110 GLU 110 300 ?   ?   ?   B . n 
B 1 111 LYS 111 301 ?   ?   ?   B . n 
B 1 112 ARG 112 302 ?   ?   ?   B . n 
B 1 113 LYS 113 303 ?   ?   ?   B . n 
B 1 114 ARG 114 304 ?   ?   ?   B . n 
# 
loop_
_pdbx_nonpoly_scheme.asym_id 
_pdbx_nonpoly_scheme.entity_id 
_pdbx_nonpoly_scheme.mon_id 
_pdbx_nonpoly_scheme.ndb_seq_num 
_pdbx_nonpoly_scheme.pdb_seq_num 
_pdbx_nonpoly_scheme.auth_seq_num 
_pdbx_nonpoly_scheme.pdb_mon_id 
_pdbx_nonpoly_scheme.auth_mon_id 
_pdbx_nonpoly_scheme.pdb_strand_id 
_pdbx_nonpoly_scheme.pdb_ins_code 
C 2 HOH 1  600 600 HOH TIP A . 
C 2 HOH 2  601 601 HOH TIP A . 
C 2 HOH 3  607 607 HOH TIP A . 
C 2 HOH 4  608 608 HOH TIP A . 
C 2 HOH 5  610 610 HOH TIP A . 
C 2 HOH 6  612 612 HOH TIP A . 
C 2 HOH 7  613 613 HOH TIP A . 
C 2 HOH 8  614 614 HOH TIP A . 
C 2 HOH 9  615 615 HOH TIP A . 
C 2 HOH 10 616 616 HOH TIP A . 
C 2 HOH 11 617 617 HOH TIP A . 
C 2 HOH 12 618 618 HOH TIP A . 
C 2 HOH 13 621 621 HOH TIP A . 
C 2 HOH 14 623 623 HOH TIP A . 
C 2 HOH 15 626 626 HOH TIP A . 
C 2 HOH 16 630 630 HOH TIP A . 
C 2 HOH 17 631 631 HOH TIP A . 
C 2 HOH 18 637 637 HOH TIP A . 
C 2 HOH 19 639 639 HOH TIP A . 
C 2 HOH 20 640 640 HOH TIP A . 
C 2 HOH 21 641 641 HOH TIP A . 
C 2 HOH 22 643 643 HOH TIP A . 
C 2 HOH 23 646 646 HOH TIP A . 
C 2 HOH 24 648 648 HOH TIP A . 
C 2 HOH 25 650 650 HOH TIP A . 
C 2 HOH 26 652 652 HOH TIP A . 
C 2 HOH 27 653 653 HOH TIP A . 
C 2 HOH 28 656 656 HOH TIP A . 
C 2 HOH 29 657 657 HOH TIP A . 
C 2 HOH 30 659 659 HOH TIP A . 
C 2 HOH 31 661 661 HOH TIP A . 
C 2 HOH 32 662 662 HOH TIP A . 
C 2 HOH 33 663 663 HOH TIP A . 
C 2 HOH 34 664 664 HOH TIP A . 
C 2 HOH 35 666 666 HOH TIP A . 
C 2 HOH 36 667 667 HOH TIP A . 
C 2 HOH 37 669 669 HOH TIP A . 
C 2 HOH 38 670 670 HOH TIP A . 
C 2 HOH 39 673 673 HOH TIP A . 
C 2 HOH 40 676 676 HOH TIP A . 
C 2 HOH 41 677 677 HOH TIP A . 
C 2 HOH 42 678 678 HOH TIP A . 
C 2 HOH 43 680 680 HOH TIP A . 
C 2 HOH 44 682 682 HOH TIP A . 
C 2 HOH 45 684 684 HOH TIP A . 
C 2 HOH 46 686 686 HOH TIP A . 
C 2 HOH 47 691 691 HOH TIP A . 
C 2 HOH 48 694 694 HOH TIP A . 
C 2 HOH 49 695 695 HOH TIP A . 
C 2 HOH 50 696 696 HOH TIP A . 
C 2 HOH 51 697 697 HOH TIP A . 
C 2 HOH 52 701 701 HOH TIP A . 
C 2 HOH 53 702 702 HOH TIP A . 
C 2 HOH 54 703 703 HOH TIP A . 
C 2 HOH 55 704 704 HOH TIP A . 
C 2 HOH 56 707 707 HOH TIP A . 
C 2 HOH 57 708 708 HOH TIP A . 
C 2 HOH 58 709 709 HOH TIP A . 
C 2 HOH 59 711 711 HOH TIP A . 
C 2 HOH 60 713 713 HOH TIP A . 
C 2 HOH 61 714 714 HOH TIP A . 
C 2 HOH 62 716 716 HOH TIP A . 
C 2 HOH 63 718 718 HOH TIP A . 
C 2 HOH 64 719 719 HOH TIP A . 
C 2 HOH 65 722 722 HOH TIP A . 
C 2 HOH 66 723 723 HOH TIP A . 
C 2 HOH 67 725 725 HOH TIP A . 
C 2 HOH 68 728 728 HOH TIP A . 
C 2 HOH 69 732 732 HOH TIP A . 
C 2 HOH 70 733 733 HOH TIP A . 
C 2 HOH 71 735 735 HOH TIP A . 
C 2 HOH 72 737 737 HOH TIP A . 
C 2 HOH 73 739 739 HOH TIP A . 
C 2 HOH 74 742 742 HOH TIP A . 
C 2 HOH 75 744 744 HOH TIP A . 
C 2 HOH 76 747 747 HOH TIP A . 
C 2 HOH 77 748 748 HOH TIP A . 
C 2 HOH 78 750 750 HOH TIP A . 
C 2 HOH 79 752 752 HOH TIP A . 
C 2 HOH 80 753 753 HOH TIP A . 
C 2 HOH 81 755 755 HOH TIP A . 
C 2 HOH 82 760 760 HOH TIP A . 
C 2 HOH 83 761 761 HOH TIP A . 
C 2 HOH 84 762 762 HOH TIP A . 
C 2 HOH 85 763 763 HOH TIP A . 
C 2 HOH 86 765 765 HOH TIP A . 
C 2 HOH 87 767 767 HOH TIP A . 
C 2 HOH 88 768 768 HOH TIP A . 
C 2 HOH 89 769 769 HOH TIP A . 
C 2 HOH 90 772 772 HOH TIP A . 
D 2 HOH 1  602 602 HOH TIP B . 
D 2 HOH 2  603 603 HOH TIP B . 
D 2 HOH 3  604 604 HOH TIP B . 
D 2 HOH 4  605 605 HOH TIP B . 
D 2 HOH 5  606 606 HOH TIP B . 
D 2 HOH 6  609 609 HOH TIP B . 
D 2 HOH 7  611 611 HOH TIP B . 
D 2 HOH 8  619 619 HOH TIP B . 
D 2 HOH 9  620 620 HOH TIP B . 
D 2 HOH 10 622 622 HOH TIP B . 
D 2 HOH 11 624 624 HOH TIP B . 
D 2 HOH 12 625 625 HOH TIP B . 
D 2 HOH 13 627 627 HOH TIP B . 
D 2 HOH 14 628 628 HOH TIP B . 
D 2 HOH 15 629 629 HOH TIP B . 
D 2 HOH 16 632 632 HOH TIP B . 
D 2 HOH 17 633 633 HOH TIP B . 
D 2 HOH 18 634 634 HOH TIP B . 
D 2 HOH 19 635 635 HOH TIP B . 
D 2 HOH 20 636 636 HOH TIP B . 
D 2 HOH 21 638 638 HOH TIP B . 
D 2 HOH 22 644 644 HOH TIP B . 
D 2 HOH 23 645 645 HOH TIP B . 
D 2 HOH 24 647 647 HOH TIP B . 
D 2 HOH 25 649 649 HOH TIP B . 
D 2 HOH 26 651 651 HOH TIP B . 
D 2 HOH 27 654 654 HOH TIP B . 
D 2 HOH 28 655 655 HOH TIP B . 
D 2 HOH 29 658 658 HOH TIP B . 
D 2 HOH 30 660 660 HOH TIP B . 
D 2 HOH 31 665 665 HOH TIP B . 
D 2 HOH 32 668 668 HOH TIP B . 
D 2 HOH 33 671 671 HOH TIP B . 
D 2 HOH 34 672 672 HOH TIP B . 
D 2 HOH 35 674 674 HOH TIP B . 
D 2 HOH 36 675 675 HOH TIP B . 
D 2 HOH 37 679 679 HOH TIP B . 
D 2 HOH 38 681 681 HOH TIP B . 
D 2 HOH 39 683 683 HOH TIP B . 
D 2 HOH 40 685 685 HOH TIP B . 
D 2 HOH 41 687 687 HOH TIP B . 
D 2 HOH 42 688 688 HOH TIP B . 
D 2 HOH 43 689 689 HOH TIP B . 
D 2 HOH 44 690 690 HOH TIP B . 
D 2 HOH 45 692 692 HOH TIP B . 
D 2 HOH 46 693 693 HOH TIP B . 
D 2 HOH 47 698 698 HOH TIP B . 
D 2 HOH 48 699 699 HOH TIP B . 
D 2 HOH 49 700 700 HOH TIP B . 
D 2 HOH 50 705 705 HOH TIP B . 
D 2 HOH 51 706 706 HOH TIP B . 
D 2 HOH 52 710 710 HOH TIP B . 
D 2 HOH 53 712 712 HOH TIP B . 
D 2 HOH 54 715 715 HOH TIP B . 
D 2 HOH 55 717 717 HOH TIP B . 
D 2 HOH 56 720 720 HOH TIP B . 
D 2 HOH 57 721 721 HOH TIP B . 
D 2 HOH 58 724 724 HOH TIP B . 
D 2 HOH 59 726 726 HOH TIP B . 
D 2 HOH 60 727 727 HOH TIP B . 
D 2 HOH 61 729 729 HOH TIP B . 
D 2 HOH 62 730 730 HOH TIP B . 
D 2 HOH 63 731 731 HOH TIP B . 
D 2 HOH 64 734 734 HOH TIP B . 
D 2 HOH 65 736 736 HOH TIP B . 
D 2 HOH 66 738 738 HOH TIP B . 
D 2 HOH 67 741 741 HOH TIP B . 
D 2 HOH 68 743 743 HOH TIP B . 
D 2 HOH 69 745 745 HOH TIP B . 
D 2 HOH 70 751 751 HOH TIP B . 
D 2 HOH 71 754 754 HOH TIP B . 
D 2 HOH 72 756 756 HOH TIP B . 
D 2 HOH 73 757 757 HOH TIP B . 
D 2 HOH 74 758 758 HOH TIP B . 
D 2 HOH 75 759 759 HOH TIP B . 
D 2 HOH 76 764 764 HOH TIP B . 
D 2 HOH 77 770 770 HOH TIP B . 
D 2 HOH 78 771 771 HOH TIP B . 
# 
loop_
_pdbx_unobs_or_zero_occ_atoms.id 
_pdbx_unobs_or_zero_occ_atoms.PDB_model_num 
_pdbx_unobs_or_zero_occ_atoms.polymer_flag 
_pdbx_unobs_or_zero_occ_atoms.occupancy_flag 
_pdbx_unobs_or_zero_occ_atoms.auth_asym_id 
_pdbx_unobs_or_zero_occ_atoms.auth_comp_id 
_pdbx_unobs_or_zero_occ_atoms.auth_seq_id 
_pdbx_unobs_or_zero_occ_atoms.PDB_ins_code 
_pdbx_unobs_or_zero_occ_atoms.auth_atom_id 
_pdbx_unobs_or_zero_occ_atoms.label_alt_id 
_pdbx_unobs_or_zero_occ_atoms.label_asym_id 
_pdbx_unobs_or_zero_occ_atoms.label_comp_id 
_pdbx_unobs_or_zero_occ_atoms.label_seq_id 
_pdbx_unobs_or_zero_occ_atoms.label_atom_id 
1 1 Y 1 A ASP 294 ? CG  ? A ASP 104 CG  
2 1 Y 1 A ASP 294 ? OD1 ? A ASP 104 OD1 
3 1 Y 1 A ASP 294 ? OD2 ? A ASP 104 OD2 
# 
loop_
_software.name 
_software.classification 
_software.version 
_software.citation_id 
_software.pdbx_ordinal 
DENZO     'data reduction' . ? 1 
SCALEPACK 'data scaling'   . ? 2 
AMoRE     phasing          . ? 3 
CNS       refinement       . ? 4 
# 
_cell.entry_id           1MY5 
_cell.length_a           56.348 
_cell.length_b           74.732 
_cell.length_c           109.147 
_cell.angle_alpha        90.00 
_cell.angle_beta         90.00 
_cell.angle_gamma        90.00 
_cell.Z_PDB              16 
_cell.pdbx_unique_axis   ? 
# 
_symmetry.entry_id                         1MY5 
_symmetry.space_group_name_H-M             'C 2 2 21' 
_symmetry.pdbx_full_space_group_name_H-M   ? 
_symmetry.cell_setting                     ? 
_symmetry.Int_Tables_number                20 
_symmetry.space_group_name_Hall            ? 
# 
_exptl.entry_id          1MY5 
_exptl.method            'X-RAY DIFFRACTION' 
_exptl.crystals_number   1 
# 
_exptl_crystal.id                    1 
_exptl_crystal.density_meas          ? 
_exptl_crystal.density_Matthews      2.18 
_exptl_crystal.density_percent_sol   43.47 
_exptl_crystal.description           ? 
_exptl_crystal.F_000                 ? 
_exptl_crystal.preparation           ? 
# 
_exptl_crystal_grow.crystal_id      1 
_exptl_crystal_grow.method          'VAPOR DIFFUSION, HANGING DROP' 
_exptl_crystal_grow.temp            291 
_exptl_crystal_grow.temp_details    ? 
_exptl_crystal_grow.pH              7.5 
_exptl_crystal_grow.pdbx_details    
'0.1M sodium HEPES, 0.2M sodium tartrate, 2M ammonium sulfate, pH 7.5, VAPOR DIFFUSION, HANGING DROP, temperature 291K' 
_exptl_crystal_grow.pdbx_pH_range   . 
# 
_diffrn.id                     1 
_diffrn.ambient_temp           110 
_diffrn.ambient_temp_details   ? 
_diffrn.crystal_id             1 
# 
_diffrn_detector.diffrn_id              1 
_diffrn_detector.detector               'IMAGE PLATE' 
_diffrn_detector.type                   MARRESEARCH 
_diffrn_detector.pdbx_collection_date   2001-10-22 
_diffrn_detector.details                'Osmic optics' 
# 
_diffrn_radiation.diffrn_id                        1 
_diffrn_radiation.wavelength_id                    1 
_diffrn_radiation.pdbx_monochromatic_or_laue_m_l   M 
_diffrn_radiation.monochromator                    ? 
_diffrn_radiation.pdbx_diffrn_protocol             'SINGLE WAVELENGTH' 
_diffrn_radiation.pdbx_scattering_type             x-ray 
# 
_diffrn_radiation_wavelength.id           1 
_diffrn_radiation_wavelength.wavelength   1.5418 
_diffrn_radiation_wavelength.wt           1.0 
# 
_diffrn_source.diffrn_id                   1 
_diffrn_source.source                      'ROTATING ANODE' 
_diffrn_source.type                        RIGAKU 
_diffrn_source.pdbx_synchrotron_site       ? 
_diffrn_source.pdbx_synchrotron_beamline   ? 
_diffrn_source.pdbx_wavelength             ? 
_diffrn_source.pdbx_wavelength_list        1.5418 
# 
_reflns.entry_id                     1MY5 
_reflns.observed_criterion_sigma_F   3.0 
_reflns.observed_criterion_sigma_I   3.0 
_reflns.d_resolution_high            1.80 
_reflns.d_resolution_low             30.0 
_reflns.number_all                   21911 
_reflns.number_obs                   20531 
_reflns.percent_possible_obs         93.7 
_reflns.pdbx_Rmerge_I_obs            ? 
_reflns.pdbx_Rsym_value              0.053 
_reflns.pdbx_netI_over_sigmaI        21.9 
_reflns.B_iso_Wilson_estimate        ? 
_reflns.pdbx_redundancy              5.6 
_reflns.R_free_details               ? 
_reflns.limit_h_max                  ? 
_reflns.limit_h_min                  ? 
_reflns.limit_k_max                  ? 
_reflns.limit_k_min                  ? 
_reflns.limit_l_max                  ? 
_reflns.limit_l_min                  ? 
_reflns.observed_criterion_F_max     ? 
_reflns.observed_criterion_F_min     ? 
_reflns.pdbx_chi_squared             ? 
_reflns.pdbx_scaling_rejects         ? 
_reflns.pdbx_diffrn_id               1 
_reflns.pdbx_ordinal                 1 
# 
_reflns_shell.d_res_high             1.80 
_reflns_shell.d_res_low              1.86 
_reflns_shell.percent_possible_all   58 
_reflns_shell.Rmerge_I_obs           0.296 
_reflns_shell.pdbx_Rsym_value        ? 
_reflns_shell.meanI_over_sigI_obs    3.0 
_reflns_shell.pdbx_redundancy        ? 
_reflns_shell.percent_possible_obs   ? 
_reflns_shell.number_unique_all      ? 
_reflns_shell.number_measured_all    ? 
_reflns_shell.number_measured_obs    ? 
_reflns_shell.number_unique_obs      ? 
_reflns_shell.pdbx_chi_squared       ? 
_reflns_shell.pdbx_diffrn_id         ? 
_reflns_shell.pdbx_ordinal           1 
# 
_refine.entry_id                                 1MY5 
_refine.ls_d_res_high                            1.80 
_refine.ls_d_res_low                             30.0 
_refine.pdbx_ls_sigma_F                          2.0 
_refine.pdbx_ls_sigma_I                          ? 
_refine.ls_number_reflns_all                     21716 
_refine.ls_number_reflns_obs                     18714 
_refine.ls_number_reflns_R_free                  898 
_refine.ls_percent_reflns_obs                    86.2 
_refine.ls_R_factor_all                          0.221 
_refine.ls_R_factor_obs                          0.221 
_refine.ls_R_factor_R_work                       0.2 
_refine.ls_R_factor_R_free                       0.221 
_refine.ls_redundancy_reflns_obs                 ? 
_refine.pdbx_data_cutoff_high_absF               ? 
_refine.pdbx_data_cutoff_low_absF                ? 
_refine.ls_number_parameters                     ? 
_refine.ls_number_restraints                     ? 
_refine.ls_percent_reflns_R_free                 ? 
_refine.ls_R_factor_R_free_error                 ? 
_refine.ls_R_factor_R_free_error_details         ? 
_refine.pdbx_method_to_determine_struct          'MOLECULAR REPLACEMENT' 
_refine.pdbx_starting_model                      'pdb id 1bft' 
_refine.pdbx_ls_cross_valid_method               ? 
_refine.pdbx_R_Free_selection_details            RANDOM 
_refine.pdbx_stereochem_target_val_spec_case     ? 
_refine.pdbx_stereochemistry_target_values       'Engh & Huber' 
_refine.solvent_model_details                    ? 
_refine.solvent_model_param_bsol                 ? 
_refine.solvent_model_param_ksol                 ? 
_refine.occupancy_max                            ? 
_refine.occupancy_min                            ? 
_refine.pdbx_isotropic_thermal_model             ? 
_refine.B_iso_mean                               ? 
_refine.aniso_B[1][1]                            ? 
_refine.aniso_B[1][2]                            ? 
_refine.aniso_B[1][3]                            ? 
_refine.aniso_B[2][2]                            ? 
_refine.aniso_B[2][3]                            ? 
_refine.aniso_B[3][3]                            ? 
_refine.details                                  ? 
_refine.B_iso_min                                ? 
_refine.B_iso_max                                ? 
_refine.correlation_coeff_Fo_to_Fc               ? 
_refine.correlation_coeff_Fo_to_Fc_free          ? 
_refine.pdbx_solvent_vdw_probe_radii             ? 
_refine.pdbx_solvent_ion_probe_radii             ? 
_refine.pdbx_solvent_shrinkage_radii             ? 
_refine.overall_SU_R_Cruickshank_DPI             ? 
_refine.overall_SU_R_free                        ? 
_refine.overall_SU_B                             ? 
_refine.overall_SU_ML                            ? 
_refine.pdbx_overall_ESU_R                       ? 
_refine.pdbx_overall_ESU_R_Free                  ? 
_refine.pdbx_data_cutoff_high_rms_absF           ? 
_refine.ls_wR_factor_R_free                      ? 
_refine.ls_wR_factor_R_work                      ? 
_refine.overall_FOM_free_R_set                   ? 
_refine.overall_FOM_work_R_set                   ? 
_refine.pdbx_refine_id                           'X-RAY DIFFRACTION' 
_refine.pdbx_diffrn_id                           1 
_refine.pdbx_TLS_residual_ADP_flag               ? 
_refine.pdbx_overall_phase_error                 ? 
_refine.pdbx_overall_SU_R_free_Cruickshank_DPI   ? 
_refine.pdbx_overall_SU_R_Blow_DPI               ? 
_refine.pdbx_overall_SU_R_free_Blow_DPI          ? 
# 
_refine_hist.pdbx_refine_id                   'X-RAY DIFFRACTION' 
_refine_hist.cycle_id                         LAST 
_refine_hist.pdbx_number_atoms_protein        1660 
_refine_hist.pdbx_number_atoms_nucleic_acid   0 
_refine_hist.pdbx_number_atoms_ligand         0 
_refine_hist.number_atoms_solvent             168 
_refine_hist.number_atoms_total               1828 
_refine_hist.d_res_high                       1.80 
_refine_hist.d_res_low                        30.0 
# 
loop_
_refine_ls_restr.type 
_refine_ls_restr.dev_ideal 
_refine_ls_restr.dev_ideal_target 
_refine_ls_restr.weight 
_refine_ls_restr.number 
_refine_ls_restr.pdbx_refine_id 
_refine_ls_restr.pdbx_restraint_function 
c_bond_d  0.005 ? ? ? 'X-RAY DIFFRACTION' ? 
c_angle_d 1.43  ? ? ? 'X-RAY DIFFRACTION' ? 
# 
_struct.entry_id                  1MY5 
_struct.title                     'NF-kappaB p65 subunit dimerization domain homodimer' 
_struct.pdbx_model_details        'transcription factor p65' 
_struct.pdbx_CASP_flag            ? 
_struct.pdbx_model_type_details   ? 
# 
_struct_keywords.entry_id        1MY5 
_struct_keywords.pdbx_keywords   TRANSCRIPTION 
_struct_keywords.text            
;Immunoglobulin, Ig, beta-sandwich, beta-sheet, homodimer, DNA-binding, Transcription regulation, Activator, Nuclear protein, Phosphorylation, TRANSCRIPTION
;
# 
loop_
_struct_asym.id 
_struct_asym.pdbx_blank_PDB_chainid_flag 
_struct_asym.pdbx_modified 
_struct_asym.entity_id 
_struct_asym.details 
A N N 1 ? 
B N N 1 ? 
C N N 2 ? 
D N N 2 ? 
# 
_struct_ref.id                         1 
_struct_ref.db_name                    UNP 
_struct_ref.db_code                    TF65_MOUSE 
_struct_ref.entity_id                  1 
_struct_ref.pdbx_seq_one_letter_code   
;TAELKICRVNRNSGSCLGGDEIFLLCDKVQKEDIEVYFTGPGWEARGSFSQADVHRQVAIVFRTPPYADPSLQAPVRVSM
QLRRPSDRELSEPMEFQYLPDTDDRHRIEEKRKR
;
_struct_ref.pdbx_align_begin           191 
_struct_ref.pdbx_db_accession          Q04207 
_struct_ref.pdbx_db_isoform            ? 
# 
loop_
_struct_ref_seq.align_id 
_struct_ref_seq.ref_id 
_struct_ref_seq.pdbx_PDB_id_code 
_struct_ref_seq.pdbx_strand_id 
_struct_ref_seq.seq_align_beg 
_struct_ref_seq.pdbx_seq_align_beg_ins_code 
_struct_ref_seq.seq_align_end 
_struct_ref_seq.pdbx_seq_align_end_ins_code 
_struct_ref_seq.pdbx_db_accession 
_struct_ref_seq.db_align_beg 
_struct_ref_seq.pdbx_db_align_beg_ins_code 
_struct_ref_seq.db_align_end 
_struct_ref_seq.pdbx_db_align_end_ins_code 
_struct_ref_seq.pdbx_auth_seq_align_beg 
_struct_ref_seq.pdbx_auth_seq_align_end 
1 1 1MY5 A 1 ? 114 ? Q04207 191 ? 304 ? 191 304 
2 1 1MY5 B 1 ? 114 ? Q04207 191 ? 304 ? 191 304 
# 
_pdbx_struct_assembly.id                   1 
_pdbx_struct_assembly.details              author_defined_assembly 
_pdbx_struct_assembly.method_details       ? 
_pdbx_struct_assembly.oligomeric_details   dimeric 
_pdbx_struct_assembly.oligomeric_count     2 
# 
_pdbx_struct_assembly_gen.assembly_id       1 
_pdbx_struct_assembly_gen.oper_expression   1 
_pdbx_struct_assembly_gen.asym_id_list      A,B,C,D 
# 
_pdbx_struct_oper_list.id                   1 
_pdbx_struct_oper_list.type                 'identity operation' 
_pdbx_struct_oper_list.name                 1_555 
_pdbx_struct_oper_list.symmetry_operation   x,y,z 
_pdbx_struct_oper_list.matrix[1][1]         1.0000000000 
_pdbx_struct_oper_list.matrix[1][2]         0.0000000000 
_pdbx_struct_oper_list.matrix[1][3]         0.0000000000 
_pdbx_struct_oper_list.vector[1]            0.0000000000 
_pdbx_struct_oper_list.matrix[2][1]         0.0000000000 
_pdbx_struct_oper_list.matrix[2][2]         1.0000000000 
_pdbx_struct_oper_list.matrix[2][3]         0.0000000000 
_pdbx_struct_oper_list.vector[2]            0.0000000000 
_pdbx_struct_oper_list.matrix[3][1]         0.0000000000 
_pdbx_struct_oper_list.matrix[3][2]         0.0000000000 
_pdbx_struct_oper_list.matrix[3][3]         1.0000000000 
_pdbx_struct_oper_list.vector[3]            0.0000000000 
# 
_struct_biol.id                    1 
_struct_biol.pdbx_parent_biol_id   ? 
_struct_biol.details               ? 
# 
loop_
_struct_conf.conf_type_id 
_struct_conf.id 
_struct_conf.pdbx_PDB_helix_id 
_struct_conf.beg_label_comp_id 
_struct_conf.beg_label_asym_id 
_struct_conf.beg_label_seq_id 
_struct_conf.pdbx_beg_PDB_ins_code 
_struct_conf.end_label_comp_id 
_struct_conf.end_label_asym_id 
_struct_conf.end_label_seq_id 
_struct_conf.pdbx_end_PDB_ins_code 
_struct_conf.beg_auth_comp_id 
_struct_conf.beg_auth_asym_id 
_struct_conf.beg_auth_seq_id 
_struct_conf.end_auth_comp_id 
_struct_conf.end_auth_asym_id 
_struct_conf.end_auth_seq_id 
_struct_conf.pdbx_PDB_helix_class 
_struct_conf.details 
_struct_conf.pdbx_PDB_helix_length 
HELX_P HELX_P1 1 SER A 50 ? VAL A 54 ? SER A 240 VAL A 244 5 ? 5 
HELX_P HELX_P2 2 SER B 50 ? VAL B 54 ? SER B 240 VAL B 244 5 ? 5 
# 
_struct_conf_type.id          HELX_P 
_struct_conf_type.criteria    ? 
_struct_conf_type.reference   ? 
# 
loop_
_struct_sheet.id 
_struct_sheet.type 
_struct_sheet.number_strands 
_struct_sheet.details 
A ? 3 ? 
B ? 5 ? 
C ? 4 ? 
D ? 3 ? 
E ? 5 ? 
F ? 4 ? 
# 
loop_
_struct_sheet_order.sheet_id 
_struct_sheet_order.range_id_1 
_struct_sheet_order.range_id_2 
_struct_sheet_order.offset 
_struct_sheet_order.sense 
A 1 2 ? anti-parallel 
A 2 3 ? anti-parallel 
B 1 2 ? parallel      
B 2 3 ? anti-parallel 
B 3 4 ? anti-parallel 
B 4 5 ? anti-parallel 
C 1 2 ? parallel      
C 2 3 ? anti-parallel 
C 3 4 ? anti-parallel 
D 1 2 ? anti-parallel 
D 2 3 ? anti-parallel 
E 1 2 ? parallel      
E 2 3 ? anti-parallel 
E 3 4 ? anti-parallel 
E 4 5 ? anti-parallel 
F 1 2 ? parallel      
F 2 3 ? anti-parallel 
F 3 4 ? anti-parallel 
# 
loop_
_struct_sheet_range.sheet_id 
_struct_sheet_range.id 
_struct_sheet_range.beg_label_comp_id 
_struct_sheet_range.beg_label_asym_id 
_struct_sheet_range.beg_label_seq_id 
_struct_sheet_range.pdbx_beg_PDB_ins_code 
_struct_sheet_range.end_label_comp_id 
_struct_sheet_range.end_label_asym_id 
_struct_sheet_range.end_label_seq_id 
_struct_sheet_range.pdbx_end_PDB_ins_code 
_struct_sheet_range.beg_auth_comp_id 
_struct_sheet_range.beg_auth_asym_id 
_struct_sheet_range.beg_auth_seq_id 
_struct_sheet_range.end_auth_comp_id 
_struct_sheet_range.end_auth_asym_id 
_struct_sheet_range.end_auth_seq_id 
A 1 ILE A 6  ? VAL A 9  ? ILE A 196 VAL A 199 
A 2 GLU A 21 ? CYS A 26 ? GLU A 211 CYS A 216 
A 3 ALA A 59 ? ARG A 63 ? ALA A 249 ARG A 253 
B 1 SER A 13 ? SER A 15 ? SER A 203 SER A 205 
B 2 MET A 94 ? LEU A 99 ? MET A 284 LEU A 289 
B 3 VAL A 76 ? ARG A 84 ? VAL A 266 ARG A 274 
B 4 GLU A 35 ? GLY A 40 ? GLU A 225 GLY A 230 
B 5 TRP A 43 ? ARG A 46 ? TRP A 233 ARG A 236 
C 1 SER A 13 ? SER A 15 ? SER A 203 SER A 205 
C 2 MET A 94 ? LEU A 99 ? MET A 284 LEU A 289 
C 3 VAL A 76 ? ARG A 84 ? VAL A 266 ARG A 274 
C 4 GLU A 89 ? LEU A 90 ? GLU A 279 LEU A 280 
D 1 ILE B 6  ? VAL B 9  ? ILE B 196 VAL B 199 
D 2 GLU B 21 ? CYS B 26 ? GLU B 211 CYS B 216 
D 3 ALA B 59 ? ARG B 63 ? ALA B 249 ARG B 253 
E 1 SER B 13 ? SER B 15 ? SER B 203 SER B 205 
E 2 MET B 94 ? LEU B 99 ? MET B 284 LEU B 289 
E 3 VAL B 76 ? ARG B 84 ? VAL B 266 ARG B 274 
E 4 GLU B 35 ? GLY B 40 ? GLU B 225 GLY B 230 
E 5 TRP B 43 ? ARG B 46 ? TRP B 233 ARG B 236 
F 1 SER B 13 ? SER B 15 ? SER B 203 SER B 205 
F 2 MET B 94 ? LEU B 99 ? MET B 284 LEU B 289 
F 3 VAL B 76 ? ARG B 84 ? VAL B 266 ARG B 274 
F 4 GLU B 89 ? LEU B 90 ? GLU B 279 LEU B 280 
# 
loop_
_pdbx_struct_sheet_hbond.sheet_id 
_pdbx_struct_sheet_hbond.range_id_1 
_pdbx_struct_sheet_hbond.range_id_2 
_pdbx_struct_sheet_hbond.range_1_label_atom_id 
_pdbx_struct_sheet_hbond.range_1_label_comp_id 
_pdbx_struct_sheet_hbond.range_1_label_asym_id 
_pdbx_struct_sheet_hbond.range_1_label_seq_id 
_pdbx_struct_sheet_hbond.range_1_PDB_ins_code 
_pdbx_struct_sheet_hbond.range_1_auth_atom_id 
_pdbx_struct_sheet_hbond.range_1_auth_comp_id 
_pdbx_struct_sheet_hbond.range_1_auth_asym_id 
_pdbx_struct_sheet_hbond.range_1_auth_seq_id 
_pdbx_struct_sheet_hbond.range_2_label_atom_id 
_pdbx_struct_sheet_hbond.range_2_label_comp_id 
_pdbx_struct_sheet_hbond.range_2_label_asym_id 
_pdbx_struct_sheet_hbond.range_2_label_seq_id 
_pdbx_struct_sheet_hbond.range_2_PDB_ins_code 
_pdbx_struct_sheet_hbond.range_2_auth_atom_id 
_pdbx_struct_sheet_hbond.range_2_auth_comp_id 
_pdbx_struct_sheet_hbond.range_2_auth_asym_id 
_pdbx_struct_sheet_hbond.range_2_auth_seq_id 
A 1 2 N ARG A 8  ? N ARG A 198 O LEU A 25 ? O LEU A 215 
A 2 3 N ILE A 22 ? N ILE A 212 O PHE A 62 ? O PHE A 252 
B 1 2 N GLY A 14 ? N GLY A 204 O LEU A 99 ? O LEU A 289 
B 2 3 O PHE A 96 ? O PHE A 286 N VAL A 78 ? N VAL A 268 
B 3 4 O GLN A 81 ? O GLN A 271 N TYR A 37 ? N TYR A 227 
B 4 5 N PHE A 38 ? N PHE A 228 O ALA A 45 ? O ALA A 235 
C 1 2 N GLY A 14 ? N GLY A 204 O LEU A 99 ? O LEU A 289 
C 2 3 O PHE A 96 ? O PHE A 286 N VAL A 78 ? N VAL A 268 
C 3 4 N ARG A 84 ? N ARG A 274 O GLU A 89 ? O GLU A 279 
D 1 2 N ARG B 8  ? N ARG B 198 O LEU B 25 ? O LEU B 215 
D 2 3 N ILE B 22 ? N ILE B 212 O PHE B 62 ? O PHE B 252 
E 1 2 N GLY B 14 ? N GLY B 204 O LEU B 99 ? O LEU B 289 
E 2 3 O PHE B 96 ? O PHE B 286 N VAL B 78 ? N VAL B 268 
E 3 4 O GLN B 81 ? O GLN B 271 N TYR B 37 ? N TYR B 227 
E 4 5 N PHE B 38 ? N PHE B 228 O ALA B 45 ? O ALA B 235 
F 1 2 N GLY B 14 ? N GLY B 204 O LEU B 99 ? O LEU B 289 
F 2 3 O PHE B 96 ? O PHE B 286 N VAL B 78 ? N VAL B 268 
F 3 4 N ARG B 84 ? N ARG B 274 O GLU B 89 ? O GLU B 279 
# 
loop_
_pdbx_validate_close_contact.id 
_pdbx_validate_close_contact.PDB_model_num 
_pdbx_validate_close_contact.auth_atom_id_1 
_pdbx_validate_close_contact.auth_asym_id_1 
_pdbx_validate_close_contact.auth_comp_id_1 
_pdbx_validate_close_contact.auth_seq_id_1 
_pdbx_validate_close_contact.PDB_ins_code_1 
_pdbx_validate_close_contact.label_alt_id_1 
_pdbx_validate_close_contact.auth_atom_id_2 
_pdbx_validate_close_contact.auth_asym_id_2 
_pdbx_validate_close_contact.auth_comp_id_2 
_pdbx_validate_close_contact.auth_seq_id_2 
_pdbx_validate_close_contact.PDB_ins_code_2 
_pdbx_validate_close_contact.label_alt_id_2 
_pdbx_validate_close_contact.dist 
1 1 NH2 B ARG 201 ? ? O B HOH 603 ? ? 0.36 
2 1 CZ  B ARG 201 ? ? O B HOH 603 ? ? 1.01 
3 1 NE  B ARG 201 ? ? O B HOH 603 ? ? 2.00 
4 1 NH1 B ARG 201 ? ? O B HOH 603 ? ? 2.05 
# 
loop_
_pdbx_validate_torsion.id 
_pdbx_validate_torsion.PDB_model_num 
_pdbx_validate_torsion.auth_comp_id 
_pdbx_validate_torsion.auth_asym_id 
_pdbx_validate_torsion.auth_seq_id 
_pdbx_validate_torsion.PDB_ins_code 
_pdbx_validate_torsion.label_alt_id 
_pdbx_validate_torsion.phi 
_pdbx_validate_torsion.psi 
1 1 ALA A 192 ? ? -144.30 -56.27 
2 1 GLU A 193 ? ? -139.35 -31.31 
3 1 GLN A 247 ? ? 63.47   -3.18  
4 1 ALA B 192 ? ? 60.02   165.17 
# 
_pdbx_struct_special_symmetry.id              1 
_pdbx_struct_special_symmetry.PDB_model_num   1 
_pdbx_struct_special_symmetry.auth_asym_id    B 
_pdbx_struct_special_symmetry.auth_comp_id    HOH 
_pdbx_struct_special_symmetry.auth_seq_id     720 
_pdbx_struct_special_symmetry.PDB_ins_code    ? 
_pdbx_struct_special_symmetry.label_asym_id   D 
_pdbx_struct_special_symmetry.label_comp_id   HOH 
_pdbx_struct_special_symmetry.label_seq_id    . 
# 
loop_
_pdbx_unobs_or_zero_occ_residues.id 
_pdbx_unobs_or_zero_occ_residues.PDB_model_num 
_pdbx_unobs_or_zero_occ_residues.polymer_flag 
_pdbx_unobs_or_zero_occ_residues.occupancy_flag 
_pdbx_unobs_or_zero_occ_residues.auth_asym_id 
_pdbx_unobs_or_zero_occ_residues.auth_comp_id 
_pdbx_unobs_or_zero_occ_residues.auth_seq_id 
_pdbx_unobs_or_zero_occ_residues.PDB_ins_code 
_pdbx_unobs_or_zero_occ_residues.label_asym_id 
_pdbx_unobs_or_zero_occ_residues.label_comp_id 
_pdbx_unobs_or_zero_occ_residues.label_seq_id 
1  1 Y 1 A ILE 298 ? A ILE 108 
2  1 Y 1 A GLU 299 ? A GLU 109 
3  1 Y 1 A GLU 300 ? A GLU 110 
4  1 Y 1 A LYS 301 ? A LYS 111 
5  1 Y 1 A ARG 302 ? A ARG 112 
6  1 Y 1 A LYS 303 ? A LYS 113 
7  1 Y 1 A ARG 304 ? A ARG 114 
8  1 Y 1 B THR 292 ? B THR 102 
9  1 Y 1 B ASP 293 ? B ASP 103 
10 1 Y 1 B ASP 294 ? B ASP 104 
11 1 Y 1 B ARG 295 ? B ARG 105 
12 1 Y 1 B HIS 296 ? B HIS 106 
13 1 Y 1 B ARG 297 ? B ARG 107 
14 1 Y 1 B ILE 298 ? B ILE 108 
15 1 Y 1 B GLU 299 ? B GLU 109 
16 1 Y 1 B GLU 300 ? B GLU 110 
17 1 Y 1 B LYS 301 ? B LYS 111 
18 1 Y 1 B ARG 302 ? B ARG 112 
19 1 Y 1 B LYS 303 ? B LYS 113 
20 1 Y 1 B ARG 304 ? B ARG 114 
# 
loop_
_chem_comp_atom.comp_id 
_chem_comp_atom.atom_id 
_chem_comp_atom.type_symbol 
_chem_comp_atom.pdbx_aromatic_flag 
_chem_comp_atom.pdbx_stereo_config 
_chem_comp_atom.pdbx_ordinal 
ALA N    N N N 1   
ALA CA   C N S 2   
ALA C    C N N 3   
ALA O    O N N 4   
ALA CB   C N N 5   
ALA OXT  O N N 6   
ALA H    H N N 7   
ALA H2   H N N 8   
ALA HA   H N N 9   
ALA HB1  H N N 10  
ALA HB2  H N N 11  
ALA HB3  H N N 12  
ALA HXT  H N N 13  
ARG N    N N N 14  
ARG CA   C N S 15  
ARG C    C N N 16  
ARG O    O N N 17  
ARG CB   C N N 18  
ARG CG   C N N 19  
ARG CD   C N N 20  
ARG NE   N N N 21  
ARG CZ   C N N 22  
ARG NH1  N N N 23  
ARG NH2  N N N 24  
ARG OXT  O N N 25  
ARG H    H N N 26  
ARG H2   H N N 27  
ARG HA   H N N 28  
ARG HB2  H N N 29  
ARG HB3  H N N 30  
ARG HG2  H N N 31  
ARG HG3  H N N 32  
ARG HD2  H N N 33  
ARG HD3  H N N 34  
ARG HE   H N N 35  
ARG HH11 H N N 36  
ARG HH12 H N N 37  
ARG HH21 H N N 38  
ARG HH22 H N N 39  
ARG HXT  H N N 40  
ASN N    N N N 41  
ASN CA   C N S 42  
ASN C    C N N 43  
ASN O    O N N 44  
ASN CB   C N N 45  
ASN CG   C N N 46  
ASN OD1  O N N 47  
ASN ND2  N N N 48  
ASN OXT  O N N 49  
ASN H    H N N 50  
ASN H2   H N N 51  
ASN HA   H N N 52  
ASN HB2  H N N 53  
ASN HB3  H N N 54  
ASN HD21 H N N 55  
ASN HD22 H N N 56  
ASN HXT  H N N 57  
ASP N    N N N 58  
ASP CA   C N S 59  
ASP C    C N N 60  
ASP O    O N N 61  
ASP CB   C N N 62  
ASP CG   C N N 63  
ASP OD1  O N N 64  
ASP OD2  O N N 65  
ASP OXT  O N N 66  
ASP H    H N N 67  
ASP H2   H N N 68  
ASP HA   H N N 69  
ASP HB2  H N N 70  
ASP HB3  H N N 71  
ASP HD2  H N N 72  
ASP HXT  H N N 73  
CYS N    N N N 74  
CYS CA   C N R 75  
CYS C    C N N 76  
CYS O    O N N 77  
CYS CB   C N N 78  
CYS SG   S N N 79  
CYS OXT  O N N 80  
CYS H    H N N 81  
CYS H2   H N N 82  
CYS HA   H N N 83  
CYS HB2  H N N 84  
CYS HB3  H N N 85  
CYS HG   H N N 86  
CYS HXT  H N N 87  
GLN N    N N N 88  
GLN CA   C N S 89  
GLN C    C N N 90  
GLN O    O N N 91  
GLN CB   C N N 92  
GLN CG   C N N 93  
GLN CD   C N N 94  
GLN OE1  O N N 95  
GLN NE2  N N N 96  
GLN OXT  O N N 97  
GLN H    H N N 98  
GLN H2   H N N 99  
GLN HA   H N N 100 
GLN HB2  H N N 101 
GLN HB3  H N N 102 
GLN HG2  H N N 103 
GLN HG3  H N N 104 
GLN HE21 H N N 105 
GLN HE22 H N N 106 
GLN HXT  H N N 107 
GLU N    N N N 108 
GLU CA   C N S 109 
GLU C    C N N 110 
GLU O    O N N 111 
GLU CB   C N N 112 
GLU CG   C N N 113 
GLU CD   C N N 114 
GLU OE1  O N N 115 
GLU OE2  O N N 116 
GLU OXT  O N N 117 
GLU H    H N N 118 
GLU H2   H N N 119 
GLU HA   H N N 120 
GLU HB2  H N N 121 
GLU HB3  H N N 122 
GLU HG2  H N N 123 
GLU HG3  H N N 124 
GLU HE2  H N N 125 
GLU HXT  H N N 126 
GLY N    N N N 127 
GLY CA   C N N 128 
GLY C    C N N 129 
GLY O    O N N 130 
GLY OXT  O N N 131 
GLY H    H N N 132 
GLY H2   H N N 133 
GLY HA2  H N N 134 
GLY HA3  H N N 135 
GLY HXT  H N N 136 
HIS N    N N N 137 
HIS CA   C N S 138 
HIS C    C N N 139 
HIS O    O N N 140 
HIS CB   C N N 141 
HIS CG   C Y N 142 
HIS ND1  N Y N 143 
HIS CD2  C Y N 144 
HIS CE1  C Y N 145 
HIS NE2  N Y N 146 
HIS OXT  O N N 147 
HIS H    H N N 148 
HIS H2   H N N 149 
HIS HA   H N N 150 
HIS HB2  H N N 151 
HIS HB3  H N N 152 
HIS HD1  H N N 153 
HIS HD2  H N N 154 
HIS HE1  H N N 155 
HIS HE2  H N N 156 
HIS HXT  H N N 157 
HOH O    O N N 158 
HOH H1   H N N 159 
HOH H2   H N N 160 
ILE N    N N N 161 
ILE CA   C N S 162 
ILE C    C N N 163 
ILE O    O N N 164 
ILE CB   C N S 165 
ILE CG1  C N N 166 
ILE CG2  C N N 167 
ILE CD1  C N N 168 
ILE OXT  O N N 169 
ILE H    H N N 170 
ILE H2   H N N 171 
ILE HA   H N N 172 
ILE HB   H N N 173 
ILE HG12 H N N 174 
ILE HG13 H N N 175 
ILE HG21 H N N 176 
ILE HG22 H N N 177 
ILE HG23 H N N 178 
ILE HD11 H N N 179 
ILE HD12 H N N 180 
ILE HD13 H N N 181 
ILE HXT  H N N 182 
LEU N    N N N 183 
LEU CA   C N S 184 
LEU C    C N N 185 
LEU O    O N N 186 
LEU CB   C N N 187 
LEU CG   C N N 188 
LEU CD1  C N N 189 
LEU CD2  C N N 190 
LEU OXT  O N N 191 
LEU H    H N N 192 
LEU H2   H N N 193 
LEU HA   H N N 194 
LEU HB2  H N N 195 
LEU HB3  H N N 196 
LEU HG   H N N 197 
LEU HD11 H N N 198 
LEU HD12 H N N 199 
LEU HD13 H N N 200 
LEU HD21 H N N 201 
LEU HD22 H N N 202 
LEU HD23 H N N 203 
LEU HXT  H N N 204 
LYS N    N N N 205 
LYS CA   C N S 206 
LYS C    C N N 207 
LYS O    O N N 208 
LYS CB   C N N 209 
LYS CG   C N N 210 
LYS CD   C N N 211 
LYS CE   C N N 212 
LYS NZ   N N N 213 
LYS OXT  O N N 214 
LYS H    H N N 215 
LYS H2   H N N 216 
LYS HA   H N N 217 
LYS HB2  H N N 218 
LYS HB3  H N N 219 
LYS HG2  H N N 220 
LYS HG3  H N N 221 
LYS HD2  H N N 222 
LYS HD3  H N N 223 
LYS HE2  H N N 224 
LYS HE3  H N N 225 
LYS HZ1  H N N 226 
LYS HZ2  H N N 227 
LYS HZ3  H N N 228 
LYS HXT  H N N 229 
MET N    N N N 230 
MET CA   C N S 231 
MET C    C N N 232 
MET O    O N N 233 
MET CB   C N N 234 
MET CG   C N N 235 
MET SD   S N N 236 
MET CE   C N N 237 
MET OXT  O N N 238 
MET H    H N N 239 
MET H2   H N N 240 
MET HA   H N N 241 
MET HB2  H N N 242 
MET HB3  H N N 243 
MET HG2  H N N 244 
MET HG3  H N N 245 
MET HE1  H N N 246 
MET HE2  H N N 247 
MET HE3  H N N 248 
MET HXT  H N N 249 
PHE N    N N N 250 
PHE CA   C N S 251 
PHE C    C N N 252 
PHE O    O N N 253 
PHE CB   C N N 254 
PHE CG   C Y N 255 
PHE CD1  C Y N 256 
PHE CD2  C Y N 257 
PHE CE1  C Y N 258 
PHE CE2  C Y N 259 
PHE CZ   C Y N 260 
PHE OXT  O N N 261 
PHE H    H N N 262 
PHE H2   H N N 263 
PHE HA   H N N 264 
PHE HB2  H N N 265 
PHE HB3  H N N 266 
PHE HD1  H N N 267 
PHE HD2  H N N 268 
PHE HE1  H N N 269 
PHE HE2  H N N 270 
PHE HZ   H N N 271 
PHE HXT  H N N 272 
PRO N    N N N 273 
PRO CA   C N S 274 
PRO C    C N N 275 
PRO O    O N N 276 
PRO CB   C N N 277 
PRO CG   C N N 278 
PRO CD   C N N 279 
PRO OXT  O N N 280 
PRO H    H N N 281 
PRO HA   H N N 282 
PRO HB2  H N N 283 
PRO HB3  H N N 284 
PRO HG2  H N N 285 
PRO HG3  H N N 286 
PRO HD2  H N N 287 
PRO HD3  H N N 288 
PRO HXT  H N N 289 
SER N    N N N 290 
SER CA   C N S 291 
SER C    C N N 292 
SER O    O N N 293 
SER CB   C N N 294 
SER OG   O N N 295 
SER OXT  O N N 296 
SER H    H N N 297 
SER H2   H N N 298 
SER HA   H N N 299 
SER HB2  H N N 300 
SER HB3  H N N 301 
SER HG   H N N 302 
SER HXT  H N N 303 
THR N    N N N 304 
THR CA   C N S 305 
THR C    C N N 306 
THR O    O N N 307 
THR CB   C N R 308 
THR OG1  O N N 309 
THR CG2  C N N 310 
THR OXT  O N N 311 
THR H    H N N 312 
THR H2   H N N 313 
THR HA   H N N 314 
THR HB   H N N 315 
THR HG1  H N N 316 
THR HG21 H N N 317 
THR HG22 H N N 318 
THR HG23 H N N 319 
THR HXT  H N N 320 
TRP N    N N N 321 
TRP CA   C N S 322 
TRP C    C N N 323 
TRP O    O N N 324 
TRP CB   C N N 325 
TRP CG   C Y N 326 
TRP CD1  C Y N 327 
TRP CD2  C Y N 328 
TRP NE1  N Y N 329 
TRP CE2  C Y N 330 
TRP CE3  C Y N 331 
TRP CZ2  C Y N 332 
TRP CZ3  C Y N 333 
TRP CH2  C Y N 334 
TRP OXT  O N N 335 
TRP H    H N N 336 
TRP H2   H N N 337 
TRP HA   H N N 338 
TRP HB2  H N N 339 
TRP HB3  H N N 340 
TRP HD1  H N N 341 
TRP HE1  H N N 342 
TRP HE3  H N N 343 
TRP HZ2  H N N 344 
TRP HZ3  H N N 345 
TRP HH2  H N N 346 
TRP HXT  H N N 347 
TYR N    N N N 348 
TYR CA   C N S 349 
TYR C    C N N 350 
TYR O    O N N 351 
TYR CB   C N N 352 
TYR CG   C Y N 353 
TYR CD1  C Y N 354 
TYR CD2  C Y N 355 
TYR CE1  C Y N 356 
TYR CE2  C Y N 357 
TYR CZ   C Y N 358 
TYR OH   O N N 359 
TYR OXT  O N N 360 
TYR H    H N N 361 
TYR H2   H N N 362 
TYR HA   H N N 363 
TYR HB2  H N N 364 
TYR HB3  H N N 365 
TYR HD1  H N N 366 
TYR HD2  H N N 367 
TYR HE1  H N N 368 
TYR HE2  H N N 369 
TYR HH   H N N 370 
TYR HXT  H N N 371 
VAL N    N N N 372 
VAL CA   C N S 373 
VAL C    C N N 374 
VAL O    O N N 375 
VAL CB   C N N 376 
VAL CG1  C N N 377 
VAL CG2  C N N 378 
VAL OXT  O N N 379 
VAL H    H N N 380 
VAL H2   H N N 381 
VAL HA   H N N 382 
VAL HB   H N N 383 
VAL HG11 H N N 384 
VAL HG12 H N N 385 
VAL HG13 H N N 386 
VAL HG21 H N N 387 
VAL HG22 H N N 388 
VAL HG23 H N N 389 
VAL HXT  H N N 390 
# 
loop_
_chem_comp_bond.comp_id 
_chem_comp_bond.atom_id_1 
_chem_comp_bond.atom_id_2 
_chem_comp_bond.value_order 
_chem_comp_bond.pdbx_aromatic_flag 
_chem_comp_bond.pdbx_stereo_config 
_chem_comp_bond.pdbx_ordinal 
ALA N   CA   sing N N 1   
ALA N   H    sing N N 2   
ALA N   H2   sing N N 3   
ALA CA  C    sing N N 4   
ALA CA  CB   sing N N 5   
ALA CA  HA   sing N N 6   
ALA C   O    doub N N 7   
ALA C   OXT  sing N N 8   
ALA CB  HB1  sing N N 9   
ALA CB  HB2  sing N N 10  
ALA CB  HB3  sing N N 11  
ALA OXT HXT  sing N N 12  
ARG N   CA   sing N N 13  
ARG N   H    sing N N 14  
ARG N   H2   sing N N 15  
ARG CA  C    sing N N 16  
ARG CA  CB   sing N N 17  
ARG CA  HA   sing N N 18  
ARG C   O    doub N N 19  
ARG C   OXT  sing N N 20  
ARG CB  CG   sing N N 21  
ARG CB  HB2  sing N N 22  
ARG CB  HB3  sing N N 23  
ARG CG  CD   sing N N 24  
ARG CG  HG2  sing N N 25  
ARG CG  HG3  sing N N 26  
ARG CD  NE   sing N N 27  
ARG CD  HD2  sing N N 28  
ARG CD  HD3  sing N N 29  
ARG NE  CZ   sing N N 30  
ARG NE  HE   sing N N 31  
ARG CZ  NH1  sing N N 32  
ARG CZ  NH2  doub N N 33  
ARG NH1 HH11 sing N N 34  
ARG NH1 HH12 sing N N 35  
ARG NH2 HH21 sing N N 36  
ARG NH2 HH22 sing N N 37  
ARG OXT HXT  sing N N 38  
ASN N   CA   sing N N 39  
ASN N   H    sing N N 40  
ASN N   H2   sing N N 41  
ASN CA  C    sing N N 42  
ASN CA  CB   sing N N 43  
ASN CA  HA   sing N N 44  
ASN C   O    doub N N 45  
ASN C   OXT  sing N N 46  
ASN CB  CG   sing N N 47  
ASN CB  HB2  sing N N 48  
ASN CB  HB3  sing N N 49  
ASN CG  OD1  doub N N 50  
ASN CG  ND2  sing N N 51  
ASN ND2 HD21 sing N N 52  
ASN ND2 HD22 sing N N 53  
ASN OXT HXT  sing N N 54  
ASP N   CA   sing N N 55  
ASP N   H    sing N N 56  
ASP N   H2   sing N N 57  
ASP CA  C    sing N N 58  
ASP CA  CB   sing N N 59  
ASP CA  HA   sing N N 60  
ASP C   O    doub N N 61  
ASP C   OXT  sing N N 62  
ASP CB  CG   sing N N 63  
ASP CB  HB2  sing N N 64  
ASP CB  HB3  sing N N 65  
ASP CG  OD1  doub N N 66  
ASP CG  OD2  sing N N 67  
ASP OD2 HD2  sing N N 68  
ASP OXT HXT  sing N N 69  
CYS N   CA   sing N N 70  
CYS N   H    sing N N 71  
CYS N   H2   sing N N 72  
CYS CA  C    sing N N 73  
CYS CA  CB   sing N N 74  
CYS CA  HA   sing N N 75  
CYS C   O    doub N N 76  
CYS C   OXT  sing N N 77  
CYS CB  SG   sing N N 78  
CYS CB  HB2  sing N N 79  
CYS CB  HB3  sing N N 80  
CYS SG  HG   sing N N 81  
CYS OXT HXT  sing N N 82  
GLN N   CA   sing N N 83  
GLN N   H    sing N N 84  
GLN N   H2   sing N N 85  
GLN CA  C    sing N N 86  
GLN CA  CB   sing N N 87  
GLN CA  HA   sing N N 88  
GLN C   O    doub N N 89  
GLN C   OXT  sing N N 90  
GLN CB  CG   sing N N 91  
GLN CB  HB2  sing N N 92  
GLN CB  HB3  sing N N 93  
GLN CG  CD   sing N N 94  
GLN CG  HG2  sing N N 95  
GLN CG  HG3  sing N N 96  
GLN CD  OE1  doub N N 97  
GLN CD  NE2  sing N N 98  
GLN NE2 HE21 sing N N 99  
GLN NE2 HE22 sing N N 100 
GLN OXT HXT  sing N N 101 
GLU N   CA   sing N N 102 
GLU N   H    sing N N 103 
GLU N   H2   sing N N 104 
GLU CA  C    sing N N 105 
GLU CA  CB   sing N N 106 
GLU CA  HA   sing N N 107 
GLU C   O    doub N N 108 
GLU C   OXT  sing N N 109 
GLU CB  CG   sing N N 110 
GLU CB  HB2  sing N N 111 
GLU CB  HB3  sing N N 112 
GLU CG  CD   sing N N 113 
GLU CG  HG2  sing N N 114 
GLU CG  HG3  sing N N 115 
GLU CD  OE1  doub N N 116 
GLU CD  OE2  sing N N 117 
GLU OE2 HE2  sing N N 118 
GLU OXT HXT  sing N N 119 
GLY N   CA   sing N N 120 
GLY N   H    sing N N 121 
GLY N   H2   sing N N 122 
GLY CA  C    sing N N 123 
GLY CA  HA2  sing N N 124 
GLY CA  HA3  sing N N 125 
GLY C   O    doub N N 126 
GLY C   OXT  sing N N 127 
GLY OXT HXT  sing N N 128 
HIS N   CA   sing N N 129 
HIS N   H    sing N N 130 
HIS N   H2   sing N N 131 
HIS CA  C    sing N N 132 
HIS CA  CB   sing N N 133 
HIS CA  HA   sing N N 134 
HIS C   O    doub N N 135 
HIS C   OXT  sing N N 136 
HIS CB  CG   sing N N 137 
HIS CB  HB2  sing N N 138 
HIS CB  HB3  sing N N 139 
HIS CG  ND1  sing Y N 140 
HIS CG  CD2  doub Y N 141 
HIS ND1 CE1  doub Y N 142 
HIS ND1 HD1  sing N N 143 
HIS CD2 NE2  sing Y N 144 
HIS CD2 HD2  sing N N 145 
HIS CE1 NE2  sing Y N 146 
HIS CE1 HE1  sing N N 147 
HIS NE2 HE2  sing N N 148 
HIS OXT HXT  sing N N 149 
HOH O   H1   sing N N 150 
HOH O   H2   sing N N 151 
ILE N   CA   sing N N 152 
ILE N   H    sing N N 153 
ILE N   H2   sing N N 154 
ILE CA  C    sing N N 155 
ILE CA  CB   sing N N 156 
ILE CA  HA   sing N N 157 
ILE C   O    doub N N 158 
ILE C   OXT  sing N N 159 
ILE CB  CG1  sing N N 160 
ILE CB  CG2  sing N N 161 
ILE CB  HB   sing N N 162 
ILE CG1 CD1  sing N N 163 
ILE CG1 HG12 sing N N 164 
ILE CG1 HG13 sing N N 165 
ILE CG2 HG21 sing N N 166 
ILE CG2 HG22 sing N N 167 
ILE CG2 HG23 sing N N 168 
ILE CD1 HD11 sing N N 169 
ILE CD1 HD12 sing N N 170 
ILE CD1 HD13 sing N N 171 
ILE OXT HXT  sing N N 172 
LEU N   CA   sing N N 173 
LEU N   H    sing N N 174 
LEU N   H2   sing N N 175 
LEU CA  C    sing N N 176 
LEU CA  CB   sing N N 177 
LEU CA  HA   sing N N 178 
LEU C   O    doub N N 179 
LEU C   OXT  sing N N 180 
LEU CB  CG   sing N N 181 
LEU CB  HB2  sing N N 182 
LEU CB  HB3  sing N N 183 
LEU CG  CD1  sing N N 184 
LEU CG  CD2  sing N N 185 
LEU CG  HG   sing N N 186 
LEU CD1 HD11 sing N N 187 
LEU CD1 HD12 sing N N 188 
LEU CD1 HD13 sing N N 189 
LEU CD2 HD21 sing N N 190 
LEU CD2 HD22 sing N N 191 
LEU CD2 HD23 sing N N 192 
LEU OXT HXT  sing N N 193 
LYS N   CA   sing N N 194 
LYS N   H    sing N N 195 
LYS N   H2   sing N N 196 
LYS CA  C    sing N N 197 
LYS CA  CB   sing N N 198 
LYS CA  HA   sing N N 199 
LYS C   O    doub N N 200 
LYS C   OXT  sing N N 201 
LYS CB  CG   sing N N 202 
LYS CB  HB2  sing N N 203 
LYS CB  HB3  sing N N 204 
LYS CG  CD   sing N N 205 
LYS CG  HG2  sing N N 206 
LYS CG  HG3  sing N N 207 
LYS CD  CE   sing N N 208 
LYS CD  HD2  sing N N 209 
LYS CD  HD3  sing N N 210 
LYS CE  NZ   sing N N 211 
LYS CE  HE2  sing N N 212 
LYS CE  HE3  sing N N 213 
LYS NZ  HZ1  sing N N 214 
LYS NZ  HZ2  sing N N 215 
LYS NZ  HZ3  sing N N 216 
LYS OXT HXT  sing N N 217 
MET N   CA   sing N N 218 
MET N   H    sing N N 219 
MET N   H2   sing N N 220 
MET CA  C    sing N N 221 
MET CA  CB   sing N N 222 
MET CA  HA   sing N N 223 
MET C   O    doub N N 224 
MET C   OXT  sing N N 225 
MET CB  CG   sing N N 226 
MET CB  HB2  sing N N 227 
MET CB  HB3  sing N N 228 
MET CG  SD   sing N N 229 
MET CG  HG2  sing N N 230 
MET CG  HG3  sing N N 231 
MET SD  CE   sing N N 232 
MET CE  HE1  sing N N 233 
MET CE  HE2  sing N N 234 
MET CE  HE3  sing N N 235 
MET OXT HXT  sing N N 236 
PHE N   CA   sing N N 237 
PHE N   H    sing N N 238 
PHE N   H2   sing N N 239 
PHE CA  C    sing N N 240 
PHE CA  CB   sing N N 241 
PHE CA  HA   sing N N 242 
PHE C   O    doub N N 243 
PHE C   OXT  sing N N 244 
PHE CB  CG   sing N N 245 
PHE CB  HB2  sing N N 246 
PHE CB  HB3  sing N N 247 
PHE CG  CD1  doub Y N 248 
PHE CG  CD2  sing Y N 249 
PHE CD1 CE1  sing Y N 250 
PHE CD1 HD1  sing N N 251 
PHE CD2 CE2  doub Y N 252 
PHE CD2 HD2  sing N N 253 
PHE CE1 CZ   doub Y N 254 
PHE CE1 HE1  sing N N 255 
PHE CE2 CZ   sing Y N 256 
PHE CE2 HE2  sing N N 257 
PHE CZ  HZ   sing N N 258 
PHE OXT HXT  sing N N 259 
PRO N   CA   sing N N 260 
PRO N   CD   sing N N 261 
PRO N   H    sing N N 262 
PRO CA  C    sing N N 263 
PRO CA  CB   sing N N 264 
PRO CA  HA   sing N N 265 
PRO C   O    doub N N 266 
PRO C   OXT  sing N N 267 
PRO CB  CG   sing N N 268 
PRO CB  HB2  sing N N 269 
PRO CB  HB3  sing N N 270 
PRO CG  CD   sing N N 271 
PRO CG  HG2  sing N N 272 
PRO CG  HG3  sing N N 273 
PRO CD  HD2  sing N N 274 
PRO CD  HD3  sing N N 275 
PRO OXT HXT  sing N N 276 
SER N   CA   sing N N 277 
SER N   H    sing N N 278 
SER N   H2   sing N N 279 
SER CA  C    sing N N 280 
SER CA  CB   sing N N 281 
SER CA  HA   sing N N 282 
SER C   O    doub N N 283 
SER C   OXT  sing N N 284 
SER CB  OG   sing N N 285 
SER CB  HB2  sing N N 286 
SER CB  HB3  sing N N 287 
SER OG  HG   sing N N 288 
SER OXT HXT  sing N N 289 
THR N   CA   sing N N 290 
THR N   H    sing N N 291 
THR N   H2   sing N N 292 
THR CA  C    sing N N 293 
THR CA  CB   sing N N 294 
THR CA  HA   sing N N 295 
THR C   O    doub N N 296 
THR C   OXT  sing N N 297 
THR CB  OG1  sing N N 298 
THR CB  CG2  sing N N 299 
THR CB  HB   sing N N 300 
THR OG1 HG1  sing N N 301 
THR CG2 HG21 sing N N 302 
THR CG2 HG22 sing N N 303 
THR CG2 HG23 sing N N 304 
THR OXT HXT  sing N N 305 
TRP N   CA   sing N N 306 
TRP N   H    sing N N 307 
TRP N   H2   sing N N 308 
TRP CA  C    sing N N 309 
TRP CA  CB   sing N N 310 
TRP CA  HA   sing N N 311 
TRP C   O    doub N N 312 
TRP C   OXT  sing N N 313 
TRP CB  CG   sing N N 314 
TRP CB  HB2  sing N N 315 
TRP CB  HB3  sing N N 316 
TRP CG  CD1  doub Y N 317 
TRP CG  CD2  sing Y N 318 
TRP CD1 NE1  sing Y N 319 
TRP CD1 HD1  sing N N 320 
TRP CD2 CE2  doub Y N 321 
TRP CD2 CE3  sing Y N 322 
TRP NE1 CE2  sing Y N 323 
TRP NE1 HE1  sing N N 324 
TRP CE2 CZ2  sing Y N 325 
TRP CE3 CZ3  doub Y N 326 
TRP CE3 HE3  sing N N 327 
TRP CZ2 CH2  doub Y N 328 
TRP CZ2 HZ2  sing N N 329 
TRP CZ3 CH2  sing Y N 330 
TRP CZ3 HZ3  sing N N 331 
TRP CH2 HH2  sing N N 332 
TRP OXT HXT  sing N N 333 
TYR N   CA   sing N N 334 
TYR N   H    sing N N 335 
TYR N   H2   sing N N 336 
TYR CA  C    sing N N 337 
TYR CA  CB   sing N N 338 
TYR CA  HA   sing N N 339 
TYR C   O    doub N N 340 
TYR C   OXT  sing N N 341 
TYR CB  CG   sing N N 342 
TYR CB  HB2  sing N N 343 
TYR CB  HB3  sing N N 344 
TYR CG  CD1  doub Y N 345 
TYR CG  CD2  sing Y N 346 
TYR CD1 CE1  sing Y N 347 
TYR CD1 HD1  sing N N 348 
TYR CD2 CE2  doub Y N 349 
TYR CD2 HD2  sing N N 350 
TYR CE1 CZ   doub Y N 351 
TYR CE1 HE1  sing N N 352 
TYR CE2 CZ   sing Y N 353 
TYR CE2 HE2  sing N N 354 
TYR CZ  OH   sing N N 355 
TYR OH  HH   sing N N 356 
TYR OXT HXT  sing N N 357 
VAL N   CA   sing N N 358 
VAL N   H    sing N N 359 
VAL N   H2   sing N N 360 
VAL CA  C    sing N N 361 
VAL CA  CB   sing N N 362 
VAL CA  HA   sing N N 363 
VAL C   O    doub N N 364 
VAL C   OXT  sing N N 365 
VAL CB  CG1  sing N N 366 
VAL CB  CG2  sing N N 367 
VAL CB  HB   sing N N 368 
VAL CG1 HG11 sing N N 369 
VAL CG1 HG12 sing N N 370 
VAL CG1 HG13 sing N N 371 
VAL CG2 HG21 sing N N 372 
VAL CG2 HG22 sing N N 373 
VAL CG2 HG23 sing N N 374 
VAL OXT HXT  sing N N 375 
# 
_pdbx_initial_refinement_model.id               1 
_pdbx_initial_refinement_model.entity_id_list   ? 
_pdbx_initial_refinement_model.type             'experimental model' 
_pdbx_initial_refinement_model.source_name      PDB 
_pdbx_initial_refinement_model.accession_code   1BFT 
_pdbx_initial_refinement_model.details          'pdb id 1bft' 
# 
_atom_sites.entry_id                    1MY5 
_atom_sites.fract_transf_matrix[1][1]   0.00361845 
_atom_sites.fract_transf_matrix[1][2]   0.00892582 
_atom_sites.fract_transf_matrix[1][3]   -0.01490613 
_atom_sites.fract_transf_matrix[2][1]   0.01300889 
_atom_sites.fract_transf_matrix[2][2]   -0.00274285 
_atom_sites.fract_transf_matrix[2][3]   0.00151548 
_atom_sites.fract_transf_matrix[3][1]   -0.00105552 
_atom_sites.fract_transf_matrix[3][2]   -0.00769295 
_atom_sites.fract_transf_matrix[3][3]   -0.00486278 
_atom_sites.fract_transf_vector[1]      0.407176 
_atom_sites.fract_transf_vector[2]      0.269949 
_atom_sites.fract_transf_vector[3]      0.387985 
# 
loop_
_atom_type.symbol 
C 
N 
O 
S 
# 
loop_
_atom_site.group_PDB 
_atom_site.id 
_atom_site.type_symbol 
_atom_site.label_atom_id 
_atom_site.label_alt_id 
_atom_site.label_comp_id 
_atom_site.label_asym_id 
_atom_site.label_entity_id 
_atom_site.label_seq_id 
_atom_site.pdbx_PDB_ins_code 
_atom_site.Cartn_x 
_atom_site.Cartn_y 
_atom_site.Cartn_z 
_atom_site.occupancy 
_atom_site.B_iso_or_equiv 
_atom_site.pdbx_formal_charge 
_atom_site.auth_seq_id 
_atom_site.auth_comp_id 
_atom_site.auth_asym_id 
_atom_site.auth_atom_id 
_atom_site.pdbx_PDB_model_num 
ATOM   1    N N   . THR A 1 1   ? 21.622  -6.908  -7.044  1.00 69.75 ? 191 THR A N   1 
ATOM   2    C CA  . THR A 1 1   ? 20.650  -7.555  -6.116  1.00 71.07 ? 191 THR A CA  1 
ATOM   3    C C   . THR A 1 1   ? 21.338  -8.617  -5.261  1.00 70.61 ? 191 THR A C   1 
ATOM   4    O O   . THR A 1 1   ? 22.072  -9.464  -5.775  1.00 71.34 ? 191 THR A O   1 
ATOM   5    C CB  . THR A 1 1   ? 19.490  -8.214  -6.898  1.00 71.47 ? 191 THR A CB  1 
ATOM   6    O OG1 . THR A 1 1   ? 18.595  -8.858  -5.983  1.00 72.19 ? 191 THR A OG1 1 
ATOM   7    C CG2 . THR A 1 1   ? 20.024  -9.241  -7.887  1.00 72.30 ? 191 THR A CG2 1 
ATOM   8    N N   . ALA A 1 2   ? 21.099  -8.566  -3.954  1.00 68.80 ? 192 ALA A N   1 
ATOM   9    C CA  . ALA A 1 2   ? 21.698  -9.523  -3.032  1.00 66.95 ? 192 ALA A CA  1 
ATOM   10   C C   . ALA A 1 2   ? 20.739  -9.875  -1.897  1.00 64.60 ? 192 ALA A C   1 
ATOM   11   O O   . ALA A 1 2   ? 20.426  -11.045 -1.680  1.00 64.50 ? 192 ALA A O   1 
ATOM   12   C CB  . ALA A 1 2   ? 22.999  -8.957  -2.465  1.00 67.71 ? 192 ALA A CB  1 
ATOM   13   N N   . GLU A 1 3   ? 20.279  -8.857  -1.176  1.00 61.08 ? 193 GLU A N   1 
ATOM   14   C CA  . GLU A 1 3   ? 19.363  -9.068  -0.063  1.00 56.55 ? 193 GLU A CA  1 
ATOM   15   C C   . GLU A 1 3   ? 18.251  -8.024  0.006   1.00 50.62 ? 193 GLU A C   1 
ATOM   16   O O   . GLU A 1 3   ? 17.143  -8.327  0.450   1.00 52.25 ? 193 GLU A O   1 
ATOM   17   C CB  . GLU A 1 3   ? 20.148  -9.111  1.251   1.00 60.03 ? 193 GLU A CB  1 
ATOM   18   C CG  . GLU A 1 3   ? 21.234  -8.058  1.369   1.00 65.58 ? 193 GLU A CG  1 
ATOM   19   C CD  . GLU A 1 3   ? 22.298  -8.440  2.380   1.00 69.16 ? 193 GLU A CD  1 
ATOM   20   O OE1 . GLU A 1 3   ? 21.958  -8.624  3.567   1.00 71.24 ? 193 GLU A OE1 1 
ATOM   21   O OE2 . GLU A 1 3   ? 23.477  -8.563  1.983   1.00 70.98 ? 193 GLU A OE2 1 
ATOM   22   N N   . LEU A 1 4   ? 18.540  -6.800  -0.430  1.00 41.88 ? 194 LEU A N   1 
ATOM   23   C CA  . LEU A 1 4   ? 17.528  -5.746  -0.430  1.00 33.56 ? 194 LEU A CA  1 
ATOM   24   C C   . LEU A 1 4   ? 16.708  -5.897  -1.701  1.00 30.00 ? 194 LEU A C   1 
ATOM   25   O O   . LEU A 1 4   ? 17.259  -5.903  -2.799  1.00 24.92 ? 194 LEU A O   1 
ATOM   26   C CB  . LEU A 1 4   ? 18.179  -4.360  -0.399  1.00 36.68 ? 194 LEU A CB  1 
ATOM   27   C CG  . LEU A 1 4   ? 18.720  -3.860  0.944   1.00 35.80 ? 194 LEU A CG  1 
ATOM   28   C CD1 . LEU A 1 4   ? 19.713  -4.852  1.510   1.00 44.02 ? 194 LEU A CD1 1 
ATOM   29   C CD2 . LEU A 1 4   ? 19.379  -2.505  0.746   1.00 38.33 ? 194 LEU A CD2 1 
ATOM   30   N N   . LYS A 1 5   ? 15.393  -6.015  -1.558  1.00 25.25 ? 195 LYS A N   1 
ATOM   31   C CA  . LYS A 1 5   ? 14.534  -6.191  -2.718  1.00 24.19 ? 195 LYS A CA  1 
ATOM   32   C C   . LYS A 1 5   ? 13.128  -5.618  -2.555  1.00 23.35 ? 195 LYS A C   1 
ATOM   33   O O   . LYS A 1 5   ? 12.435  -5.902  -1.572  1.00 22.25 ? 195 LYS A O   1 
ATOM   34   C CB  . LYS A 1 5   ? 14.432  -7.682  -3.047  1.00 29.06 ? 195 LYS A CB  1 
ATOM   35   C CG  . LYS A 1 5   ? 13.435  -8.025  -4.139  1.00 32.96 ? 195 LYS A CG  1 
ATOM   36   C CD  . LYS A 1 5   ? 13.281  -9.533  -4.274  1.00 38.76 ? 195 LYS A CD  1 
ATOM   37   C CE  . LYS A 1 5   ? 12.320  -9.905  -5.389  1.00 41.78 ? 195 LYS A CE  1 
ATOM   38   N NZ  . LYS A 1 5   ? 12.076  -11.376 -5.429  1.00 45.47 ? 195 LYS A NZ  1 
ATOM   39   N N   . ILE A 1 6   ? 12.716  -4.807  -3.521  1.00 23.10 ? 196 ILE A N   1 
ATOM   40   C CA  . ILE A 1 6   ? 11.380  -4.233  -3.513  1.00 23.99 ? 196 ILE A CA  1 
ATOM   41   C C   . ILE A 1 6   ? 10.514  -5.239  -4.260  1.00 23.71 ? 196 ILE A C   1 
ATOM   42   O O   . ILE A 1 6   ? 10.776  -5.543  -5.422  1.00 24.40 ? 196 ILE A O   1 
ATOM   43   C CB  . ILE A 1 6   ? 11.338  -2.890  -4.251  1.00 22.93 ? 196 ILE A CB  1 
ATOM   44   C CG1 . ILE A 1 6   ? 12.249  -1.884  -3.542  1.00 21.30 ? 196 ILE A CG1 1 
ATOM   45   C CG2 . ILE A 1 6   ? 9.898   -2.382  -4.311  1.00 23.28 ? 196 ILE A CG2 1 
ATOM   46   C CD1 . ILE A 1 6   ? 12.438  -0.585  -4.301  1.00 23.91 ? 196 ILE A CD1 1 
ATOM   47   N N   . CYS A 1 7   ? 9.488   -5.762  -3.596  1.00 21.92 ? 197 CYS A N   1 
ATOM   48   C CA  . CYS A 1 7   ? 8.624   -6.757  -4.218  1.00 21.01 ? 197 CYS A CA  1 
ATOM   49   C C   . CYS A 1 7   ? 7.392   -6.177  -4.890  1.00 21.37 ? 197 CYS A C   1 
ATOM   50   O O   . CYS A 1 7   ? 6.961   -6.677  -5.928  1.00 20.39 ? 197 CYS A O   1 
ATOM   51   C CB  . CYS A 1 7   ? 8.192   -7.793  -3.185  1.00 23.76 ? 197 CYS A CB  1 
ATOM   52   S SG  . CYS A 1 7   ? 9.576   -8.618  -2.383  1.00 27.53 ? 197 CYS A SG  1 
ATOM   53   N N   . ARG A 1 8   ? 6.822   -5.128  -4.305  1.00 21.59 ? 198 ARG A N   1 
ATOM   54   C CA  . ARG A 1 8   ? 5.628   -4.518  -4.881  1.00 18.86 ? 198 ARG A CA  1 
ATOM   55   C C   . ARG A 1 8   ? 5.324   -3.168  -4.243  1.00 17.07 ? 198 ARG A C   1 
ATOM   56   O O   . ARG A 1 8   ? 5.691   -2.927  -3.096  1.00 17.33 ? 198 ARG A O   1 
ATOM   57   C CB  . ARG A 1 8   ? 4.416   -5.442  -4.691  1.00 23.69 ? 198 ARG A CB  1 
ATOM   58   C CG  . ARG A 1 8   ? 3.229   -5.047  -5.564  1.00 26.12 ? 198 ARG A CG  1 
ATOM   59   C CD  . ARG A 1 8   ? 1.876   -5.376  -4.964  1.00 31.07 ? 198 ARG A CD  1 
ATOM   60   N NE  . ARG A 1 8   ? 1.583   -6.799  -4.903  1.00 33.29 ? 198 ARG A NE  1 
ATOM   61   C CZ  . ARG A 1 8   ? 0.513   -7.365  -5.457  1.00 33.70 ? 198 ARG A CZ  1 
ATOM   62   N NH1 . ARG A 1 8   ? 0.317   -8.670  -5.340  1.00 29.46 ? 198 ARG A NH1 1 
ATOM   63   N NH2 . ARG A 1 8   ? -0.356  -6.635  -6.143  1.00 35.76 ? 198 ARG A NH2 1 
ATOM   64   N N   . VAL A 1 9   ? 4.663   -2.292  -4.995  1.00 16.18 ? 199 VAL A N   1 
ATOM   65   C CA  . VAL A 1 9   ? 4.273   -0.975  -4.494  1.00 15.97 ? 199 VAL A CA  1 
ATOM   66   C C   . VAL A 1 9   ? 2.837   -0.669  -4.921  1.00 17.81 ? 199 VAL A C   1 
ATOM   67   O O   . VAL A 1 9   ? 2.339   -1.225  -5.896  1.00 16.04 ? 199 VAL A O   1 
ATOM   68   C CB  . VAL A 1 9   ? 5.197   0.152   -5.023  1.00 18.06 ? 199 VAL A CB  1 
ATOM   69   C CG1 . VAL A 1 9   ? 6.606   -0.047  -4.497  1.00 22.27 ? 199 VAL A CG1 1 
ATOM   70   C CG2 . VAL A 1 9   ? 5.197   0.167   -6.546  1.00 20.28 ? 199 VAL A CG2 1 
ATOM   71   N N   . ASN A 1 10  ? 2.172   0.221   -4.195  1.00 15.99 ? 200 ASN A N   1 
ATOM   72   C CA  . ASN A 1 10  ? 0.793   0.566   -4.520  1.00 17.82 ? 200 ASN A CA  1 
ATOM   73   C C   . ASN A 1 10  ? 0.710   1.545   -5.688  1.00 18.17 ? 200 ASN A C   1 
ATOM   74   O O   . ASN A 1 10  ? -0.293  1.602   -6.393  1.00 15.04 ? 200 ASN A O   1 
ATOM   75   C CB  . ASN A 1 10  ? 0.090   1.143   -3.288  1.00 19.42 ? 200 ASN A CB  1 
ATOM   76   C CG  . ASN A 1 10  ? 0.700   2.450   -2.829  1.00 17.86 ? 200 ASN A CG  1 
ATOM   77   O OD1 . ASN A 1 10  ? 1.918   2.592   -2.776  1.00 19.07 ? 200 ASN A OD1 1 
ATOM   78   N ND2 . ASN A 1 10  ? -0.148  3.406   -2.481  1.00 21.74 ? 200 ASN A ND2 1 
ATOM   79   N N   . ARG A 1 11  ? 1.760   2.323   -5.900  1.00 18.64 ? 201 ARG A N   1 
ATOM   80   C CA  . ARG A 1 11  ? 1.758   3.254   -7.023  1.00 21.17 ? 201 ARG A CA  1 
ATOM   81   C C   . ARG A 1 11  ? 3.189   3.568   -7.421  1.00 18.74 ? 201 ARG A C   1 
ATOM   82   O O   . ARG A 1 11  ? 4.095   3.529   -6.588  1.00 20.32 ? 201 ARG A O   1 
ATOM   83   C CB  . ARG A 1 11  ? 1.020   4.550   -6.673  1.00 23.90 ? 201 ARG A CB  1 
ATOM   84   C CG  . ARG A 1 11  ? 1.767   5.463   -5.729  1.00 24.35 ? 201 ARG A CG  1 
ATOM   85   C CD  . ARG A 1 11  ? 1.399   6.912   -5.993  1.00 32.62 ? 201 ARG A CD  1 
ATOM   86   N NE  . ARG A 1 11  ? 0.247   7.360   -5.229  1.00 32.46 ? 201 ARG A NE  1 
ATOM   87   C CZ  . ARG A 1 11  ? -0.464  8.446   -5.514  1.00 31.43 ? 201 ARG A CZ  1 
ATOM   88   N NH1 . ARG A 1 11  ? -0.153  9.200   -6.559  1.00 27.84 ? 201 ARG A NH1 1 
ATOM   89   N NH2 . ARG A 1 11  ? -1.481  8.783   -4.741  1.00 29.05 ? 201 ARG A NH2 1 
ATOM   90   N N   . ASN A 1 12  ? 3.390   3.867   -8.697  1.00 19.53 ? 202 ASN A N   1 
ATOM   91   C CA  . ASN A 1 12  ? 4.722   4.184   -9.195  1.00 21.23 ? 202 ASN A CA  1 
ATOM   92   C C   . ASN A 1 12  ? 4.811   5.567   -9.839  1.00 16.79 ? 202 ASN A C   1 
ATOM   93   O O   . ASN A 1 12  ? 5.684   5.820   -10.666 1.00 15.45 ? 202 ASN A O   1 
ATOM   94   C CB  . ASN A 1 12  ? 5.193   3.111   -10.180 1.00 21.35 ? 202 ASN A CB  1 
ATOM   95   C CG  . ASN A 1 12  ? 4.227   2.896   -11.323 1.00 28.59 ? 202 ASN A CG  1 
ATOM   96   O OD1 . ASN A 1 12  ? 4.415   1.992   -12.138 1.00 36.93 ? 202 ASN A OD1 1 
ATOM   97   N ND2 . ASN A 1 12  ? 3.191   3.724   -11.397 1.00 28.74 ? 202 ASN A ND2 1 
ATOM   98   N N   . SER A 1 13  ? 3.903   6.456   -9.451  1.00 18.15 ? 203 SER A N   1 
ATOM   99   C CA  . SER A 1 13  ? 3.891   7.824   -9.956  1.00 19.22 ? 203 SER A CA  1 
ATOM   100  C C   . SER A 1 13  ? 3.272   8.694   -8.877  1.00 21.09 ? 203 SER A C   1 
ATOM   101  O O   . SER A 1 13  ? 2.517   8.205   -8.037  1.00 21.32 ? 203 SER A O   1 
ATOM   102  C CB  . SER A 1 13  ? 3.063   7.936   -11.239 1.00 21.92 ? 203 SER A CB  1 
ATOM   103  O OG  . SER A 1 13  ? 1.679   7.808   -10.961 1.00 23.62 ? 203 SER A OG  1 
ATOM   104  N N   . GLY A 1 14  ? 3.600   9.980   -8.892  1.00 19.02 ? 204 GLY A N   1 
ATOM   105  C CA  . GLY A 1 14  ? 3.051   10.886  -7.902  1.00 18.66 ? 204 GLY A CA  1 
ATOM   106  C C   . GLY A 1 14  ? 3.447   12.318  -8.185  1.00 18.02 ? 204 GLY A C   1 
ATOM   107  O O   . GLY A 1 14  ? 4.183   12.595  -9.131  1.00 19.01 ? 204 GLY A O   1 
ATOM   108  N N   . SER A 1 15  ? 2.969   13.228  -7.344  1.00 19.30 ? 205 SER A N   1 
ATOM   109  C CA  . SER A 1 15  ? 3.250   14.652  -7.485  1.00 18.50 ? 205 SER A CA  1 
ATOM   110  C C   . SER A 1 15  ? 4.708   15.033  -7.284  1.00 18.08 ? 205 SER A C   1 
ATOM   111  O O   . SER A 1 15  ? 5.371   14.538  -6.371  1.00 17.89 ? 205 SER A O   1 
ATOM   112  C CB  . SER A 1 15  ? 2.408   15.448  -6.490  1.00 20.08 ? 205 SER A CB  1 
ATOM   113  O OG  . SER A 1 15  ? 2.848   16.796  -6.424  1.00 20.07 ? 205 SER A OG  1 
ATOM   114  N N   . CYS A 1 16  ? 5.194   15.930  -8.136  1.00 15.42 ? 206 CYS A N   1 
ATOM   115  C CA  . CYS A 1 16  ? 6.563   16.425  -8.035  1.00 18.79 ? 206 CYS A CA  1 
ATOM   116  C C   . CYS A 1 16  ? 6.733   17.178  -6.710  1.00 18.54 ? 206 CYS A C   1 
ATOM   117  O O   . CYS A 1 16  ? 7.851   17.478  -6.293  1.00 19.06 ? 206 CYS A O   1 
ATOM   118  C CB  . CYS A 1 16  ? 6.880   17.362  -9.209  1.00 20.19 ? 206 CYS A CB  1 
ATOM   119  S SG  . CYS A 1 16  ? 5.817   18.841  -9.329  1.00 22.27 ? 206 CYS A SG  1 
ATOM   120  N N   . LEU A 1 17  ? 5.622   17.484  -6.049  1.00 19.23 ? 207 LEU A N   1 
ATOM   121  C CA  . LEU A 1 17  ? 5.682   18.192  -4.774  1.00 18.64 ? 207 LEU A CA  1 
ATOM   122  C C   . LEU A 1 17  ? 5.866   17.212  -3.612  1.00 20.32 ? 207 LEU A C   1 
ATOM   123  O O   . LEU A 1 17  ? 6.047   17.619  -2.460  1.00 18.69 ? 207 LEU A O   1 
ATOM   124  C CB  . LEU A 1 17  ? 4.406   19.016  -4.570  1.00 23.88 ? 207 LEU A CB  1 
ATOM   125  C CG  . LEU A 1 17  ? 4.163   20.133  -5.591  1.00 26.37 ? 207 LEU A CG  1 
ATOM   126  C CD1 . LEU A 1 17  ? 2.812   20.783  -5.340  1.00 27.05 ? 207 LEU A CD1 1 
ATOM   127  C CD2 . LEU A 1 17  ? 5.278   21.165  -5.499  1.00 27.95 ? 207 LEU A CD2 1 
ATOM   128  N N   . GLY A 1 18  ? 5.816   15.920  -3.928  1.00 18.17 ? 208 GLY A N   1 
ATOM   129  C CA  . GLY A 1 18  ? 5.975   14.890  -2.914  1.00 18.83 ? 208 GLY A CA  1 
ATOM   130  C C   . GLY A 1 18  ? 4.790   14.802  -1.970  1.00 21.15 ? 208 GLY A C   1 
ATOM   131  O O   . GLY A 1 18  ? 3.756   15.434  -2.198  1.00 20.10 ? 208 GLY A O   1 
ATOM   132  N N   . GLY A 1 19  ? 4.936   14.015  -0.909  1.00 18.63 ? 209 GLY A N   1 
ATOM   133  C CA  . GLY A 1 19  ? 3.863   13.880  0.063   1.00 19.98 ? 209 GLY A CA  1 
ATOM   134  C C   . GLY A 1 19  ? 2.854   12.779  -0.217  1.00 19.46 ? 209 GLY A C   1 
ATOM   135  O O   . GLY A 1 19  ? 1.851   12.668  0.489   1.00 19.20 ? 209 GLY A O   1 
ATOM   136  N N   . ASP A 1 20  ? 3.105   11.966  -1.241  1.00 16.55 ? 210 ASP A N   1 
ATOM   137  C CA  . ASP A 1 20  ? 2.192   10.873  -1.577  1.00 15.84 ? 210 ASP A CA  1 
ATOM   138  C C   . ASP A 1 20  ? 2.525   9.640   -0.745  1.00 17.27 ? 210 ASP A C   1 
ATOM   139  O O   . ASP A 1 20  ? 3.692   9.291   -0.585  1.00 16.55 ? 210 ASP A O   1 
ATOM   140  C CB  . ASP A 1 20  ? 2.303   10.530  -3.066  1.00 16.68 ? 210 ASP A CB  1 
ATOM   141  C CG  . ASP A 1 20  ? 1.777   11.638  -3.958  1.00 18.67 ? 210 ASP A CG  1 
ATOM   142  O OD1 . ASP A 1 20  ? 2.462   11.980  -4.940  1.00 19.17 ? 210 ASP A OD1 1 
ATOM   143  O OD2 . ASP A 1 20  ? 0.674   12.165  -3.680  1.00 18.84 ? 210 ASP A OD2 1 
ATOM   144  N N   . GLU A 1 21  ? 1.501   8.976   -0.221  1.00 14.38 ? 211 GLU A N   1 
ATOM   145  C CA  . GLU A 1 21  ? 1.730   7.793   0.601   1.00 16.36 ? 211 GLU A CA  1 
ATOM   146  C C   . GLU A 1 21  ? 1.986   6.564   -0.255  1.00 17.60 ? 211 GLU A C   1 
ATOM   147  O O   . GLU A 1 21  ? 1.199   6.238   -1.149  1.00 17.74 ? 211 GLU A O   1 
ATOM   148  C CB  . GLU A 1 21  ? 0.540   7.540   1.520   1.00 18.28 ? 211 GLU A CB  1 
ATOM   149  C CG  . GLU A 1 21  ? 0.761   6.391   2.491   1.00 18.96 ? 211 GLU A CG  1 
ATOM   150  C CD  . GLU A 1 21  ? -0.357  6.277   3.502   1.00 26.79 ? 211 GLU A CD  1 
ATOM   151  O OE1 . GLU A 1 21  ? -1.485  5.925   3.100   1.00 25.10 ? 211 GLU A OE1 1 
ATOM   152  O OE2 . GLU A 1 21  ? -0.108  6.551   4.696   1.00 22.69 ? 211 GLU A OE2 1 
ATOM   153  N N   . ILE A 1 22  ? 3.095   5.891   0.027   1.00 17.76 ? 212 ILE A N   1 
ATOM   154  C CA  . ILE A 1 22  ? 3.481   4.701   -0.712  1.00 19.86 ? 212 ILE A CA  1 
ATOM   155  C C   . ILE A 1 22  ? 3.563   3.480   0.186   1.00 17.83 ? 212 ILE A C   1 
ATOM   156  O O   . ILE A 1 22  ? 4.165   3.522   1.262   1.00 18.90 ? 212 ILE A O   1 
ATOM   157  C CB  . ILE A 1 22  ? 4.879   4.857   -1.361  1.00 18.00 ? 212 ILE A CB  1 
ATOM   158  C CG1 . ILE A 1 22  ? 4.926   6.106   -2.243  1.00 18.38 ? 212 ILE A CG1 1 
ATOM   159  C CG2 . ILE A 1 22  ? 5.218   3.606   -2.159  1.00 19.13 ? 212 ILE A CG2 1 
ATOM   160  C CD1 . ILE A 1 22  ? 3.953   6.094   -3.394  1.00 18.32 ? 212 ILE A CD1 1 
ATOM   161  N N   . PHE A 1 23  ? 2.952   2.392   -0.260  1.00 18.29 ? 213 PHE A N   1 
ATOM   162  C CA  . PHE A 1 23  ? 3.022   1.133   0.470   1.00 18.09 ? 213 PHE A CA  1 
ATOM   163  C C   . PHE A 1 23  ? 4.017   0.304   -0.331  1.00 17.00 ? 213 PHE A C   1 
ATOM   164  O O   . PHE A 1 23  ? 3.782   0.010   -1.496  1.00 17.61 ? 213 PHE A O   1 
ATOM   165  C CB  . PHE A 1 23  ? 1.663   0.434   0.504   1.00 15.94 ? 213 PHE A CB  1 
ATOM   166  C CG  . PHE A 1 23  ? 0.772   0.897   1.624   1.00 18.90 ? 213 PHE A CG  1 
ATOM   167  C CD1 . PHE A 1 23  ? 0.327   2.213   1.679   1.00 20.96 ? 213 PHE A CD1 1 
ATOM   168  C CD2 . PHE A 1 23  ? 0.394   0.017   2.635   1.00 19.62 ? 213 PHE A CD2 1 
ATOM   169  C CE1 . PHE A 1 23  ? -0.487  2.652   2.727   1.00 21.16 ? 213 PHE A CE1 1 
ATOM   170  C CE2 . PHE A 1 23  ? -0.417  0.441   3.686   1.00 23.09 ? 213 PHE A CE2 1 
ATOM   171  C CZ  . PHE A 1 23  ? -0.859  1.761   3.734   1.00 18.89 ? 213 PHE A CZ  1 
ATOM   172  N N   . LEU A 1 24  ? 5.138   -0.050  0.289   1.00 17.74 ? 214 LEU A N   1 
ATOM   173  C CA  . LEU A 1 24  ? 6.169   -0.828  -0.389  1.00 17.48 ? 214 LEU A CA  1 
ATOM   174  C C   . LEU A 1 24  ? 6.402   -2.144  0.344   1.00 17.59 ? 214 LEU A C   1 
ATOM   175  O O   . LEU A 1 24  ? 6.698   -2.147  1.536   1.00 18.82 ? 214 LEU A O   1 
ATOM   176  C CB  . LEU A 1 24  ? 7.462   -0.004  -0.450  1.00 18.03 ? 214 LEU A CB  1 
ATOM   177  C CG  . LEU A 1 24  ? 8.719   -0.533  -1.147  1.00 17.66 ? 214 LEU A CG  1 
ATOM   178  C CD1 . LEU A 1 24  ? 9.657   0.636   -1.420  1.00 19.87 ? 214 LEU A CD1 1 
ATOM   179  C CD2 . LEU A 1 24  ? 9.409   -1.585  -0.284  1.00 19.57 ? 214 LEU A CD2 1 
ATOM   180  N N   . LEU A 1 25  ? 6.242   -3.259  -0.367  1.00 15.58 ? 215 LEU A N   1 
ATOM   181  C CA  . LEU A 1 25  ? 6.459   -4.580  0.219   1.00 15.55 ? 215 LEU A CA  1 
ATOM   182  C C   . LEU A 1 25  ? 7.872   -4.992  -0.157  1.00 18.00 ? 215 LEU A C   1 
ATOM   183  O O   . LEU A 1 25  ? 8.280   -4.845  -1.310  1.00 16.72 ? 215 LEU A O   1 
ATOM   184  C CB  . LEU A 1 25  ? 5.450   -5.588  -0.333  1.00 17.70 ? 215 LEU A CB  1 
ATOM   185  C CG  . LEU A 1 25  ? 3.980   -5.160  -0.244  1.00 18.94 ? 215 LEU A CG  1 
ATOM   186  C CD1 . LEU A 1 25  ? 3.090   -6.310  -0.679  1.00 20.04 ? 215 LEU A CD1 1 
ATOM   187  C CD2 . LEU A 1 25  ? 3.639   -4.743  1.180   1.00 21.15 ? 215 LEU A CD2 1 
ATOM   188  N N   . CYS A 1 26  ? 8.619   -5.511  0.810   1.00 17.09 ? 216 CYS A N   1 
ATOM   189  C CA  . CYS A 1 26  ? 10.005  -5.884  0.550   1.00 18.55 ? 216 CYS A CA  1 
ATOM   190  C C   . CYS A 1 26  ? 10.435  -7.121  1.309   1.00 22.30 ? 216 CYS A C   1 
ATOM   191  O O   . CYS A 1 26  ? 9.670   -7.680  2.098   1.00 20.40 ? 216 CYS A O   1 
ATOM   192  C CB  . CYS A 1 26  ? 10.911  -4.723  0.951   1.00 17.56 ? 216 CYS A CB  1 
ATOM   193  S SG  . CYS A 1 26  ? 10.641  -4.144  2.660   1.00 21.30 ? 216 CYS A SG  1 
ATOM   194  N N   . ASP A 1 27  ? 11.668  -7.550  1.054   1.00 25.54 ? 217 ASP A N   1 
ATOM   195  C CA  . ASP A 1 27  ? 12.238  -8.685  1.764   1.00 26.32 ? 217 ASP A CA  1 
ATOM   196  C C   . ASP A 1 27  ? 12.634  -8.115  3.121   1.00 27.46 ? 217 ASP A C   1 
ATOM   197  O O   . ASP A 1 27  ? 12.645  -6.895  3.306   1.00 23.59 ? 217 ASP A O   1 
ATOM   198  C CB  . ASP A 1 27  ? 13.485  -9.214  1.047   1.00 30.30 ? 217 ASP A CB  1 
ATOM   199  C CG  . ASP A 1 27  ? 13.154  -10.185 -0.069  1.00 36.36 ? 217 ASP A CG  1 
ATOM   200  O OD1 . ASP A 1 27  ? 14.094  -10.646 -0.749  1.00 37.91 ? 217 ASP A OD1 1 
ATOM   201  O OD2 . ASP A 1 27  ? 11.961  -10.492 -0.265  1.00 41.04 ? 217 ASP A OD2 1 
ATOM   202  N N   . LYS A 1 28  ? 12.966  -8.997  4.058   1.00 25.96 ? 218 LYS A N   1 
ATOM   203  C CA  . LYS A 1 28  ? 13.345  -8.603  5.410   1.00 28.44 ? 218 LYS A CA  1 
ATOM   204  C C   . LYS A 1 28  ? 14.348  -7.453  5.500   1.00 27.55 ? 218 LYS A C   1 
ATOM   205  O O   . LYS A 1 28  ? 15.413  -7.482  4.883   1.00 25.08 ? 218 LYS A O   1 
ATOM   206  C CB  . LYS A 1 28  ? 13.900  -9.821  6.159   1.00 34.47 ? 218 LYS A CB  1 
ATOM   207  C CG  . LYS A 1 28  ? 14.291  -9.558  7.608   1.00 41.22 ? 218 LYS A CG  1 
ATOM   208  C CD  . LYS A 1 28  ? 14.796  -10.833 8.275   1.00 46.70 ? 218 LYS A CD  1 
ATOM   209  C CE  . LYS A 1 28  ? 15.280  -10.579 9.699   1.00 52.66 ? 218 LYS A CE  1 
ATOM   210  N NZ  . LYS A 1 28  ? 15.784  -11.827 10.349  1.00 54.25 ? 218 LYS A NZ  1 
ATOM   211  N N   . VAL A 1 29  ? 13.992  -6.439  6.280   1.00 25.86 ? 219 VAL A N   1 
ATOM   212  C CA  . VAL A 1 29  ? 14.850  -5.281  6.495   1.00 28.88 ? 219 VAL A CA  1 
ATOM   213  C C   . VAL A 1 29  ? 14.805  -4.953  7.984   1.00 27.67 ? 219 VAL A C   1 
ATOM   214  O O   . VAL A 1 29  ? 13.920  -5.421  8.698   1.00 30.42 ? 219 VAL A O   1 
ATOM   215  C CB  . VAL A 1 29  ? 14.354  -4.038  5.718   1.00 29.25 ? 219 VAL A CB  1 
ATOM   216  C CG1 . VAL A 1 29  ? 14.372  -4.311  4.226   1.00 31.05 ? 219 VAL A CG1 1 
ATOM   217  C CG2 . VAL A 1 29  ? 12.947  -3.661  6.180   1.00 28.77 ? 219 VAL A CG2 1 
ATOM   218  N N   . GLN A 1 30  ? 15.760  -4.156  8.447   1.00 28.82 ? 220 GLN A N   1 
ATOM   219  C CA  . GLN A 1 30  ? 15.801  -3.749  9.850   1.00 30.02 ? 220 GLN A CA  1 
ATOM   220  C C   . GLN A 1 30  ? 15.289  -2.316  9.893   1.00 28.24 ? 220 GLN A C   1 
ATOM   221  O O   . GLN A 1 30  ? 15.860  -1.433  9.255   1.00 25.60 ? 220 GLN A O   1 
ATOM   222  C CB  . GLN A 1 30  ? 17.235  -3.811  10.375  1.00 32.99 ? 220 GLN A CB  1 
ATOM   223  C CG  . GLN A 1 30  ? 17.894  -5.168  10.204  1.00 41.38 ? 220 GLN A CG  1 
ATOM   224  C CD  . GLN A 1 30  ? 17.287  -6.237  11.091  1.00 45.59 ? 220 GLN A CD  1 
ATOM   225  O OE1 . GLN A 1 30  ? 16.074  -6.445  11.098  1.00 51.43 ? 220 GLN A OE1 1 
ATOM   226  N NE2 . GLN A 1 30  ? 18.135  -6.931  11.841  1.00 50.57 ? 220 GLN A NE2 1 
ATOM   227  N N   . LYS A 1 31  ? 14.215  -2.085  10.643  1.00 27.90 ? 221 LYS A N   1 
ATOM   228  C CA  . LYS A 1 31  ? 13.621  -0.751  10.722  1.00 28.80 ? 221 LYS A CA  1 
ATOM   229  C C   . LYS A 1 31  ? 14.580  0.383   11.072  1.00 29.30 ? 221 LYS A C   1 
ATOM   230  O O   . LYS A 1 31  ? 14.386  1.519   10.636  1.00 27.48 ? 221 LYS A O   1 
ATOM   231  C CB  . LYS A 1 31  ? 12.437  -0.753  11.697  1.00 27.58 ? 221 LYS A CB  1 
ATOM   232  C CG  . LYS A 1 31  ? 12.767  -1.060  13.144  1.00 32.02 ? 221 LYS A CG  1 
ATOM   233  C CD  . LYS A 1 31  ? 11.482  -1.071  13.980  1.00 34.72 ? 221 LYS A CD  1 
ATOM   234  C CE  . LYS A 1 31  ? 11.757  -1.301  15.456  1.00 36.40 ? 221 LYS A CE  1 
ATOM   235  N NZ  . LYS A 1 31  ? 12.430  -2.608  15.704  1.00 42.49 ? 221 LYS A NZ  1 
ATOM   236  N N   . GLU A 1 32  ? 15.618  0.091   11.847  1.00 30.61 ? 222 GLU A N   1 
ATOM   237  C CA  . GLU A 1 32  ? 16.572  1.131   12.217  1.00 31.82 ? 222 GLU A CA  1 
ATOM   238  C C   . GLU A 1 32  ? 17.726  1.271   11.227  1.00 30.98 ? 222 GLU A C   1 
ATOM   239  O O   . GLU A 1 32  ? 18.593  2.128   11.392  1.00 31.72 ? 222 GLU A O   1 
ATOM   240  C CB  . GLU A 1 32  ? 17.126  0.878   13.626  1.00 36.11 ? 222 GLU A CB  1 
ATOM   241  C CG  . GLU A 1 32  ? 17.617  -0.542  13.902  1.00 40.09 ? 222 GLU A CG  1 
ATOM   242  C CD  . GLU A 1 32  ? 16.484  -1.546  14.044  1.00 43.22 ? 222 GLU A CD  1 
ATOM   243  O OE1 . GLU A 1 32  ? 16.179  -2.243  13.057  1.00 44.58 ? 222 GLU A OE1 1 
ATOM   244  O OE2 . GLU A 1 32  ? 15.892  -1.633  15.144  1.00 48.29 ? 222 GLU A OE2 1 
ATOM   245  N N   . ASP A 1 33  ? 17.727  0.445   10.186  1.00 29.59 ? 223 ASP A N   1 
ATOM   246  C CA  . ASP A 1 33  ? 18.799  0.490   9.193   1.00 26.96 ? 223 ASP A CA  1 
ATOM   247  C C   . ASP A 1 33  ? 18.227  0.295   7.788   1.00 25.97 ? 223 ASP A C   1 
ATOM   248  O O   . ASP A 1 33  ? 18.553  -0.669  7.092   1.00 24.08 ? 223 ASP A O   1 
ATOM   249  C CB  . ASP A 1 33  ? 19.833  -0.594  9.528   1.00 26.13 ? 223 ASP A CB  1 
ATOM   250  C CG  . ASP A 1 33  ? 21.072  -0.527  8.656   1.00 27.39 ? 223 ASP A CG  1 
ATOM   251  O OD1 . ASP A 1 33  ? 21.502  0.584   8.280   1.00 21.62 ? 223 ASP A OD1 1 
ATOM   252  O OD2 . ASP A 1 33  ? 21.634  -1.604  8.366   1.00 27.18 ? 223 ASP A OD2 1 
ATOM   253  N N   . ILE A 1 34  ? 17.363  1.219   7.379   1.00 24.80 ? 224 ILE A N   1 
ATOM   254  C CA  . ILE A 1 34  ? 16.749  1.138   6.062   1.00 23.59 ? 224 ILE A CA  1 
ATOM   255  C C   . ILE A 1 34  ? 16.179  2.486   5.635   1.00 25.01 ? 224 ILE A C   1 
ATOM   256  O O   . ILE A 1 34  ? 15.784  3.305   6.467   1.00 22.01 ? 224 ILE A O   1 
ATOM   257  C CB  . ILE A 1 34  ? 15.616  0.069   6.042   1.00 24.06 ? 224 ILE A CB  1 
ATOM   258  C CG1 . ILE A 1 34  ? 15.212  -0.245  4.601   1.00 23.88 ? 224 ILE A CG1 1 
ATOM   259  C CG2 . ILE A 1 34  ? 14.405  0.560   6.836   1.00 24.49 ? 224 ILE A CG2 1 
ATOM   260  C CD1 . ILE A 1 34  ? 16.295  -0.956  3.806   1.00 25.75 ? 224 ILE A CD1 1 
ATOM   261  N N   . GLU A 1 35  ? 16.161  2.722   4.329   1.00 22.84 ? 225 GLU A N   1 
ATOM   262  C CA  . GLU A 1 35  ? 15.615  3.962   3.795   1.00 23.84 ? 225 GLU A CA  1 
ATOM   263  C C   . GLU A 1 35  ? 15.196  3.758   2.348   1.00 20.44 ? 225 GLU A C   1 
ATOM   264  O O   . GLU A 1 35  ? 15.589  2.775   1.724   1.00 18.76 ? 225 GLU A O   1 
ATOM   265  C CB  . GLU A 1 35  ? 16.640  5.094   3.900   1.00 28.31 ? 225 GLU A CB  1 
ATOM   266  C CG  . GLU A 1 35  ? 18.070  4.685   3.619   1.00 36.80 ? 225 GLU A CG  1 
ATOM   267  C CD  . GLU A 1 35  ? 19.033  5.859   3.669   1.00 41.22 ? 225 GLU A CD  1 
ATOM   268  O OE1 . GLU A 1 35  ? 19.018  6.612   4.668   1.00 45.15 ? 225 GLU A OE1 1 
ATOM   269  O OE2 . GLU A 1 35  ? 19.809  6.024   2.707   1.00 42.22 ? 225 GLU A OE2 1 
ATOM   270  N N   . VAL A 1 36  ? 14.367  4.660   1.834   1.00 19.73 ? 226 VAL A N   1 
ATOM   271  C CA  . VAL A 1 36  ? 13.929  4.576   0.441   1.00 18.87 ? 226 VAL A CA  1 
ATOM   272  C C   . VAL A 1 36  ? 14.622  5.742   -0.244  1.00 19.63 ? 226 VAL A C   1 
ATOM   273  O O   . VAL A 1 36  ? 14.359  6.908   0.039   1.00 21.66 ? 226 VAL A O   1 
ATOM   274  C CB  . VAL A 1 36  ? 12.405  4.677   0.308   1.00 18.02 ? 226 VAL A CB  1 
ATOM   275  C CG1 . VAL A 1 36  ? 12.003  4.436   -1.143  1.00 19.29 ? 226 VAL A CG1 1 
ATOM   276  C CG2 . VAL A 1 36  ? 11.741  3.629   1.201   1.00 19.53 ? 226 VAL A CG2 1 
ATOM   277  N N   . TYR A 1 37  ? 15.527  5.383   -1.141  1.00 18.64 ? 227 TYR A N   1 
ATOM   278  C CA  . TYR A 1 37  ? 16.399  6.302   -1.858  1.00 18.57 ? 227 TYR A CA  1 
ATOM   279  C C   . TYR A 1 37  ? 15.956  6.618   -3.289  1.00 18.80 ? 227 TYR A C   1 
ATOM   280  O O   . TYR A 1 37  ? 15.909  5.730   -4.135  1.00 19.94 ? 227 TYR A O   1 
ATOM   281  C CB  . TYR A 1 37  ? 17.786  5.644   -1.839  1.00 23.88 ? 227 TYR A CB  1 
ATOM   282  C CG  . TYR A 1 37  ? 18.967  6.437   -2.336  1.00 26.45 ? 227 TYR A CG  1 
ATOM   283  C CD1 . TYR A 1 37  ? 19.260  7.700   -1.828  1.00 30.71 ? 227 TYR A CD1 1 
ATOM   284  C CD2 . TYR A 1 37  ? 19.859  5.869   -3.246  1.00 31.05 ? 227 TYR A CD2 1 
ATOM   285  C CE1 . TYR A 1 37  ? 20.422  8.377   -2.213  1.00 31.76 ? 227 TYR A CE1 1 
ATOM   286  C CE2 . TYR A 1 37  ? 21.018  6.533   -3.634  1.00 31.86 ? 227 TYR A CE2 1 
ATOM   287  C CZ  . TYR A 1 37  ? 21.294  7.783   -3.114  1.00 33.18 ? 227 TYR A CZ  1 
ATOM   288  O OH  . TYR A 1 37  ? 22.454  8.426   -3.490  1.00 36.82 ? 227 TYR A OH  1 
ATOM   289  N N   . PHE A 1 38  ? 15.622  7.882   -3.543  1.00 19.21 ? 228 PHE A N   1 
ATOM   290  C CA  . PHE A 1 38  ? 15.206  8.327   -4.873  1.00 18.99 ? 228 PHE A CA  1 
ATOM   291  C C   . PHE A 1 38  ? 16.382  9.025   -5.544  1.00 20.12 ? 228 PHE A C   1 
ATOM   292  O O   . PHE A 1 38  ? 17.069  9.832   -4.914  1.00 22.17 ? 228 PHE A O   1 
ATOM   293  C CB  . PHE A 1 38  ? 14.032  9.312   -4.782  1.00 18.45 ? 228 PHE A CB  1 
ATOM   294  C CG  . PHE A 1 38  ? 12.729  8.675   -4.376  1.00 17.91 ? 228 PHE A CG  1 
ATOM   295  C CD1 . PHE A 1 38  ? 12.511  8.266   -3.061  1.00 16.32 ? 228 PHE A CD1 1 
ATOM   296  C CD2 . PHE A 1 38  ? 11.716  8.482   -5.317  1.00 17.43 ? 228 PHE A CD2 1 
ATOM   297  C CE1 . PHE A 1 38  ? 11.299  7.671   -2.686  1.00 17.86 ? 228 PHE A CE1 1 
ATOM   298  C CE2 . PHE A 1 38  ? 10.501  7.888   -4.952  1.00 18.59 ? 228 PHE A CE2 1 
ATOM   299  C CZ  . PHE A 1 38  ? 10.295  7.484   -3.633  1.00 20.69 ? 228 PHE A CZ  1 
ATOM   300  N N   . THR A 1 39  ? 16.610  8.734   -6.821  1.00 19.23 ? 229 THR A N   1 
ATOM   301  C CA  . THR A 1 39  ? 17.721  9.350   -7.530  1.00 17.71 ? 229 THR A CA  1 
ATOM   302  C C   . THR A 1 39  ? 17.444  9.703   -8.983  1.00 17.89 ? 229 THR A C   1 
ATOM   303  O O   . THR A 1 39  ? 16.593  9.104   -9.644  1.00 17.15 ? 229 THR A O   1 
ATOM   304  C CB  . THR A 1 39  ? 18.967  8.447   -7.504  1.00 19.65 ? 229 THR A CB  1 
ATOM   305  O OG1 . THR A 1 39  ? 18.655  7.185   -8.105  1.00 19.59 ? 229 THR A OG1 1 
ATOM   306  C CG2 . THR A 1 39  ? 19.431  8.234   -6.076  1.00 20.94 ? 229 THR A CG2 1 
ATOM   307  N N   . GLY A 1 40  ? 18.189  10.692  -9.458  1.00 15.28 ? 230 GLY A N   1 
ATOM   308  C CA  . GLY A 1 40  ? 18.086  11.152  -10.830 1.00 16.19 ? 230 GLY A CA  1 
ATOM   309  C C   . GLY A 1 40  ? 19.389  11.877  -11.092 1.00 18.54 ? 230 GLY A C   1 
ATOM   310  O O   . GLY A 1 40  ? 20.179  12.034  -10.164 1.00 18.92 ? 230 GLY A O   1 
ATOM   311  N N   . PRO A 1 41  ? 19.652  12.333  -12.327 1.00 18.64 ? 231 PRO A N   1 
ATOM   312  C CA  . PRO A 1 41  ? 20.902  13.041  -12.617 1.00 21.84 ? 231 PRO A CA  1 
ATOM   313  C C   . PRO A 1 41  ? 21.156  14.177  -11.632 1.00 21.12 ? 231 PRO A C   1 
ATOM   314  O O   . PRO A 1 41  ? 20.385  15.131  -11.567 1.00 20.41 ? 231 PRO A O   1 
ATOM   315  C CB  . PRO A 1 41  ? 20.683  13.551  -14.037 1.00 21.49 ? 231 PRO A CB  1 
ATOM   316  C CG  . PRO A 1 41  ? 19.835  12.476  -14.634 1.00 21.83 ? 231 PRO A CG  1 
ATOM   317  C CD  . PRO A 1 41  ? 18.820  12.229  -13.538 1.00 19.49 ? 231 PRO A CD  1 
ATOM   318  N N   . GLY A 1 42  ? 22.233  14.059  -10.862 1.00 27.92 ? 232 GLY A N   1 
ATOM   319  C CA  . GLY A 1 42  ? 22.579  15.089  -9.898  1.00 28.82 ? 232 GLY A CA  1 
ATOM   320  C C   . GLY A 1 42  ? 21.516  15.401  -8.857  1.00 30.95 ? 232 GLY A C   1 
ATOM   321  O O   . GLY A 1 42  ? 21.425  16.532  -8.379  1.00 33.41 ? 232 GLY A O   1 
ATOM   322  N N   . TRP A 1 43  ? 20.712  14.406  -8.496  1.00 27.81 ? 233 TRP A N   1 
ATOM   323  C CA  . TRP A 1 43  ? 19.663  14.605  -7.499  1.00 24.62 ? 233 TRP A CA  1 
ATOM   324  C C   . TRP A 1 43  ? 19.426  13.334  -6.703  1.00 23.54 ? 233 TRP A C   1 
ATOM   325  O O   . TRP A 1 43  ? 19.422  12.229  -7.251  1.00 21.98 ? 233 TRP A O   1 
ATOM   326  C CB  . TRP A 1 43  ? 18.341  15.025  -8.163  1.00 21.97 ? 233 TRP A CB  1 
ATOM   327  C CG  . TRP A 1 43  ? 17.164  15.091  -7.200  1.00 21.05 ? 233 TRP A CG  1 
ATOM   328  C CD1 . TRP A 1 43  ? 16.925  16.056  -6.258  1.00 19.77 ? 233 TRP A CD1 1 
ATOM   329  C CD2 . TRP A 1 43  ? 16.101  14.132  -7.065  1.00 20.21 ? 233 TRP A CD2 1 
ATOM   330  N NE1 . TRP A 1 43  ? 15.785  15.759  -5.550  1.00 20.87 ? 233 TRP A NE1 1 
ATOM   331  C CE2 . TRP A 1 43  ? 15.259  14.583  -6.023  1.00 20.49 ? 233 TRP A CE2 1 
ATOM   332  C CE3 . TRP A 1 43  ? 15.780  12.936  -7.721  1.00 19.91 ? 233 TRP A CE3 1 
ATOM   333  C CZ2 . TRP A 1 43  ? 14.117  13.881  -5.621  1.00 16.41 ? 233 TRP A CZ2 1 
ATOM   334  C CZ3 . TRP A 1 43  ? 14.642  12.233  -7.320  1.00 19.10 ? 233 TRP A CZ3 1 
ATOM   335  C CH2 . TRP A 1 43  ? 13.826  12.711  -6.277  1.00 19.08 ? 233 TRP A CH2 1 
ATOM   336  N N   . GLU A 1 44  ? 19.238  13.503  -5.400  1.00 19.45 ? 234 GLU A N   1 
ATOM   337  C CA  . GLU A 1 44  ? 18.968  12.389  -4.516  1.00 21.13 ? 234 GLU A CA  1 
ATOM   338  C C   . GLU A 1 44  ? 18.069  12.887  -3.392  1.00 20.07 ? 234 GLU A C   1 
ATOM   339  O O   . GLU A 1 44  ? 18.167  14.040  -2.979  1.00 19.04 ? 234 GLU A O   1 
ATOM   340  C CB  . GLU A 1 44  ? 20.276  11.835  -3.948  1.00 27.92 ? 234 GLU A CB  1 
ATOM   341  C CG  . GLU A 1 44  ? 21.327  12.899  -3.687  1.00 41.78 ? 234 GLU A CG  1 
ATOM   342  C CD  . GLU A 1 44  ? 22.632  12.319  -3.186  1.00 48.87 ? 234 GLU A CD  1 
ATOM   343  O OE1 . GLU A 1 44  ? 23.031  11.244  -3.681  1.00 49.87 ? 234 GLU A OE1 1 
ATOM   344  O OE2 . GLU A 1 44  ? 23.266  12.946  -2.306  1.00 55.04 ? 234 GLU A OE2 1 
ATOM   345  N N   . ALA A 1 45  ? 17.173  12.025  -2.929  1.00 18.75 ? 235 ALA A N   1 
ATOM   346  C CA  . ALA A 1 45  ? 16.265  12.371  -1.844  1.00 21.19 ? 235 ALA A CA  1 
ATOM   347  C C   . ALA A 1 45  ? 15.771  11.081  -1.210  1.00 20.25 ? 235 ALA A C   1 
ATOM   348  O O   . ALA A 1 45  ? 15.874  10.010  -1.807  1.00 21.80 ? 235 ALA A O   1 
ATOM   349  C CB  . ALA A 1 45  ? 15.089  13.197  -2.364  1.00 18.81 ? 235 ALA A CB  1 
ATOM   350  N N   . ARG A 1 46  ? 15.240  11.182  0.004   1.00 19.89 ? 236 ARG A N   1 
ATOM   351  C CA  . ARG A 1 46  ? 14.760  10.006  0.712   1.00 20.31 ? 236 ARG A CA  1 
ATOM   352  C C   . ARG A 1 46  ? 13.282  10.084  1.079   1.00 20.38 ? 236 ARG A C   1 
ATOM   353  O O   . ARG A 1 46  ? 12.743  11.172  1.292   1.00 18.60 ? 236 ARG A O   1 
ATOM   354  C CB  . ARG A 1 46  ? 15.604  9.801   1.972   1.00 25.40 ? 236 ARG A CB  1 
ATOM   355  C CG  . ARG A 1 46  ? 17.055  9.470   1.657   1.00 32.23 ? 236 ARG A CG  1 
ATOM   356  C CD  . ARG A 1 46  ? 17.928  9.449   2.897   1.00 36.47 ? 236 ARG A CD  1 
ATOM   357  N NE  . ARG A 1 46  ? 19.232  8.847   2.623   1.00 43.21 ? 236 ARG A NE  1 
ATOM   358  C CZ  . ARG A 1 46  ? 20.102  9.299   1.723   1.00 43.86 ? 236 ARG A CZ  1 
ATOM   359  N NH1 . ARG A 1 46  ? 21.259  8.676   1.551   1.00 44.24 ? 236 ARG A NH1 1 
ATOM   360  N NH2 . ARG A 1 46  ? 19.823  10.374  0.998   1.00 47.45 ? 236 ARG A NH2 1 
ATOM   361  N N   . GLY A 1 47  ? 12.635  8.924   1.119   1.00 18.64 ? 237 GLY A N   1 
ATOM   362  C CA  . GLY A 1 47  ? 11.235  8.861   1.493   1.00 19.21 ? 237 GLY A CA  1 
ATOM   363  C C   . GLY A 1 47  ? 11.147  9.167   2.976   1.00 20.63 ? 237 GLY A C   1 
ATOM   364  O O   . GLY A 1 47  ? 12.105  8.933   3.720   1.00 20.21 ? 237 GLY A O   1 
ATOM   365  N N   . SER A 1 48  ? 10.010  9.694   3.415   1.00 18.28 ? 238 SER A N   1 
ATOM   366  C CA  . SER A 1 48  ? 9.829   10.037  4.819   1.00 18.74 ? 238 SER A CA  1 
ATOM   367  C C   . SER A 1 48  ? 8.951   9.037   5.564   1.00 19.01 ? 238 SER A C   1 
ATOM   368  O O   . SER A 1 48  ? 7.823   8.774   5.159   1.00 17.49 ? 238 SER A O   1 
ATOM   369  C CB  . SER A 1 48  ? 9.214   11.436  4.935   1.00 21.90 ? 238 SER A CB  1 
ATOM   370  O OG  . SER A 1 48  ? 8.787   11.694  6.261   1.00 26.39 ? 238 SER A OG  1 
ATOM   371  N N   . PHE A 1 49  ? 9.482   8.479   6.650   1.00 17.54 ? 239 PHE A N   1 
ATOM   372  C CA  . PHE A 1 49  ? 8.747   7.531   7.476   1.00 19.71 ? 239 PHE A CA  1 
ATOM   373  C C   . PHE A 1 49  ? 9.452   7.332   8.809   1.00 20.43 ? 239 PHE A C   1 
ATOM   374  O O   . PHE A 1 49  ? 10.631  7.663   8.957   1.00 17.06 ? 239 PHE A O   1 
ATOM   375  C CB  . PHE A 1 49  ? 8.586   6.167   6.777   1.00 20.91 ? 239 PHE A CB  1 
ATOM   376  C CG  . PHE A 1 49  ? 9.886   5.457   6.486   1.00 20.06 ? 239 PHE A CG  1 
ATOM   377  C CD1 . PHE A 1 49  ? 10.689  5.849   5.416   1.00 18.88 ? 239 PHE A CD1 1 
ATOM   378  C CD2 . PHE A 1 49  ? 10.292  4.379   7.269   1.00 20.64 ? 239 PHE A CD2 1 
ATOM   379  C CE1 . PHE A 1 49  ? 11.874  5.176   5.129   1.00 19.81 ? 239 PHE A CE1 1 
ATOM   380  C CE2 . PHE A 1 49  ? 11.472  3.697   6.992   1.00 22.06 ? 239 PHE A CE2 1 
ATOM   381  C CZ  . PHE A 1 49  ? 12.269  4.098   5.915   1.00 21.84 ? 239 PHE A CZ  1 
ATOM   382  N N   . SER A 1 50  ? 8.717   6.799   9.779   1.00 21.48 ? 240 SER A N   1 
ATOM   383  C CA  . SER A 1 50  ? 9.264   6.537   11.103  1.00 19.93 ? 240 SER A CA  1 
ATOM   384  C C   . SER A 1 50  ? 9.527   5.042   11.214  1.00 21.86 ? 240 SER A C   1 
ATOM   385  O O   . SER A 1 50  ? 9.072   4.262   10.380  1.00 16.97 ? 240 SER A O   1 
ATOM   386  C CB  . SER A 1 50  ? 8.260   6.940   12.183  1.00 21.64 ? 240 SER A CB  1 
ATOM   387  O OG  . SER A 1 50  ? 7.193   6.007   12.233  1.00 25.83 ? 240 SER A OG  1 
ATOM   388  N N   . GLN A 1 51  ? 10.259  4.633   12.245  1.00 19.66 ? 241 GLN A N   1 
ATOM   389  C CA  . GLN A 1 51  ? 10.524  3.211   12.423  1.00 21.93 ? 241 GLN A CA  1 
ATOM   390  C C   . GLN A 1 51  ? 9.218   2.449   12.616  1.00 20.64 ? 241 GLN A C   1 
ATOM   391  O O   . GLN A 1 51  ? 9.133   1.265   12.311  1.00 22.29 ? 241 GLN A O   1 
ATOM   392  C CB  . GLN A 1 51  ? 11.450  2.982   13.622  1.00 24.66 ? 241 GLN A CB  1 
ATOM   393  C CG  . GLN A 1 51  ? 12.918  3.234   13.306  1.00 31.35 ? 241 GLN A CG  1 
ATOM   394  C CD  . GLN A 1 51  ? 13.834  2.965   14.486  1.00 29.62 ? 241 GLN A CD  1 
ATOM   395  O OE1 . GLN A 1 51  ? 13.613  2.035   15.260  1.00 32.93 ? 241 GLN A OE1 1 
ATOM   396  N NE2 . GLN A 1 51  ? 14.881  3.772   14.616  1.00 31.77 ? 241 GLN A NE2 1 
ATOM   397  N N   . ALA A 1 52  ? 8.193   3.135   13.108  1.00 24.11 ? 242 ALA A N   1 
ATOM   398  C CA  . ALA A 1 52  ? 6.900   2.500   13.334  1.00 21.93 ? 242 ALA A CA  1 
ATOM   399  C C   . ALA A 1 52  ? 6.194   2.192   12.019  1.00 21.76 ? 242 ALA A C   1 
ATOM   400  O O   . ALA A 1 52  ? 5.276   1.371   11.976  1.00 21.54 ? 242 ALA A O   1 
ATOM   401  C CB  . ALA A 1 52  ? 6.015   3.398   14.203  1.00 24.93 ? 242 ALA A CB  1 
ATOM   402  N N   . ASP A 1 53  ? 6.624   2.850   10.948  1.00 20.18 ? 243 ASP A N   1 
ATOM   403  C CA  . ASP A 1 53  ? 6.024   2.636   9.638   1.00 20.51 ? 243 ASP A CA  1 
ATOM   404  C C   . ASP A 1 53  ? 6.547   1.388   8.945   1.00 20.97 ? 243 ASP A C   1 
ATOM   405  O O   . ASP A 1 53  ? 6.060   1.025   7.879   1.00 19.75 ? 243 ASP A O   1 
ATOM   406  C CB  . ASP A 1 53  ? 6.253   3.843   8.727   1.00 19.01 ? 243 ASP A CB  1 
ATOM   407  C CG  . ASP A 1 53  ? 5.444   5.042   9.146   1.00 21.11 ? 243 ASP A CG  1 
ATOM   408  O OD1 . ASP A 1 53  ? 4.241   4.868   9.445   1.00 22.06 ? 243 ASP A OD1 1 
ATOM   409  O OD2 . ASP A 1 53  ? 6.004   6.157   9.163   1.00 21.18 ? 243 ASP A OD2 1 
ATOM   410  N N   . VAL A 1 54  ? 7.554   0.753   9.536   1.00 21.08 ? 244 VAL A N   1 
ATOM   411  C CA  . VAL A 1 54  ? 8.102   -0.476  8.971   1.00 19.08 ? 244 VAL A CA  1 
ATOM   412  C C   . VAL A 1 54  ? 7.304   -1.606  9.609   1.00 21.22 ? 244 VAL A C   1 
ATOM   413  O O   . VAL A 1 54  ? 7.383   -1.841  10.818  1.00 23.31 ? 244 VAL A O   1 
ATOM   414  C CB  . VAL A 1 54  ? 9.607   -0.627  9.291   1.00 18.77 ? 244 VAL A CB  1 
ATOM   415  C CG1 . VAL A 1 54  ? 10.157  -1.875  8.619   1.00 21.54 ? 244 VAL A CG1 1 
ATOM   416  C CG2 . VAL A 1 54  ? 10.364  0.602   8.805   1.00 16.86 ? 244 VAL A CG2 1 
ATOM   417  N N   . HIS A 1 55  ? 6.523   -2.297  8.787   1.00 19.40 ? 245 HIS A N   1 
ATOM   418  C CA  . HIS A 1 55  ? 5.655   -3.371  9.253   1.00 22.58 ? 245 HIS A CA  1 
ATOM   419  C C   . HIS A 1 55  ? 6.242   -4.779  9.212   1.00 22.43 ? 245 HIS A C   1 
ATOM   420  O O   . HIS A 1 55  ? 6.390   -5.377  8.146   1.00 22.93 ? 245 HIS A O   1 
ATOM   421  C CB  . HIS A 1 55  ? 4.351   -3.340  8.448   1.00 19.29 ? 245 HIS A CB  1 
ATOM   422  C CG  . HIS A 1 55  ? 3.337   -4.347  8.893   1.00 20.82 ? 245 HIS A CG  1 
ATOM   423  N ND1 . HIS A 1 55  ? 2.615   -4.212  10.060  1.00 20.73 ? 245 HIS A ND1 1 
ATOM   424  C CD2 . HIS A 1 55  ? 2.925   -5.507  8.327   1.00 16.64 ? 245 HIS A CD2 1 
ATOM   425  C CE1 . HIS A 1 55  ? 1.800   -5.244  10.193  1.00 19.24 ? 245 HIS A CE1 1 
ATOM   426  N NE2 . HIS A 1 55  ? 1.969   -6.044  9.156   1.00 19.83 ? 245 HIS A NE2 1 
ATOM   427  N N   . ARG A 1 56  ? 6.566   -5.306  10.387  1.00 23.11 ? 246 ARG A N   1 
ATOM   428  C CA  . ARG A 1 56  ? 7.100   -6.657  10.510  1.00 22.62 ? 246 ARG A CA  1 
ATOM   429  C C   . ARG A 1 56  ? 8.292   -6.923  9.594   1.00 22.60 ? 246 ARG A C   1 
ATOM   430  O O   . ARG A 1 56  ? 8.407   -8.007  9.025   1.00 24.96 ? 246 ARG A O   1 
ATOM   431  C CB  . ARG A 1 56  ? 5.996   -7.674  10.218  1.00 23.44 ? 246 ARG A CB  1 
ATOM   432  C CG  . ARG A 1 56  ? 4.722   -7.474  11.031  1.00 28.16 ? 246 ARG A CG  1 
ATOM   433  C CD  . ARG A 1 56  ? 4.964   -7.679  12.516  1.00 33.08 ? 246 ARG A CD  1 
ATOM   434  N NE  . ARG A 1 56  ? 3.728   -7.590  13.288  1.00 43.60 ? 246 ARG A NE  1 
ATOM   435  C CZ  . ARG A 1 56  ? 3.045   -6.467  13.499  1.00 44.20 ? 246 ARG A CZ  1 
ATOM   436  N NH1 . ARG A 1 56  ? 3.471   -5.313  13.000  1.00 49.05 ? 246 ARG A NH1 1 
ATOM   437  N NH2 . ARG A 1 56  ? 1.927   -6.499  14.210  1.00 47.32 ? 246 ARG A NH2 1 
ATOM   438  N N   . GLN A 1 57  ? 9.156   -5.921  9.449   1.00 24.78 ? 247 GLN A N   1 
ATOM   439  C CA  . GLN A 1 57  ? 10.366  -6.016  8.630   1.00 25.40 ? 247 GLN A CA  1 
ATOM   440  C C   . GLN A 1 57  ? 10.173  -6.238  7.129   1.00 23.81 ? 247 GLN A C   1 
ATOM   441  O O   . GLN A 1 57  ? 11.150  -6.250  6.382   1.00 23.48 ? 247 GLN A O   1 
ATOM   442  C CB  . GLN A 1 57  ? 11.275  -7.133  9.167   1.00 28.14 ? 247 GLN A CB  1 
ATOM   443  C CG  . GLN A 1 57  ? 11.639  -7.011  10.640  1.00 33.40 ? 247 GLN A CG  1 
ATOM   444  C CD  . GLN A 1 57  ? 12.669  -8.045  11.075  1.00 39.31 ? 247 GLN A CD  1 
ATOM   445  O OE1 . GLN A 1 57  ? 13.833  -7.990  10.670  1.00 42.19 ? 247 GLN A OE1 1 
ATOM   446  N NE2 . GLN A 1 57  ? 12.243  -8.994  11.900  1.00 41.62 ? 247 GLN A NE2 1 
ATOM   447  N N   . VAL A 1 58  ? 8.935   -6.394  6.672   1.00 24.19 ? 248 VAL A N   1 
ATOM   448  C CA  . VAL A 1 58  ? 8.715   -6.656  5.253   1.00 22.60 ? 248 VAL A CA  1 
ATOM   449  C C   . VAL A 1 58  ? 7.815   -5.685  4.495   1.00 21.87 ? 248 VAL A C   1 
ATOM   450  O O   . VAL A 1 58  ? 7.388   -5.977  3.377   1.00 21.22 ? 248 VAL A O   1 
ATOM   451  C CB  . VAL A 1 58  ? 8.162   -8.070  5.050   1.00 22.26 ? 248 VAL A CB  1 
ATOM   452  C CG1 . VAL A 1 58  ? 9.159   -9.097  5.572   1.00 24.04 ? 248 VAL A CG1 1 
ATOM   453  C CG2 . VAL A 1 58  ? 6.831   -8.205  5.767   1.00 26.24 ? 248 VAL A CG2 1 
ATOM   454  N N   . ALA A 1 59  ? 7.523   -4.536  5.093   1.00 18.30 ? 249 ALA A N   1 
ATOM   455  C CA  . ALA A 1 59  ? 6.686   -3.545  4.426   1.00 18.84 ? 249 ALA A CA  1 
ATOM   456  C C   . ALA A 1 59  ? 7.008   -2.167  4.973   1.00 17.72 ? 249 ALA A C   1 
ATOM   457  O O   . ALA A 1 59  ? 7.291   -2.016  6.163   1.00 21.90 ? 249 ALA A O   1 
ATOM   458  C CB  . ALA A 1 59  ? 5.199   -3.866  4.640   1.00 18.57 ? 249 ALA A CB  1 
ATOM   459  N N   . ILE A 1 60  ? 6.979   -1.164  4.104   1.00 18.45 ? 250 ILE A N   1 
ATOM   460  C CA  . ILE A 1 60  ? 7.258   0.204   4.520   1.00 16.72 ? 250 ILE A CA  1 
ATOM   461  C C   . ILE A 1 60  ? 6.216   1.149   3.949   1.00 19.59 ? 250 ILE A C   1 
ATOM   462  O O   . ILE A 1 60  ? 5.951   1.139   2.748   1.00 18.37 ? 250 ILE A O   1 
ATOM   463  C CB  . ILE A 1 60  ? 8.637   0.690   4.021   1.00 19.49 ? 250 ILE A CB  1 
ATOM   464  C CG1 . ILE A 1 60  ? 9.739   -0.247  4.516   1.00 21.37 ? 250 ILE A CG1 1 
ATOM   465  C CG2 . ILE A 1 60  ? 8.911   2.113   4.524   1.00 18.73 ? 250 ILE A CG2 1 
ATOM   466  C CD1 . ILE A 1 60  ? 11.105  0.089   3.949   1.00 21.17 ? 250 ILE A CD1 1 
ATOM   467  N N   . VAL A 1 61  ? 5.608   1.950   4.815   1.00 17.68 ? 251 VAL A N   1 
ATOM   468  C CA  . VAL A 1 61  ? 4.634   2.936   4.369   1.00 19.06 ? 251 VAL A CA  1 
ATOM   469  C C   . VAL A 1 61  ? 5.344   4.266   4.558   1.00 19.02 ? 251 VAL A C   1 
ATOM   470  O O   . VAL A 1 61  ? 5.677   4.647   5.685   1.00 18.42 ? 251 VAL A O   1 
ATOM   471  C CB  . VAL A 1 61  ? 3.357   2.906   5.218   1.00 19.40 ? 251 VAL A CB  1 
ATOM   472  C CG1 . VAL A 1 61  ? 2.377   3.958   4.708   1.00 18.65 ? 251 VAL A CG1 1 
ATOM   473  C CG2 . VAL A 1 61  ? 2.723   1.522   5.141   1.00 17.16 ? 251 VAL A CG2 1 
ATOM   474  N N   . PHE A 1 62  ? 5.591   4.963   3.456   1.00 17.37 ? 252 PHE A N   1 
ATOM   475  C CA  . PHE A 1 62  ? 6.312   6.222   3.517   1.00 17.18 ? 252 PHE A CA  1 
ATOM   476  C C   . PHE A 1 62  ? 5.722   7.297   2.612   1.00 17.34 ? 252 PHE A C   1 
ATOM   477  O O   . PHE A 1 62  ? 4.883   7.016   1.762   1.00 17.29 ? 252 PHE A O   1 
ATOM   478  C CB  . PHE A 1 62  ? 7.780   5.972   3.135   1.00 15.91 ? 252 PHE A CB  1 
ATOM   479  C CG  . PHE A 1 62  ? 7.984   5.600   1.682   1.00 17.90 ? 252 PHE A CG  1 
ATOM   480  C CD1 . PHE A 1 62  ? 8.272   6.577   0.734   1.00 19.44 ? 252 PHE A CD1 1 
ATOM   481  C CD2 . PHE A 1 62  ? 7.881   4.276   1.263   1.00 16.36 ? 252 PHE A CD2 1 
ATOM   482  C CE1 . PHE A 1 62  ? 8.454   6.243   -0.607  1.00 18.81 ? 252 PHE A CE1 1 
ATOM   483  C CE2 . PHE A 1 62  ? 8.062   3.930   -0.082  1.00 16.16 ? 252 PHE A CE2 1 
ATOM   484  C CZ  . PHE A 1 62  ? 8.349   4.912   -1.014  1.00 18.45 ? 252 PHE A CZ  1 
ATOM   485  N N   . ARG A 1 63  ? 6.157   8.535   2.821   1.00 18.71 ? 253 ARG A N   1 
ATOM   486  C CA  . ARG A 1 63  ? 5.712   9.662   2.010   1.00 15.73 ? 253 ARG A CA  1 
ATOM   487  C C   . ARG A 1 63  ? 6.852   10.007  1.060   1.00 18.81 ? 253 ARG A C   1 
ATOM   488  O O   . ARG A 1 63  ? 8.008   10.084  1.468   1.00 18.13 ? 253 ARG A O   1 
ATOM   489  C CB  . ARG A 1 63  ? 5.399   10.869  2.889   1.00 18.59 ? 253 ARG A CB  1 
ATOM   490  C CG  . ARG A 1 63  ? 4.150   10.713  3.741   1.00 23.87 ? 253 ARG A CG  1 
ATOM   491  C CD  . ARG A 1 63  ? 2.878   10.846  2.920   1.00 28.30 ? 253 ARG A CD  1 
ATOM   492  N NE  . ARG A 1 63  ? 1.704   10.451  3.699   1.00 27.69 ? 253 ARG A NE  1 
ATOM   493  C CZ  . ARG A 1 63  ? 0.447   10.713  3.356   1.00 32.35 ? 253 ARG A CZ  1 
ATOM   494  N NH1 . ARG A 1 63  ? 0.186   11.381  2.239   1.00 28.68 ? 253 ARG A NH1 1 
ATOM   495  N NH2 . ARG A 1 63  ? -0.550  10.300  4.131   1.00 29.52 ? 253 ARG A NH2 1 
ATOM   496  N N   . THR A 1 64  ? 6.523   10.212  -0.209  1.00 18.11 ? 254 THR A N   1 
ATOM   497  C CA  . THR A 1 64  ? 7.524   10.536  -1.209  1.00 15.58 ? 254 THR A CA  1 
ATOM   498  C C   . THR A 1 64  ? 8.178   11.894  -0.975  1.00 17.11 ? 254 THR A C   1 
ATOM   499  O O   . THR A 1 64  ? 7.549   12.838  -0.483  1.00 15.72 ? 254 THR A O   1 
ATOM   500  C CB  . THR A 1 64  ? 6.905   10.569  -2.620  1.00 19.32 ? 254 THR A CB  1 
ATOM   501  O OG1 . THR A 1 64  ? 5.867   11.556  -2.651  1.00 16.64 ? 254 THR A OG1 1 
ATOM   502  C CG2 . THR A 1 64  ? 6.324   9.215   -2.989  1.00 15.59 ? 254 THR A CG2 1 
ATOM   503  N N   . PRO A 1 65  ? 9.462   12.013  -1.326  1.00 16.57 ? 255 PRO A N   1 
ATOM   504  C CA  . PRO A 1 65  ? 10.096  13.311  -1.123  1.00 17.73 ? 255 PRO A CA  1 
ATOM   505  C C   . PRO A 1 65  ? 9.712   14.198  -2.299  1.00 18.48 ? 255 PRO A C   1 
ATOM   506  O O   . PRO A 1 65  ? 9.233   13.713  -3.330  1.00 19.34 ? 255 PRO A O   1 
ATOM   507  C CB  . PRO A 1 65  ? 11.581  12.970  -1.131  1.00 19.97 ? 255 PRO A CB  1 
ATOM   508  C CG  . PRO A 1 65  ? 11.650  11.857  -2.137  1.00 20.73 ? 255 PRO A CG  1 
ATOM   509  C CD  . PRO A 1 65  ? 10.427  11.009  -1.811  1.00 20.16 ? 255 PRO A CD  1 
ATOM   510  N N   . PRO A 1 66  ? 9.871   15.514  -2.153  1.00 19.07 ? 256 PRO A N   1 
ATOM   511  C CA  . PRO A 1 66  ? 9.517   16.360  -3.292  1.00 18.28 ? 256 PRO A CA  1 
ATOM   512  C C   . PRO A 1 66  ? 10.626  16.199  -4.331  1.00 19.70 ? 256 PRO A C   1 
ATOM   513  O O   . PRO A 1 66  ? 11.774  15.931  -3.971  1.00 17.65 ? 256 PRO A O   1 
ATOM   514  C CB  . PRO A 1 66  ? 9.487   17.763  -2.683  1.00 21.12 ? 256 PRO A CB  1 
ATOM   515  C CG  . PRO A 1 66  ? 10.491  17.668  -1.561  1.00 20.51 ? 256 PRO A CG  1 
ATOM   516  C CD  . PRO A 1 66  ? 10.149  16.324  -0.954  1.00 18.12 ? 256 PRO A CD  1 
ATOM   517  N N   . TYR A 1 67  ? 10.287  16.325  -5.610  1.00 17.22 ? 257 TYR A N   1 
ATOM   518  C CA  . TYR A 1 67  ? 11.287  16.216  -6.667  1.00 19.34 ? 257 TYR A CA  1 
ATOM   519  C C   . TYR A 1 67  ? 12.150  17.485  -6.649  1.00 19.81 ? 257 TYR A C   1 
ATOM   520  O O   . TYR A 1 67  ? 11.810  18.465  -5.986  1.00 19.60 ? 257 TYR A O   1 
ATOM   521  C CB  . TYR A 1 67  ? 10.601  16.055  -8.032  1.00 17.30 ? 257 TYR A CB  1 
ATOM   522  C CG  . TYR A 1 67  ? 11.556  15.963  -9.210  1.00 18.02 ? 257 TYR A CG  1 
ATOM   523  C CD1 . TYR A 1 67  ? 12.564  14.998  -9.245  1.00 17.92 ? 257 TYR A CD1 1 
ATOM   524  C CD2 . TYR A 1 67  ? 11.456  16.847  -10.285 1.00 21.90 ? 257 TYR A CD2 1 
ATOM   525  C CE1 . TYR A 1 67  ? 13.453  14.918  -10.317 1.00 22.08 ? 257 TYR A CE1 1 
ATOM   526  C CE2 . TYR A 1 67  ? 12.341  16.776  -11.369 1.00 19.00 ? 257 TYR A CE2 1 
ATOM   527  C CZ  . TYR A 1 67  ? 13.336  15.809  -11.374 1.00 21.83 ? 257 TYR A CZ  1 
ATOM   528  O OH  . TYR A 1 67  ? 14.214  15.740  -12.437 1.00 21.18 ? 257 TYR A OH  1 
ATOM   529  N N   . ALA A 1 68  ? 13.261  17.462  -7.375  1.00 22.20 ? 258 ALA A N   1 
ATOM   530  C CA  . ALA A 1 68  ? 14.163  18.610  -7.430  1.00 23.82 ? 258 ALA A CA  1 
ATOM   531  C C   . ALA A 1 68  ? 13.508  19.856  -8.016  1.00 24.45 ? 258 ALA A C   1 
ATOM   532  O O   . ALA A 1 68  ? 13.843  20.978  -7.633  1.00 24.09 ? 258 ALA A O   1 
ATOM   533  C CB  . ALA A 1 68  ? 15.406  18.254  -8.249  1.00 24.21 ? 258 ALA A CB  1 
ATOM   534  N N   . ASP A 1 69  ? 12.563  19.657  -8.931  1.00 23.00 ? 259 ASP A N   1 
ATOM   535  C CA  . ASP A 1 69  ? 11.907  20.772  -9.604  1.00 24.62 ? 259 ASP A CA  1 
ATOM   536  C C   . ASP A 1 69  ? 10.383  20.794  -9.490  1.00 25.25 ? 259 ASP A C   1 
ATOM   537  O O   . ASP A 1 69  ? 9.692   19.944  -10.051 1.00 25.80 ? 259 ASP A O   1 
ATOM   538  C CB  . ASP A 1 69  ? 12.337  20.760  -11.077 1.00 26.00 ? 259 ASP A CB  1 
ATOM   539  C CG  . ASP A 1 69  ? 11.639  21.815  -11.913 1.00 30.10 ? 259 ASP A CG  1 
ATOM   540  O OD1 . ASP A 1 69  ? 11.295  22.884  -11.375 1.00 28.38 ? 259 ASP A OD1 1 
ATOM   541  O OD2 . ASP A 1 69  ? 11.453  21.573  -13.125 1.00 36.47 ? 259 ASP A OD2 1 
ATOM   542  N N   . PRO A 1 70  ? 9.838   21.778  -8.750  1.00 27.11 ? 260 PRO A N   1 
ATOM   543  C CA  . PRO A 1 70  ? 8.388   21.904  -8.571  1.00 26.01 ? 260 PRO A CA  1 
ATOM   544  C C   . PRO A 1 70  ? 7.705   22.512  -9.795  1.00 27.87 ? 260 PRO A C   1 
ATOM   545  O O   . PRO A 1 70  ? 6.480   22.481  -9.908  1.00 28.89 ? 260 PRO A O   1 
ATOM   546  C CB  . PRO A 1 70  ? 8.272   22.797  -7.341  1.00 27.45 ? 260 PRO A CB  1 
ATOM   547  C CG  . PRO A 1 70  ? 9.451   23.708  -7.497  1.00 27.93 ? 260 PRO A CG  1 
ATOM   548  C CD  . PRO A 1 70  ? 10.556  22.745  -7.900  1.00 24.95 ? 260 PRO A CD  1 
ATOM   549  N N   . SER A 1 71  ? 8.498   23.068  -10.706 1.00 30.46 ? 261 SER A N   1 
ATOM   550  C CA  . SER A 1 71  ? 7.944   23.674  -11.911 1.00 33.34 ? 261 SER A CA  1 
ATOM   551  C C   . SER A 1 71  ? 7.891   22.650  -13.040 1.00 34.46 ? 261 SER A C   1 
ATOM   552  O O   . SER A 1 71  ? 7.752   23.002  -14.210 1.00 35.21 ? 261 SER A O   1 
ATOM   553  C CB  . SER A 1 71  ? 8.771   24.895  -12.341 1.00 34.61 ? 261 SER A CB  1 
ATOM   554  O OG  . SER A 1 71  ? 10.034  24.526  -12.862 1.00 37.46 ? 261 SER A OG  1 
ATOM   555  N N   . LEU A 1 72  ? 8.002   21.376  -12.673 1.00 33.32 ? 262 LEU A N   1 
ATOM   556  C CA  . LEU A 1 72  ? 7.954   20.284  -13.636 1.00 35.61 ? 262 LEU A CA  1 
ATOM   557  C C   . LEU A 1 72  ? 6.773   20.516  -14.582 1.00 36.84 ? 262 LEU A C   1 
ATOM   558  O O   . LEU A 1 72  ? 5.649   20.738  -14.138 1.00 35.16 ? 262 LEU A O   1 
ATOM   559  C CB  . LEU A 1 72  ? 7.787   18.952  -12.894 1.00 32.40 ? 262 LEU A CB  1 
ATOM   560  C CG  . LEU A 1 72  ? 8.035   17.672  -13.687 1.00 32.15 ? 262 LEU A CG  1 
ATOM   561  C CD1 . LEU A 1 72  ? 9.471   17.671  -14.193 1.00 30.63 ? 262 LEU A CD1 1 
ATOM   562  C CD2 . LEU A 1 72  ? 7.777   16.460  -12.811 1.00 20.88 ? 262 LEU A CD2 1 
ATOM   563  N N   . GLN A 1 73  ? 7.036   20.476  -15.886 1.00 39.79 ? 263 GLN A N   1 
ATOM   564  C CA  . GLN A 1 73  ? 5.994   20.699  -16.886 1.00 41.49 ? 263 GLN A CA  1 
ATOM   565  C C   . GLN A 1 73  ? 5.470   19.393  -17.465 1.00 38.32 ? 263 GLN A C   1 
ATOM   566  O O   . GLN A 1 73  ? 4.294   19.281  -17.814 1.00 38.43 ? 263 GLN A O   1 
ATOM   567  C CB  . GLN A 1 73  ? 6.534   21.581  -18.015 1.00 46.65 ? 263 GLN A CB  1 
ATOM   568  C CG  . GLN A 1 73  ? 6.846   23.009  -17.596 1.00 54.34 ? 263 GLN A CG  1 
ATOM   569  C CD  . GLN A 1 73  ? 5.600   23.789  -17.214 1.00 59.04 ? 263 GLN A CD  1 
ATOM   570  O OE1 . GLN A 1 73  ? 4.863   23.398  -16.310 1.00 62.74 ? 263 GLN A OE1 1 
ATOM   571  N NE2 . GLN A 1 73  ? 5.363   24.899  -17.903 1.00 60.17 ? 263 GLN A NE2 1 
ATOM   572  N N   . ALA A 1 74  ? 6.357   18.412  -17.573 1.00 33.19 ? 264 ALA A N   1 
ATOM   573  C CA  . ALA A 1 74  ? 6.003   17.102  -18.102 1.00 30.92 ? 264 ALA A CA  1 
ATOM   574  C C   . ALA A 1 74  ? 6.516   16.044  -17.135 1.00 27.63 ? 264 ALA A C   1 
ATOM   575  O O   . ALA A 1 74  ? 7.434   16.303  -16.357 1.00 28.00 ? 264 ALA A O   1 
ATOM   576  C CB  . ALA A 1 74  ? 6.635   16.902  -19.477 1.00 27.44 ? 264 ALA A CB  1 
ATOM   577  N N   . PRO A 1 75  ? 5.925   14.840  -17.164 1.00 26.90 ? 265 PRO A N   1 
ATOM   578  C CA  . PRO A 1 75  ? 6.360   13.767  -16.269 1.00 24.56 ? 265 PRO A CA  1 
ATOM   579  C C   . PRO A 1 75  ? 7.846   13.483  -16.422 1.00 24.40 ? 265 PRO A C   1 
ATOM   580  O O   . PRO A 1 75  ? 8.415   13.685  -17.497 1.00 22.14 ? 265 PRO A O   1 
ATOM   581  C CB  . PRO A 1 75  ? 5.508   12.583  -16.715 1.00 26.17 ? 265 PRO A CB  1 
ATOM   582  C CG  . PRO A 1 75  ? 4.239   13.241  -17.154 1.00 29.88 ? 265 PRO A CG  1 
ATOM   583  C CD  . PRO A 1 75  ? 4.749   14.422  -17.948 1.00 28.74 ? 265 PRO A CD  1 
ATOM   584  N N   . VAL A 1 76  ? 8.472   13.028  -15.342 1.00 22.78 ? 266 VAL A N   1 
ATOM   585  C CA  . VAL A 1 76  ? 9.890   12.688  -15.363 1.00 22.45 ? 266 VAL A CA  1 
ATOM   586  C C   . VAL A 1 76  ? 10.083  11.399  -14.578 1.00 22.81 ? 266 VAL A C   1 
ATOM   587  O O   . VAL A 1 76  ? 9.575   11.257  -13.467 1.00 19.75 ? 266 VAL A O   1 
ATOM   588  C CB  . VAL A 1 76  ? 10.768  13.796  -14.731 1.00 25.61 ? 266 VAL A CB  1 
ATOM   589  C CG1 . VAL A 1 76  ? 10.367  14.031  -13.284 1.00 29.43 ? 266 VAL A CG1 1 
ATOM   590  C CG2 . VAL A 1 76  ? 12.228  13.397  -14.810 1.00 29.79 ? 266 VAL A CG2 1 
ATOM   591  N N   . ARG A 1 77  ? 10.808  10.457  -15.168 1.00 20.95 ? 267 ARG A N   1 
ATOM   592  C CA  . ARG A 1 77  ? 11.054  9.183   -14.512 1.00 22.34 ? 267 ARG A CA  1 
ATOM   593  C C   . ARG A 1 77  ? 12.354  9.213   -13.716 1.00 22.15 ? 267 ARG A C   1 
ATOM   594  O O   . ARG A 1 77  ? 13.390  9.660   -14.210 1.00 23.68 ? 267 ARG A O   1 
ATOM   595  C CB  . ARG A 1 77  ? 11.106  8.061   -15.550 1.00 28.01 ? 267 ARG A CB  1 
ATOM   596  C CG  . ARG A 1 77  ? 9.830   7.925   -16.370 1.00 34.37 ? 267 ARG A CG  1 
ATOM   597  C CD  . ARG A 1 77  ? 9.936   6.798   -17.381 1.00 42.89 ? 267 ARG A CD  1 
ATOM   598  N NE  . ARG A 1 77  ? 8.729   6.683   -18.194 1.00 50.22 ? 267 ARG A NE  1 
ATOM   599  C CZ  . ARG A 1 77  ? 8.516   5.718   -19.083 1.00 54.96 ? 267 ARG A CZ  1 
ATOM   600  N NH1 . ARG A 1 77  ? 7.386   5.692   -19.781 1.00 55.70 ? 267 ARG A NH1 1 
ATOM   601  N NH2 . ARG A 1 77  ? 9.429   4.773   -19.272 1.00 55.53 ? 267 ARG A NH2 1 
ATOM   602  N N   . VAL A 1 78  ? 12.285  8.757   -12.469 1.00 18.47 ? 268 VAL A N   1 
ATOM   603  C CA  . VAL A 1 78  ? 13.458  8.698   -11.613 1.00 17.97 ? 268 VAL A CA  1 
ATOM   604  C C   . VAL A 1 78  ? 13.581  7.272   -11.096 1.00 17.56 ? 268 VAL A C   1 
ATOM   605  O O   . VAL A 1 78  ? 12.745  6.422   -11.400 1.00 17.87 ? 268 VAL A O   1 
ATOM   606  C CB  . VAL A 1 78  ? 13.354  9.668   -10.411 1.00 17.24 ? 268 VAL A CB  1 
ATOM   607  C CG1 . VAL A 1 78  ? 13.224  11.097  -10.913 1.00 20.21 ? 268 VAL A CG1 1 
ATOM   608  C CG2 . VAL A 1 78  ? 12.163  9.292   -9.517  1.00 15.41 ? 268 VAL A CG2 1 
ATOM   609  N N   . SER A 1 79  ? 14.624  7.005   -10.323 1.00 18.39 ? 269 SER A N   1 
ATOM   610  C CA  . SER A 1 79  ? 14.815  5.671   -9.777  1.00 16.45 ? 269 SER A CA  1 
ATOM   611  C C   . SER A 1 79  ? 14.476  5.665   -8.295  1.00 18.68 ? 269 SER A C   1 
ATOM   612  O O   . SER A 1 79  ? 14.655  6.669   -7.605  1.00 16.91 ? 269 SER A O   1 
ATOM   613  C CB  . SER A 1 79  ? 16.264  5.217   -9.972  1.00 20.84 ? 269 SER A CB  1 
ATOM   614  O OG  . SER A 1 79  ? 16.587  5.124   -11.350 1.00 24.40 ? 269 SER A OG  1 
ATOM   615  N N   . MET A 1 80  ? 13.987  4.526   -7.816  1.00 18.23 ? 270 MET A N   1 
ATOM   616  C CA  . MET A 1 80  ? 13.631  4.361   -6.413  1.00 17.31 ? 270 MET A CA  1 
ATOM   617  C C   . MET A 1 80  ? 14.247  3.056   -5.924  1.00 16.87 ? 270 MET A C   1 
ATOM   618  O O   . MET A 1 80  ? 14.023  2.001   -6.520  1.00 18.45 ? 270 MET A O   1 
ATOM   619  C CB  . MET A 1 80  ? 12.111  4.308   -6.268  1.00 17.05 ? 270 MET A CB  1 
ATOM   620  C CG  . MET A 1 80  ? 11.621  4.352   -4.845  1.00 21.89 ? 270 MET A CG  1 
ATOM   621  S SD  . MET A 1 80  ? 9.826   4.254   -4.844  1.00 21.91 ? 270 MET A SD  1 
ATOM   622  C CE  . MET A 1 80  ? 9.616   2.483   -4.846  1.00 29.53 ? 270 MET A CE  1 
ATOM   623  N N   . GLN A 1 81  ? 15.012  3.125   -4.839  1.00 17.73 ? 271 GLN A N   1 
ATOM   624  C CA  . GLN A 1 81  ? 15.669  1.942   -4.293  1.00 16.69 ? 271 GLN A CA  1 
ATOM   625  C C   . GLN A 1 81  ? 15.652  1.900   -2.778  1.00 19.20 ? 271 GLN A C   1 
ATOM   626  O O   . GLN A 1 81  ? 15.548  2.936   -2.113  1.00 19.58 ? 271 GLN A O   1 
ATOM   627  C CB  . GLN A 1 81  ? 17.145  1.916   -4.688  1.00 20.21 ? 271 GLN A CB  1 
ATOM   628  C CG  . GLN A 1 81  ? 17.470  1.768   -6.143  1.00 20.47 ? 271 GLN A CG  1 
ATOM   629  C CD  . GLN A 1 81  ? 18.905  2.168   -6.420  1.00 22.26 ? 271 GLN A CD  1 
ATOM   630  O OE1 . GLN A 1 81  ? 19.276  3.332   -6.246  1.00 22.98 ? 271 GLN A OE1 1 
ATOM   631  N NE2 . GLN A 1 81  ? 19.725  1.209   -6.844  1.00 20.57 ? 271 GLN A NE2 1 
ATOM   632  N N   . LEU A 1 82  ? 15.780  0.694   -2.237  1.00 20.03 ? 272 LEU A N   1 
ATOM   633  C CA  . LEU A 1 82  ? 15.890  0.528   -0.798  1.00 21.39 ? 272 LEU A CA  1 
ATOM   634  C C   . LEU A 1 82  ? 17.394  0.713   -0.598  1.00 21.86 ? 272 LEU A C   1 
ATOM   635  O O   . LEU A 1 82  ? 18.184  0.286   -1.440  1.00 22.54 ? 272 LEU A O   1 
ATOM   636  C CB  . LEU A 1 82  ? 15.493  -0.883  -0.370  1.00 20.14 ? 272 LEU A CB  1 
ATOM   637  C CG  . LEU A 1 82  ? 14.006  -1.233  -0.416  1.00 20.35 ? 272 LEU A CG  1 
ATOM   638  C CD1 . LEU A 1 82  ? 13.816  -2.727  -0.204  1.00 21.63 ? 272 LEU A CD1 1 
ATOM   639  C CD2 . LEU A 1 82  ? 13.282  -0.446  0.664   1.00 18.95 ? 272 LEU A CD2 1 
ATOM   640  N N   . ARG A 1 83  ? 17.787  1.365   0.488   1.00 20.35 ? 273 ARG A N   1 
ATOM   641  C CA  . ARG A 1 83  ? 19.201  1.589   0.763   1.00 22.56 ? 273 ARG A CA  1 
ATOM   642  C C   . ARG A 1 83  ? 19.471  1.282   2.222   1.00 25.00 ? 273 ARG A C   1 
ATOM   643  O O   . ARG A 1 83  ? 18.698  1.680   3.095   1.00 23.87 ? 273 ARG A O   1 
ATOM   644  C CB  . ARG A 1 83  ? 19.587  3.040   0.469   1.00 25.25 ? 273 ARG A CB  1 
ATOM   645  C CG  . ARG A 1 83  ? 21.049  3.380   0.778   1.00 28.53 ? 273 ARG A CG  1 
ATOM   646  C CD  . ARG A 1 83  ? 21.411  4.783   0.292   1.00 34.29 ? 273 ARG A CD  1 
ATOM   647  N NE  . ARG A 1 83  ? 22.823  5.109   0.496   1.00 40.53 ? 273 ARG A NE  1 
ATOM   648  C CZ  . ARG A 1 83  ? 23.363  5.426   1.670   1.00 41.64 ? 273 ARG A CZ  1 
ATOM   649  N NH1 . ARG A 1 83  ? 24.659  5.704   1.755   1.00 42.17 ? 273 ARG A NH1 1 
ATOM   650  N NH2 . ARG A 1 83  ? 22.608  5.479   2.759   1.00 41.64 ? 273 ARG A NH2 1 
ATOM   651  N N   . ARG A 1 84  ? 20.558  0.571   2.490   1.00 23.19 ? 274 ARG A N   1 
ATOM   652  C CA  . ARG A 1 84  ? 20.910  0.232   3.864   1.00 26.88 ? 274 ARG A CA  1 
ATOM   653  C C   . ARG A 1 84  ? 22.110  1.083   4.267   1.00 26.88 ? 274 ARG A C   1 
ATOM   654  O O   . ARG A 1 84  ? 23.231  0.833   3.830   1.00 27.05 ? 274 ARG A O   1 
ATOM   655  C CB  . ARG A 1 84  ? 21.245  -1.253  3.971   1.00 27.87 ? 274 ARG A CB  1 
ATOM   656  C CG  . ARG A 1 84  ? 21.564  -1.721  5.379   1.00 30.04 ? 274 ARG A CG  1 
ATOM   657  C CD  . ARG A 1 84  ? 21.483  -3.225  5.441   1.00 32.65 ? 274 ARG A CD  1 
ATOM   658  N NE  . ARG A 1 84  ? 22.377  -3.850  4.471   1.00 34.78 ? 274 ARG A NE  1 
ATOM   659  C CZ  . ARG A 1 84  ? 22.174  -5.051  3.943   1.00 32.91 ? 274 ARG A CZ  1 
ATOM   660  N NH1 . ARG A 1 84  ? 23.038  -5.549  3.072   1.00 35.49 ? 274 ARG A NH1 1 
ATOM   661  N NH2 . ARG A 1 84  ? 21.096  -5.748  4.274   1.00 36.08 ? 274 ARG A NH2 1 
ATOM   662  N N   . PRO A 1 85  ? 21.880  2.110   5.100   1.00 28.16 ? 275 PRO A N   1 
ATOM   663  C CA  . PRO A 1 85  ? 22.920  3.028   5.576   1.00 33.19 ? 275 PRO A CA  1 
ATOM   664  C C   . PRO A 1 85  ? 24.180  2.378   6.143   1.00 33.75 ? 275 PRO A C   1 
ATOM   665  O O   . PRO A 1 85  ? 25.291  2.814   5.845   1.00 35.90 ? 275 PRO A O   1 
ATOM   666  C CB  . PRO A 1 85  ? 22.187  3.862   6.625   1.00 31.74 ? 275 PRO A CB  1 
ATOM   667  C CG  . PRO A 1 85  ? 20.789  3.894   6.106   1.00 29.56 ? 275 PRO A CG  1 
ATOM   668  C CD  . PRO A 1 85  ? 20.574  2.460   5.685   1.00 26.92 ? 275 PRO A CD  1 
ATOM   669  N N   . SER A 1 86  ? 24.005  1.340   6.955   1.00 35.83 ? 276 SER A N   1 
ATOM   670  C CA  . SER A 1 86  ? 25.140  0.662   7.577   1.00 36.81 ? 276 SER A CA  1 
ATOM   671  C C   . SER A 1 86  ? 26.222  0.237   6.587   1.00 38.69 ? 276 SER A C   1 
ATOM   672  O O   . SER A 1 86  ? 27.378  0.633   6.733   1.00 41.99 ? 276 SER A O   1 
ATOM   673  C CB  . SER A 1 86  ? 24.663  -0.553  8.379   1.00 35.36 ? 276 SER A CB  1 
ATOM   674  O OG  . SER A 1 86  ? 24.140  -1.561  7.535   1.00 38.29 ? 276 SER A OG  1 
ATOM   675  N N   . ASP A 1 87  ? 25.858  -0.564  5.587   1.00 38.56 ? 277 ASP A N   1 
ATOM   676  C CA  . ASP A 1 87  ? 26.835  -1.015  4.597   1.00 38.13 ? 277 ASP A CA  1 
ATOM   677  C C   . ASP A 1 87  ? 26.565  -0.475  3.191   1.00 38.95 ? 277 ASP A C   1 
ATOM   678  O O   . ASP A 1 87  ? 27.125  -0.966  2.210   1.00 37.28 ? 277 ASP A O   1 
ATOM   679  C CB  . ASP A 1 87  ? 26.885  -2.547  4.556   1.00 39.10 ? 277 ASP A CB  1 
ATOM   680  C CG  . ASP A 1 87  ? 25.614  -3.158  4.017   1.00 39.07 ? 277 ASP A CG  1 
ATOM   681  O OD1 . ASP A 1 87  ? 25.563  -4.396  3.869   1.00 37.86 ? 277 ASP A OD1 1 
ATOM   682  O OD2 . ASP A 1 87  ? 24.662  -2.401  3.742   1.00 42.28 ? 277 ASP A OD2 1 
ATOM   683  N N   . ARG A 1 88  ? 25.705  0.537   3.105   1.00 37.44 ? 278 ARG A N   1 
ATOM   684  C CA  . ARG A 1 88  ? 25.351  1.163   1.832   1.00 38.59 ? 278 ARG A CA  1 
ATOM   685  C C   . ARG A 1 88  ? 24.831  0.205   0.761   1.00 36.49 ? 278 ARG A C   1 
ATOM   686  O O   . ARG A 1 88  ? 24.932  0.490   -0.432  1.00 39.26 ? 278 ARG A O   1 
ATOM   687  C CB  . ARG A 1 88  ? 26.542  1.950   1.274   1.00 42.09 ? 278 ARG A CB  1 
ATOM   688  C CG  . ARG A 1 88  ? 26.908  3.184   2.087   1.00 47.82 ? 278 ARG A CG  1 
ATOM   689  C CD  . ARG A 1 88  ? 27.759  4.157   1.276   1.00 55.73 ? 278 ARG A CD  1 
ATOM   690  N NE  . ARG A 1 88  ? 29.172  4.137   1.648   1.00 61.71 ? 278 ARG A NE  1 
ATOM   691  C CZ  . ARG A 1 88  ? 29.969  3.079   1.538   1.00 64.28 ? 278 ARG A CZ  1 
ATOM   692  N NH1 . ARG A 1 88  ? 29.501  1.933   1.065   1.00 65.40 ? 278 ARG A NH1 1 
ATOM   693  N NH2 . ARG A 1 88  ? 31.244  3.170   1.899   1.00 66.47 ? 278 ARG A NH2 1 
ATOM   694  N N   . GLU A 1 89  ? 24.273  -0.924  1.181   1.00 33.44 ? 279 GLU A N   1 
ATOM   695  C CA  . GLU A 1 89  ? 23.727  -1.892  0.236   1.00 31.72 ? 279 GLU A CA  1 
ATOM   696  C C   . GLU A 1 89  ? 22.510  -1.268  -0.455  1.00 30.26 ? 279 GLU A C   1 
ATOM   697  O O   . GLU A 1 89  ? 21.764  -0.520  0.170   1.00 28.31 ? 279 GLU A O   1 
ATOM   698  C CB  . GLU A 1 89  ? 23.311  -3.163  0.978   1.00 36.80 ? 279 GLU A CB  1 
ATOM   699  C CG  . GLU A 1 89  ? 22.806  -4.283  0.085   1.00 40.86 ? 279 GLU A CG  1 
ATOM   700  C CD  . GLU A 1 89  ? 23.842  -4.736  -0.923  1.00 43.82 ? 279 GLU A CD  1 
ATOM   701  O OE1 . GLU A 1 89  ? 24.980  -5.037  -0.513  1.00 43.20 ? 279 GLU A OE1 1 
ATOM   702  O OE2 . GLU A 1 89  ? 23.517  -4.795  -2.127  1.00 48.95 ? 279 GLU A OE2 1 
ATOM   703  N N   . LEU A 1 90  ? 22.316  -1.571  -1.736  1.00 26.57 ? 280 LEU A N   1 
ATOM   704  C CA  . LEU A 1 90  ? 21.188  -1.026  -2.494  1.00 26.31 ? 280 LEU A CA  1 
ATOM   705  C C   . LEU A 1 90  ? 20.403  -2.108  -3.223  1.00 25.03 ? 280 LEU A C   1 
ATOM   706  O O   . LEU A 1 90  ? 20.967  -3.101  -3.679  1.00 25.03 ? 280 LEU A O   1 
ATOM   707  C CB  . LEU A 1 90  ? 21.680  -0.004  -3.525  1.00 25.03 ? 280 LEU A CB  1 
ATOM   708  C CG  . LEU A 1 90  ? 22.254  1.335   -3.061  1.00 26.55 ? 280 LEU A CG  1 
ATOM   709  C CD1 . LEU A 1 90  ? 23.018  1.970   -4.206  1.00 26.83 ? 280 LEU A CD1 1 
ATOM   710  C CD2 . LEU A 1 90  ? 21.141  2.247   -2.581  1.00 26.22 ? 280 LEU A CD2 1 
ATOM   711  N N   . SER A 1 91  ? 19.094  -1.915  -3.339  1.00 24.52 ? 281 SER A N   1 
ATOM   712  C CA  . SER A 1 91  ? 18.267  -2.879  -4.046  1.00 22.72 ? 281 SER A CA  1 
ATOM   713  C C   . SER A 1 91  ? 18.288  -2.494  -5.520  1.00 21.47 ? 281 SER A C   1 
ATOM   714  O O   . SER A 1 91  ? 18.754  -1.409  -5.873  1.00 23.76 ? 281 SER A O   1 
ATOM   715  C CB  . SER A 1 91  ? 16.823  -2.812  -3.554  1.00 24.71 ? 281 SER A CB  1 
ATOM   716  O OG  . SER A 1 91  ? 16.196  -1.630  -4.034  1.00 19.68 ? 281 SER A OG  1 
ATOM   717  N N   . GLU A 1 92  ? 17.798  -3.383  -6.377  1.00 22.40 ? 282 GLU A N   1 
ATOM   718  C CA  . GLU A 1 92  ? 17.722  -3.072  -7.797  1.00 25.54 ? 282 GLU A CA  1 
ATOM   719  C C   . GLU A 1 92  ? 16.745  -1.903  -7.854  1.00 24.77 ? 282 GLU A C   1 
ATOM   720  O O   . GLU A 1 92  ? 15.810  -1.832  -7.050  1.00 20.14 ? 282 GLU A O   1 
ATOM   721  C CB  . GLU A 1 92  ? 17.170  -4.252  -8.596  1.00 29.55 ? 282 GLU A CB  1 
ATOM   722  C CG  . GLU A 1 92  ? 18.077  -5.469  -8.604  1.00 40.66 ? 282 GLU A CG  1 
ATOM   723  C CD  . GLU A 1 92  ? 17.632  -6.512  -9.607  1.00 46.62 ? 282 GLU A CD  1 
ATOM   724  O OE1 . GLU A 1 92  ? 16.458  -6.940  -9.546  1.00 51.63 ? 282 GLU A OE1 1 
ATOM   725  O OE2 . GLU A 1 92  ? 18.458  -6.906  -10.458 1.00 52.05 ? 282 GLU A OE2 1 
ATOM   726  N N   . PRO A 1 93  ? 16.950  -0.971  -8.794  1.00 23.80 ? 283 PRO A N   1 
ATOM   727  C CA  . PRO A 1 93  ? 16.087  0.201   -8.938  1.00 23.45 ? 283 PRO A CA  1 
ATOM   728  C C   . PRO A 1 93  ? 14.719  -0.028  -9.560  1.00 24.65 ? 283 PRO A C   1 
ATOM   729  O O   . PRO A 1 93  ? 14.564  -0.801  -10.507 1.00 25.66 ? 283 PRO A O   1 
ATOM   730  C CB  . PRO A 1 93  ? 16.938  1.142   -9.779  1.00 24.30 ? 283 PRO A CB  1 
ATOM   731  C CG  . PRO A 1 93  ? 17.647  0.189   -10.693 1.00 26.74 ? 283 PRO A CG  1 
ATOM   732  C CD  . PRO A 1 93  ? 18.073  -0.915  -9.750  1.00 26.39 ? 283 PRO A CD  1 
ATOM   733  N N   . MET A 1 94  ? 13.730  0.659   -9.004  1.00 22.54 ? 284 MET A N   1 
ATOM   734  C CA  . MET A 1 94  ? 12.369  0.596   -9.503  1.00 22.63 ? 284 MET A CA  1 
ATOM   735  C C   . MET A 1 94  ? 12.092  1.983   -10.047 1.00 20.22 ? 284 MET A C   1 
ATOM   736  O O   . MET A 1 94  ? 12.571  2.977   -9.505  1.00 19.97 ? 284 MET A O   1 
ATOM   737  C CB  . MET A 1 94  ? 11.391  0.277   -8.372  1.00 27.69 ? 284 MET A CB  1 
ATOM   738  C CG  . MET A 1 94  ? 9.942   0.287   -8.816  1.00 33.85 ? 284 MET A CG  1 
ATOM   739  S SD  . MET A 1 94  ? 8.792   -0.124  -7.492  1.00 39.18 ? 284 MET A SD  1 
ATOM   740  C CE  . MET A 1 94  ? 8.619   -1.910  -7.736  1.00 35.85 ? 284 MET A CE  1 
ATOM   741  N N   . GLU A 1 95  ? 11.318  2.058   -11.119 1.00 17.16 ? 285 GLU A N   1 
ATOM   742  C CA  . GLU A 1 95  ? 11.009  3.340   -11.719 1.00 21.35 ? 285 GLU A CA  1 
ATOM   743  C C   . GLU A 1 95  ? 9.874   4.072   -11.004 1.00 19.81 ? 285 GLU A C   1 
ATOM   744  O O   . GLU A 1 95  ? 8.891   3.458   -10.605 1.00 19.10 ? 285 GLU A O   1 
ATOM   745  C CB  . GLU A 1 95  ? 10.638  3.124   -13.188 1.00 23.80 ? 285 GLU A CB  1 
ATOM   746  C CG  . GLU A 1 95  ? 10.602  4.386   -14.011 1.00 28.72 ? 285 GLU A CG  1 
ATOM   747  C CD  . GLU A 1 95  ? 10.410  4.090   -15.482 1.00 30.92 ? 285 GLU A CD  1 
ATOM   748  O OE1 . GLU A 1 95  ? 9.306   3.651   -15.860 1.00 29.00 ? 285 GLU A OE1 1 
ATOM   749  O OE2 . GLU A 1 95  ? 11.371  4.286   -16.253 1.00 31.10 ? 285 GLU A OE2 1 
ATOM   750  N N   . PHE A 1 96  ? 10.034  5.379   -10.819 1.00 20.18 ? 286 PHE A N   1 
ATOM   751  C CA  . PHE A 1 96  ? 8.992   6.202   -10.208 1.00 18.15 ? 286 PHE A CA  1 
ATOM   752  C C   . PHE A 1 96  ? 8.865   7.433   -11.084 1.00 19.72 ? 286 PHE A C   1 
ATOM   753  O O   . PHE A 1 96  ? 9.866   8.022   -11.493 1.00 19.27 ? 286 PHE A O   1 
ATOM   754  C CB  . PHE A 1 96  ? 9.335   6.616   -8.773  1.00 19.07 ? 286 PHE A CB  1 
ATOM   755  C CG  . PHE A 1 96  ? 8.213   7.352   -8.080  1.00 17.38 ? 286 PHE A CG  1 
ATOM   756  C CD1 . PHE A 1 96  ? 8.112   8.738   -8.164  1.00 18.23 ? 286 PHE A CD1 1 
ATOM   757  C CD2 . PHE A 1 96  ? 7.231   6.651   -7.384  1.00 19.05 ? 286 PHE A CD2 1 
ATOM   758  C CE1 . PHE A 1 96  ? 7.044   9.417   -7.567  1.00 22.52 ? 286 PHE A CE1 1 
ATOM   759  C CE2 . PHE A 1 96  ? 6.155   7.320   -6.784  1.00 21.07 ? 286 PHE A CE2 1 
ATOM   760  C CZ  . PHE A 1 96  ? 6.064   8.706   -6.875  1.00 19.96 ? 286 PHE A CZ  1 
ATOM   761  N N   . GLN A 1 97  ? 7.632   7.822   -11.368 1.00 17.31 ? 287 GLN A N   1 
ATOM   762  C CA  . GLN A 1 97  ? 7.387   8.957   -12.235 1.00 18.36 ? 287 GLN A CA  1 
ATOM   763  C C   . GLN A 1 97  ? 6.776   10.152  -11.510 1.00 20.80 ? 287 GLN A C   1 
ATOM   764  O O   . GLN A 1 97  ? 5.673   10.065  -10.969 1.00 19.29 ? 287 GLN A O   1 
ATOM   765  C CB  . GLN A 1 97  ? 6.470   8.514   -13.384 1.00 21.35 ? 287 GLN A CB  1 
ATOM   766  C CG  . GLN A 1 97  ? 6.079   9.602   -14.366 1.00 25.09 ? 287 GLN A CG  1 
ATOM   767  C CD  . GLN A 1 97  ? 5.069   9.111   -15.399 1.00 29.46 ? 287 GLN A CD  1 
ATOM   768  O OE1 . GLN A 1 97  ? 3.970   8.672   -15.053 1.00 31.44 ? 287 GLN A OE1 1 
ATOM   769  N NE2 . GLN A 1 97  ? 5.444   9.177   -16.668 1.00 29.77 ? 287 GLN A NE2 1 
ATOM   770  N N   . TYR A 1 98  ? 7.502   11.264  -11.485 1.00 19.99 ? 288 TYR A N   1 
ATOM   771  C CA  . TYR A 1 98  ? 6.985   12.472  -10.861 1.00 17.38 ? 288 TYR A CA  1 
ATOM   772  C C   . TYR A 1 98  ? 6.105   13.171  -11.883 1.00 20.15 ? 288 TYR A C   1 
ATOM   773  O O   . TYR A 1 98  ? 6.426   13.190  -13.068 1.00 21.00 ? 288 TYR A O   1 
ATOM   774  C CB  . TYR A 1 98  ? 8.121   13.392  -10.434 1.00 15.74 ? 288 TYR A CB  1 
ATOM   775  C CG  . TYR A 1 98  ? 8.696   13.031  -9.087  1.00 16.19 ? 288 TYR A CG  1 
ATOM   776  C CD1 . TYR A 1 98  ? 10.010  12.577  -8.967  1.00 18.53 ? 288 TYR A CD1 1 
ATOM   777  C CD2 . TYR A 1 98  ? 7.938   13.185  -7.928  1.00 14.53 ? 288 TYR A CD2 1 
ATOM   778  C CE1 . TYR A 1 98  ? 10.561  12.290  -7.717  1.00 19.90 ? 288 TYR A CE1 1 
ATOM   779  C CE2 . TYR A 1 98  ? 8.477   12.904  -6.672  1.00 16.07 ? 288 TYR A CE2 1 
ATOM   780  C CZ  . TYR A 1 98  ? 9.791   12.459  -6.574  1.00 20.03 ? 288 TYR A CZ  1 
ATOM   781  O OH  . TYR A 1 98  ? 10.345  12.210  -5.336  1.00 19.59 ? 288 TYR A OH  1 
ATOM   782  N N   . LEU A 1 99  ? 5.005   13.753  -11.414 1.00 18.42 ? 289 LEU A N   1 
ATOM   783  C CA  . LEU A 1 99  ? 4.055   14.422  -12.293 1.00 17.95 ? 289 LEU A CA  1 
ATOM   784  C C   . LEU A 1 99  ? 3.863   15.898  -11.962 1.00 19.92 ? 289 LEU A C   1 
ATOM   785  O O   . LEU A 1 99  ? 4.015   16.311  -10.813 1.00 21.09 ? 289 LEU A O   1 
ATOM   786  C CB  . LEU A 1 99  ? 2.704   13.720  -12.187 1.00 22.40 ? 289 LEU A CB  1 
ATOM   787  C CG  . LEU A 1 99  ? 2.775   12.196  -12.261 1.00 25.65 ? 289 LEU A CG  1 
ATOM   788  C CD1 . LEU A 1 99  ? 1.455   11.588  -11.818 1.00 27.98 ? 289 LEU A CD1 1 
ATOM   789  C CD2 . LEU A 1 99  ? 3.131   11.781  -13.676 1.00 28.26 ? 289 LEU A CD2 1 
ATOM   790  N N   . PRO A 1 100 ? 3.523   16.714  -12.973 1.00 19.48 ? 290 PRO A N   1 
ATOM   791  C CA  . PRO A 1 100 ? 3.306   18.145  -12.748 1.00 21.21 ? 290 PRO A CA  1 
ATOM   792  C C   . PRO A 1 100 ? 2.221   18.329  -11.693 1.00 19.58 ? 290 PRO A C   1 
ATOM   793  O O   . PRO A 1 100 ? 1.312   17.509  -11.579 1.00 20.71 ? 290 PRO A O   1 
ATOM   794  C CB  . PRO A 1 100 ? 2.860   18.642  -14.122 1.00 21.50 ? 290 PRO A CB  1 
ATOM   795  C CG  . PRO A 1 100 ? 3.623   17.753  -15.053 1.00 24.40 ? 290 PRO A CG  1 
ATOM   796  C CD  . PRO A 1 100 ? 3.434   16.392  -14.408 1.00 24.27 ? 290 PRO A CD  1 
ATOM   797  N N   . ASP A 1 101 ? 2.318   19.400  -10.916 1.00 22.00 ? 291 ASP A N   1 
ATOM   798  C CA  . ASP A 1 101 ? 1.333   19.674  -9.880  1.00 27.57 ? 291 ASP A CA  1 
ATOM   799  C C   . ASP A 1 101 ? 1.407   21.163  -9.570  1.00 31.38 ? 291 ASP A C   1 
ATOM   800  O O   . ASP A 1 101 ? 2.389   21.821  -9.913  1.00 33.44 ? 291 ASP A O   1 
ATOM   801  C CB  . ASP A 1 101 ? 1.647   18.853  -8.628  1.00 26.94 ? 291 ASP A CB  1 
ATOM   802  C CG  . ASP A 1 101 ? 0.476   18.771  -7.670  1.00 29.63 ? 291 ASP A CG  1 
ATOM   803  O OD1 . ASP A 1 101 ? 0.623   18.123  -6.612  1.00 26.70 ? 291 ASP A OD1 1 
ATOM   804  O OD2 . ASP A 1 101 ? -0.590  19.344  -7.970  1.00 28.53 ? 291 ASP A OD2 1 
ATOM   805  N N   . THR A 1 102 ? 0.374   21.698  -8.930  1.00 34.74 ? 292 THR A N   1 
ATOM   806  C CA  . THR A 1 102 ? 0.363   23.115  -8.603  1.00 38.99 ? 292 THR A CA  1 
ATOM   807  C C   . THR A 1 102 ? -0.082  23.417  -7.173  1.00 38.89 ? 292 THR A C   1 
ATOM   808  O O   . THR A 1 102 ? -0.801  22.634  -6.551  1.00 40.38 ? 292 THR A O   1 
ATOM   809  C CB  . THR A 1 102 ? -0.550  23.896  -9.574  1.00 40.11 ? 292 THR A CB  1 
ATOM   810  O OG1 . THR A 1 102 ? -0.546  25.285  -9.221  1.00 47.24 ? 292 THR A OG1 1 
ATOM   811  C CG2 . THR A 1 102 ? -1.973  23.367  -9.511  1.00 42.02 ? 292 THR A CG2 1 
ATOM   812  N N   . ASP A 1 103 ? 0.366   24.561  -6.666  1.00 39.34 ? 293 ASP A N   1 
ATOM   813  C CA  . ASP A 1 103 ? 0.027   25.024  -5.325  1.00 38.64 ? 293 ASP A CA  1 
ATOM   814  C C   . ASP A 1 103 ? -0.353  26.494  -5.466  1.00 36.70 ? 293 ASP A C   1 
ATOM   815  O O   . ASP A 1 103 ? 0.489   27.332  -5.783  1.00 36.97 ? 293 ASP A O   1 
ATOM   816  C CB  . ASP A 1 103 ? 1.234   24.873  -4.388  1.00 40.76 ? 293 ASP A CB  1 
ATOM   817  C CG  . ASP A 1 103 ? 0.911   25.235  -2.943  1.00 41.48 ? 293 ASP A CG  1 
ATOM   818  O OD1 . ASP A 1 103 ? 1.781   25.020  -2.071  1.00 41.49 ? 293 ASP A OD1 1 
ATOM   819  O OD2 . ASP A 1 103 ? -0.202  25.735  -2.674  1.00 42.10 ? 293 ASP A OD2 1 
ATOM   820  N N   . ASP A 1 104 ? -1.628  26.800  -5.246  1.00 35.88 ? 294 ASP A N   1 
ATOM   821  C CA  . ASP A 1 104 ? -2.115  28.168  -5.365  1.00 35.51 ? 294 ASP A CA  1 
ATOM   822  C C   . ASP A 1 104 ? -1.385  29.112  -4.419  1.00 34.39 ? 294 ASP A C   1 
ATOM   823  O O   . ASP A 1 104 ? -1.378  30.325  -4.625  1.00 37.57 ? 294 ASP A O   1 
ATOM   824  C CB  . ASP A 1 104 ? -3.618  28.214  -5.092  1.00 36.32 ? 294 ASP A CB  1 
ATOM   825  N N   . ARG A 1 105 ? -0.768  28.555  -3.383  1.00 32.34 ? 295 ARG A N   1 
ATOM   826  C CA  . ARG A 1 105 ? -0.040  29.367  -2.412  1.00 32.61 ? 295 ARG A CA  1 
ATOM   827  C C   . ARG A 1 105 ? 1.418   29.596  -2.805  1.00 31.23 ? 295 ARG A C   1 
ATOM   828  O O   . ARG A 1 105 ? 2.104   30.414  -2.196  1.00 27.93 ? 295 ARG A O   1 
ATOM   829  C CB  . ARG A 1 105 ? -0.092  28.708  -1.035  1.00 31.41 ? 295 ARG A CB  1 
ATOM   830  C CG  . ARG A 1 105 ? -1.482  28.628  -0.429  1.00 34.24 ? 295 ARG A CG  1 
ATOM   831  C CD  . ARG A 1 105 ? -1.429  27.960  0.929   1.00 31.62 ? 295 ARG A CD  1 
ATOM   832  N NE  . ARG A 1 105 ? -0.867  26.617  0.829   1.00 36.34 ? 295 ARG A NE  1 
ATOM   833  C CZ  . ARG A 1 105 ? -0.532  25.864  1.870   1.00 42.16 ? 295 ARG A CZ  1 
ATOM   834  N NH1 . ARG A 1 105 ? -0.701  26.318  3.105   1.00 44.98 ? 295 ARG A NH1 1 
ATOM   835  N NH2 . ARG A 1 105 ? -0.020  24.655  1.678   1.00 42.85 ? 295 ARG A NH2 1 
ATOM   836  N N   . HIS A 1 106 ? 1.884   28.877  -3.825  1.00 33.47 ? 296 HIS A N   1 
ATOM   837  C CA  . HIS A 1 106 ? 3.267   28.997  -4.283  1.00 35.85 ? 296 HIS A CA  1 
ATOM   838  C C   . HIS A 1 106 ? 3.369   29.479  -5.730  1.00 39.02 ? 296 HIS A C   1 
ATOM   839  O O   . HIS A 1 106 ? 2.826   28.858  -6.642  1.00 39.05 ? 296 HIS A O   1 
ATOM   840  C CB  . HIS A 1 106 ? 3.972   27.644  -4.157  1.00 36.94 ? 296 HIS A CB  1 
ATOM   841  C CG  . HIS A 1 106 ? 5.456   27.713  -4.339  1.00 39.28 ? 296 HIS A CG  1 
ATOM   842  N ND1 . HIS A 1 106 ? 6.079   28.763  -4.979  1.00 38.59 ? 296 HIS A ND1 1 
ATOM   843  C CD2 . HIS A 1 106 ? 6.439   26.853  -3.984  1.00 37.73 ? 296 HIS A CD2 1 
ATOM   844  C CE1 . HIS A 1 106 ? 7.382   28.547  -5.008  1.00 40.00 ? 296 HIS A CE1 1 
ATOM   845  N NE2 . HIS A 1 106 ? 7.627   27.395  -4.412  1.00 40.26 ? 296 HIS A NE2 1 
ATOM   846  N N   . ARG A 1 107 ? 4.079   30.584  -5.937  1.00 43.01 ? 297 ARG A N   1 
ATOM   847  C CA  . ARG A 1 107 ? 4.263   31.139  -7.275  1.00 47.75 ? 297 ARG A CA  1 
ATOM   848  C C   . ARG A 1 107 ? 5.716   31.023  -7.721  1.00 49.07 ? 297 ARG A C   1 
ATOM   849  O O   . ARG A 1 107 ? 6.468   31.987  -7.467  1.00 50.80 ? 297 ARG A O   1 
ATOM   850  C CB  . ARG A 1 107 ? 3.835   32.605  -7.304  1.00 50.41 ? 297 ARG A CB  1 
ATOM   851  C CG  . ARG A 1 107 ? 2.351   32.813  -7.100  1.00 55.18 ? 297 ARG A CG  1 
ATOM   852  C CD  . ARG A 1 107 ? 1.981   34.272  -7.261  1.00 59.58 ? 297 ARG A CD  1 
ATOM   853  N NE  . ARG A 1 107 ? 0.535   34.455  -7.326  1.00 62.64 ? 297 ARG A NE  1 
ATOM   854  C CZ  . ARG A 1 107 ? -0.058  35.618  -7.570  1.00 63.86 ? 297 ARG A CZ  1 
ATOM   855  N NH1 . ARG A 1 107 ? 0.671   36.708  -7.774  1.00 62.80 ? 297 ARG A NH1 1 
ATOM   856  N NH2 . ARG A 1 107 ? -1.382  35.688  -7.624  1.00 65.78 ? 297 ARG A NH2 1 
ATOM   857  N N   . THR B 1 1   ? -6.879  -20.909 17.909  1.00 73.64 ? 191 THR B N   1 
ATOM   858  C CA  . THR B 1 1   ? -5.414  -20.638 17.814  1.00 73.65 ? 191 THR B CA  1 
ATOM   859  C C   . THR B 1 1   ? -5.152  -19.335 17.059  1.00 73.12 ? 191 THR B C   1 
ATOM   860  O O   . THR B 1 1   ? -5.620  -19.154 15.935  1.00 72.86 ? 191 THR B O   1 
ATOM   861  C CB  . THR B 1 1   ? -4.679  -21.794 17.090  1.00 74.40 ? 191 THR B CB  1 
ATOM   862  O OG1 . THR B 1 1   ? -4.920  -23.028 17.782  1.00 74.47 ? 191 THR B OG1 1 
ATOM   863  C CG2 . THR B 1 1   ? -3.178  -21.532 17.048  1.00 73.54 ? 191 THR B CG2 1 
ATOM   864  N N   . ALA B 1 2   ? -4.406  -18.430 17.689  1.00 71.87 ? 192 ALA B N   1 
ATOM   865  C CA  . ALA B 1 2   ? -4.070  -17.139 17.090  1.00 69.77 ? 192 ALA B CA  1 
ATOM   866  C C   . ALA B 1 2   ? -5.309  -16.308 16.764  1.00 67.01 ? 192 ALA B C   1 
ATOM   867  O O   . ALA B 1 2   ? -6.430  -16.819 16.752  1.00 67.48 ? 192 ALA B O   1 
ATOM   868  C CB  . ALA B 1 2   ? -3.238  -17.350 15.825  1.00 69.73 ? 192 ALA B CB  1 
ATOM   869  N N   . GLU B 1 3   ? -5.100  -15.021 16.508  1.00 62.82 ? 193 GLU B N   1 
ATOM   870  C CA  . GLU B 1 3   ? -6.199  -14.123 16.173  1.00 57.40 ? 193 GLU B CA  1 
ATOM   871  C C   . GLU B 1 3   ? -5.856  -13.295 14.941  1.00 51.26 ? 193 GLU B C   1 
ATOM   872  O O   . GLU B 1 3   ? -4.686  -13.131 14.594  1.00 50.33 ? 193 GLU B O   1 
ATOM   873  C CB  . GLU B 1 3   ? -6.511  -13.187 17.340  1.00 60.00 ? 193 GLU B CB  1 
ATOM   874  C CG  . GLU B 1 3   ? -5.447  -12.141 17.600  1.00 64.08 ? 193 GLU B CG  1 
ATOM   875  C CD  . GLU B 1 3   ? -5.904  -11.098 18.593  1.00 68.32 ? 193 GLU B CD  1 
ATOM   876  O OE1 . GLU B 1 3   ? -6.207  -11.470 19.748  1.00 69.15 ? 193 GLU B OE1 1 
ATOM   877  O OE2 . GLU B 1 3   ? -5.963  -9.906  18.220  1.00 71.09 ? 193 GLU B OE2 1 
ATOM   878  N N   . LEU B 1 4   ? -6.889  -12.769 14.294  1.00 44.26 ? 194 LEU B N   1 
ATOM   879  C CA  . LEU B 1 4   ? -6.722  -11.967 13.089  1.00 35.86 ? 194 LEU B CA  1 
ATOM   880  C C   . LEU B 1 4   ? -6.816  -10.481 13.422  1.00 33.52 ? 194 LEU B C   1 
ATOM   881  O O   . LEU B 1 4   ? -7.685  -10.062 14.187  1.00 31.14 ? 194 LEU B O   1 
ATOM   882  C CB  . LEU B 1 4   ? -7.801  -12.348 12.075  1.00 37.13 ? 194 LEU B CB  1 
ATOM   883  C CG  . LEU B 1 4   ? -7.896  -13.849 11.778  1.00 34.47 ? 194 LEU B CG  1 
ATOM   884  C CD1 . LEU B 1 4   ? -9.163  -14.135 10.998  1.00 35.22 ? 194 LEU B CD1 1 
ATOM   885  C CD2 . LEU B 1 4   ? -6.666  -14.302 11.002  1.00 36.20 ? 194 LEU B CD2 1 
ATOM   886  N N   . LYS B 1 5   ? -5.920  -9.685  12.845  1.00 25.58 ? 195 LYS B N   1 
ATOM   887  C CA  . LYS B 1 5   ? -5.914  -8.251  13.096  1.00 24.57 ? 195 LYS B CA  1 
ATOM   888  C C   . LYS B 1 5   ? -5.481  -7.441  11.886  1.00 25.14 ? 195 LYS B C   1 
ATOM   889  O O   . LYS B 1 5   ? -4.440  -7.709  11.284  1.00 24.60 ? 195 LYS B O   1 
ATOM   890  C CB  . LYS B 1 5   ? -4.986  -7.913  14.267  1.00 25.09 ? 195 LYS B CB  1 
ATOM   891  C CG  . LYS B 1 5   ? -4.844  -6.418  14.523  1.00 29.59 ? 195 LYS B CG  1 
ATOM   892  C CD  . LYS B 1 5   ? -3.911  -6.119  15.688  1.00 35.22 ? 195 LYS B CD  1 
ATOM   893  C CE  . LYS B 1 5   ? -3.691  -4.617  15.831  1.00 39.01 ? 195 LYS B CE  1 
ATOM   894  N NZ  . LYS B 1 5   ? -2.820  -4.265  16.989  1.00 38.73 ? 195 LYS B NZ  1 
ATOM   895  N N   . ILE B 1 6   ? -6.295  -6.458  11.528  1.00 21.72 ? 196 ILE B N   1 
ATOM   896  C CA  . ILE B 1 6   ? -5.974  -5.569  10.422  1.00 23.51 ? 196 ILE B CA  1 
ATOM   897  C C   . ILE B 1 6   ? -5.190  -4.438  11.079  1.00 22.28 ? 196 ILE B C   1 
ATOM   898  O O   . ILE B 1 6   ? -5.691  -3.797  11.999  1.00 23.61 ? 196 ILE B O   1 
ATOM   899  C CB  . ILE B 1 6   ? -7.254  -5.013  9.770   1.00 21.33 ? 196 ILE B CB  1 
ATOM   900  C CG1 . ILE B 1 6   ? -8.043  -6.157  9.132   1.00 18.56 ? 196 ILE B CG1 1 
ATOM   901  C CG2 . ILE B 1 6   ? -6.900  -3.950  8.735   1.00 22.75 ? 196 ILE B CG2 1 
ATOM   902  C CD1 . ILE B 1 6   ? -9.380  -5.743  8.550   1.00 23.81 ? 196 ILE B CD1 1 
ATOM   903  N N   . CYS B 1 7   ? -3.958  -4.213  10.625  1.00 19.51 ? 197 CYS B N   1 
ATOM   904  C CA  . CYS B 1 7   ? -3.106  -3.171  11.195  1.00 19.63 ? 197 CYS B CA  1 
ATOM   905  C C   . CYS B 1 7   ? -3.174  -1.837  10.459  1.00 20.13 ? 197 CYS B C   1 
ATOM   906  O O   . CYS B 1 7   ? -3.161  -0.773  11.080  1.00 22.43 ? 197 CYS B O   1 
ATOM   907  C CB  . CYS B 1 7   ? -1.656  -3.648  11.243  1.00 23.63 ? 197 CYS B CB  1 
ATOM   908  S SG  . CYS B 1 7   ? -1.397  -5.091  12.297  1.00 29.82 ? 197 CYS B SG  1 
ATOM   909  N N   . ARG B 1 8   ? -3.232  -1.886  9.136   1.00 18.32 ? 198 ARG B N   1 
ATOM   910  C CA  . ARG B 1 8   ? -3.313  -0.658  8.360   1.00 20.07 ? 198 ARG B CA  1 
ATOM   911  C C   . ARG B 1 8   ? -3.735  -0.967  6.938   1.00 20.28 ? 198 ARG B C   1 
ATOM   912  O O   . ARG B 1 8   ? -3.536  -2.079  6.452   1.00 17.60 ? 198 ARG B O   1 
ATOM   913  C CB  . ARG B 1 8   ? -1.962  0.073   8.332   1.00 24.15 ? 198 ARG B CB  1 
ATOM   914  C CG  . ARG B 1 8   ? -2.125  1.558   8.039   1.00 29.63 ? 198 ARG B CG  1 
ATOM   915  C CD  . ARG B 1 8   ? -0.967  2.162   7.264   1.00 35.03 ? 198 ARG B CD  1 
ATOM   916  N NE  . ARG B 1 8   ? 0.289   2.148   7.999   1.00 30.99 ? 198 ARG B NE  1 
ATOM   917  C CZ  . ARG B 1 8   ? 1.023   3.231   8.232   1.00 32.52 ? 198 ARG B CZ  1 
ATOM   918  N NH1 . ARG B 1 8   ? 0.621   4.417   7.798   1.00 31.40 ? 198 ARG B NH1 1 
ATOM   919  N NH2 . ARG B 1 8   ? 2.175   3.126   8.874   1.00 26.86 ? 198 ARG B NH2 1 
ATOM   920  N N   . VAL B 1 9   ? -4.344  0.016   6.284   1.00 19.52 ? 199 VAL B N   1 
ATOM   921  C CA  . VAL B 1 9   ? -4.772  -0.136  4.899   1.00 19.02 ? 199 VAL B CA  1 
ATOM   922  C C   . VAL B 1 9   ? -4.415  1.143   4.151   1.00 19.03 ? 199 VAL B C   1 
ATOM   923  O O   . VAL B 1 9   ? -4.212  2.194   4.766   1.00 17.54 ? 199 VAL B O   1 
ATOM   924  C CB  . VAL B 1 9   ? -6.295  -0.383  4.777   1.00 18.64 ? 199 VAL B CB  1 
ATOM   925  C CG1 . VAL B 1 9   ? -6.660  -1.692  5.459   1.00 17.80 ? 199 VAL B CG1 1 
ATOM   926  C CG2 . VAL B 1 9   ? -7.074  0.791   5.368   1.00 21.84 ? 199 VAL B CG2 1 
ATOM   927  N N   . ASN B 1 10  ? -4.315  1.053   2.830   1.00 15.84 ? 200 ASN B N   1 
ATOM   928  C CA  . ASN B 1 10  ? -3.983  2.226   2.038   1.00 17.92 ? 200 ASN B CA  1 
ATOM   929  C C   . ASN B 1 10  ? -5.226  3.080   1.816   1.00 17.94 ? 200 ASN B C   1 
ATOM   930  O O   . ASN B 1 10  ? -5.128  4.281   1.570   1.00 18.24 ? 200 ASN B O   1 
ATOM   931  C CB  . ASN B 1 10  ? -3.376  1.810   0.692   1.00 18.04 ? 200 ASN B CB  1 
ATOM   932  C CG  . ASN B 1 10  ? -4.339  1.011   -0.164  1.00 21.01 ? 200 ASN B CG  1 
ATOM   933  O OD1 . ASN B 1 10  ? -4.993  0.083   0.314   1.00 22.88 ? 200 ASN B OD1 1 
ATOM   934  N ND2 . ASN B 1 10  ? -4.421  1.362   -1.445  1.00 22.79 ? 200 ASN B ND2 1 
ATOM   935  N N   . ARG B 1 11  ? -6.399  2.462   1.892   1.00 16.68 ? 201 ARG B N   1 
ATOM   936  C CA  . ARG B 1 11  ? -7.639  3.213   1.712   1.00 16.85 ? 201 ARG B CA  1 
ATOM   937  C C   . ARG B 1 11  ? -8.819  2.488   2.345   1.00 18.15 ? 201 ARG B C   1 
ATOM   938  O O   . ARG B 1 11  ? -8.799  1.269   2.500   1.00 16.95 ? 201 ARG B O   1 
ATOM   939  C CB  . ARG B 1 11  ? -7.911  3.458   0.222   1.00 21.61 ? 201 ARG B CB  1 
ATOM   940  C CG  . ARG B 1 11  ? -8.300  2.228   -0.573  1.00 21.71 ? 201 ARG B CG  1 
ATOM   941  C CD  . ARG B 1 11  ? -8.225  2.512   -2.072  1.00 25.39 ? 201 ARG B CD  1 
ATOM   942  N NE  . ARG B 1 11  ? -9.299  3.404   -2.498  1.00 28.51 ? 201 ARG B NE  1 
ATOM   943  C CZ  . ARG B 1 11  ? -9.445  3.869   -3.739  1.00 34.68 ? 201 ARG B CZ  1 
ATOM   944  N NH1 . ARG B 1 11  ? -8.553  3.561   -4.682  1.00 29.80 ? 201 ARG B NH1 1 
ATOM   945  N NH2 . ARG B 1 11  ? -10.483 4.646   -4.039  1.00 26.79 ? 201 ARG B NH2 1 
ATOM   946  N N   . ASN B 1 12  ? -9.843  3.244   2.727   1.00 19.02 ? 202 ASN B N   1 
ATOM   947  C CA  . ASN B 1 12  ? -11.021 2.645   3.343   1.00 18.59 ? 202 ASN B CA  1 
ATOM   948  C C   . ASN B 1 12  ? -12.302 3.071   2.646   1.00 16.24 ? 202 ASN B C   1 
ATOM   949  O O   . ASN B 1 12  ? -13.365 3.125   3.268   1.00 16.98 ? 202 ASN B O   1 
ATOM   950  C CB  . ASN B 1 12  ? -11.099 3.002   4.832   1.00 21.26 ? 202 ASN B CB  1 
ATOM   951  C CG  . ASN B 1 12  ? -10.958 4.489   5.085   1.00 26.53 ? 202 ASN B CG  1 
ATOM   952  O OD1 . ASN B 1 12  ? -11.183 5.305   4.194   1.00 32.72 ? 202 ASN B OD1 1 
ATOM   953  N ND2 . ASN B 1 12  ? -10.592 4.847   6.309   1.00 30.63 ? 202 ASN B ND2 1 
ATOM   954  N N   . SER B 1 13  ? -12.191 3.384   1.358   1.00 17.78 ? 203 SER B N   1 
ATOM   955  C CA  . SER B 1 13  ? -13.344 3.768   0.547   1.00 17.48 ? 203 SER B CA  1 
ATOM   956  C C   . SER B 1 13  ? -13.003 3.432   -0.897  1.00 19.47 ? 203 SER B C   1 
ATOM   957  O O   . SER B 1 13  ? -11.826 3.397   -1.277  1.00 17.61 ? 203 SER B O   1 
ATOM   958  C CB  . SER B 1 13  ? -13.659 5.265   0.682   1.00 20.07 ? 203 SER B CB  1 
ATOM   959  O OG  . SER B 1 13  ? -12.756 6.060   -0.060  1.00 21.01 ? 203 SER B OG  1 
ATOM   960  N N   . GLY B 1 14  ? -14.028 3.169   -1.697  1.00 16.93 ? 204 GLY B N   1 
ATOM   961  C CA  . GLY B 1 14  ? -13.804 2.820   -3.088  1.00 21.35 ? 204 GLY B CA  1 
ATOM   962  C C   . GLY B 1 14  ? -15.096 2.811   -3.876  1.00 20.37 ? 204 GLY B C   1 
ATOM   963  O O   . GLY B 1 14  ? -16.179 2.986   -3.312  1.00 20.32 ? 204 GLY B O   1 
ATOM   964  N N   . SER B 1 15  ? -14.985 2.598   -5.182  1.00 20.39 ? 205 SER B N   1 
ATOM   965  C CA  . SER B 1 15  ? -16.155 2.588   -6.051  1.00 18.67 ? 205 SER B CA  1 
ATOM   966  C C   . SER B 1 15  ? -17.064 1.392   -5.827  1.00 19.75 ? 205 SER B C   1 
ATOM   967  O O   . SER B 1 15  ? -16.598 0.283   -5.566  1.00 17.75 ? 205 SER B O   1 
ATOM   968  C CB  . SER B 1 15  ? -15.727 2.614   -7.518  1.00 21.94 ? 205 SER B CB  1 
ATOM   969  O OG  . SER B 1 15  ? -16.851 2.485   -8.373  1.00 21.03 ? 205 SER B OG  1 
ATOM   970  N N   . CYS B 1 16  ? -18.368 1.629   -5.949  1.00 19.85 ? 206 CYS B N   1 
ATOM   971  C CA  . CYS B 1 16  ? -19.350 0.570   -5.781  1.00 18.25 ? 206 CYS B CA  1 
ATOM   972  C C   . CYS B 1 16  ? -19.205 -0.445  -6.913  1.00 20.62 ? 206 CYS B C   1 
ATOM   973  O O   . CYS B 1 16  ? -19.780 -1.530  -6.855  1.00 18.42 ? 206 CYS B O   1 
ATOM   974  C CB  . CYS B 1 16  ? -20.768 1.157   -5.760  1.00 23.56 ? 206 CYS B CB  1 
ATOM   975  S SG  . CYS B 1 16  ? -21.226 2.088   -7.243  1.00 24.07 ? 206 CYS B SG  1 
ATOM   976  N N   . LEU B 1 17  ? -18.435 -0.096  -7.944  1.00 19.91 ? 207 LEU B N   1 
ATOM   977  C CA  . LEU B 1 17  ? -18.227 -1.013  -9.061  1.00 20.82 ? 207 LEU B CA  1 
ATOM   978  C C   . LEU B 1 17  ? -17.138 -2.019  -8.716  1.00 21.08 ? 207 LEU B C   1 
ATOM   979  O O   . LEU B 1 17  ? -16.920 -2.988  -9.446  1.00 21.83 ? 207 LEU B O   1 
ATOM   980  C CB  . LEU B 1 17  ? -17.821 -0.259  -10.335 1.00 22.32 ? 207 LEU B CB  1 
ATOM   981  C CG  . LEU B 1 17  ? -18.809 0.717   -10.977 1.00 27.03 ? 207 LEU B CG  1 
ATOM   982  C CD1 . LEU B 1 17  ? -18.208 1.225   -12.290 1.00 30.07 ? 207 LEU B CD1 1 
ATOM   983  C CD2 . LEU B 1 17  ? -20.144 0.033   -11.237 1.00 25.98 ? 207 LEU B CD2 1 
ATOM   984  N N   . GLY B 1 18  ? -16.455 -1.778  -7.599  1.00 22.10 ? 208 GLY B N   1 
ATOM   985  C CA  . GLY B 1 18  ? -15.388 -2.661  -7.167  1.00 18.98 ? 208 GLY B CA  1 
ATOM   986  C C   . GLY B 1 18  ? -14.135 -2.504  -8.005  1.00 19.87 ? 208 GLY B C   1 
ATOM   987  O O   . GLY B 1 18  ? -14.034 -1.587  -8.821  1.00 21.04 ? 208 GLY B O   1 
ATOM   988  N N   . GLY B 1 19  ? -13.166 -3.388  -7.796  1.00 16.89 ? 209 GLY B N   1 
ATOM   989  C CA  . GLY B 1 19  ? -11.945 -3.327  -8.581  1.00 18.94 ? 209 GLY B CA  1 
ATOM   990  C C   . GLY B 1 19  ? -10.840 -2.423  -8.065  1.00 19.96 ? 209 GLY B C   1 
ATOM   991  O O   . GLY B 1 19  ? -9.834  -2.237  -8.743  1.00 20.31 ? 209 GLY B O   1 
ATOM   992  N N   . ASP B 1 20  ? -11.006 -1.850  -6.878  1.00 17.80 ? 210 ASP B N   1 
ATOM   993  C CA  . ASP B 1 20  ? -9.964  -0.984  -6.333  1.00 17.63 ? 210 ASP B CA  1 
ATOM   994  C C   . ASP B 1 20  ? -8.919  -1.826  -5.617  1.00 16.11 ? 210 ASP B C   1 
ATOM   995  O O   . ASP B 1 20  ? -9.260  -2.768  -4.908  1.00 15.85 ? 210 ASP B O   1 
ATOM   996  C CB  . ASP B 1 20  ? -10.570 0.044   -5.376  1.00 15.59 ? 210 ASP B CB  1 
ATOM   997  C CG  . ASP B 1 20  ? -11.429 1.065   -6.095  1.00 18.14 ? 210 ASP B CG  1 
ATOM   998  O OD1 . ASP B 1 20  ? -10.971 1.597   -7.125  1.00 21.44 ? 210 ASP B OD1 1 
ATOM   999  O OD2 . ASP B 1 20  ? -12.554 1.338   -5.639  1.00 21.53 ? 210 ASP B OD2 1 
ATOM   1000 N N   . GLU B 1 21  ? -7.644  -1.499  -5.806  1.00 15.09 ? 211 GLU B N   1 
ATOM   1001 C CA  . GLU B 1 21  ? -6.586  -2.269  -5.167  1.00 16.68 ? 211 GLU B CA  1 
ATOM   1002 C C   . GLU B 1 21  ? -6.338  -1.791  -3.744  1.00 17.95 ? 211 GLU B C   1 
ATOM   1003 O O   . GLU B 1 21  ? -6.104  -0.604  -3.505  1.00 17.42 ? 211 GLU B O   1 
ATOM   1004 C CB  . GLU B 1 21  ? -5.289  -2.188  -5.969  1.00 18.42 ? 211 GLU B CB  1 
ATOM   1005 C CG  . GLU B 1 21  ? -4.230  -3.167  -5.473  1.00 17.77 ? 211 GLU B CG  1 
ATOM   1006 C CD  . GLU B 1 21  ? -3.041  -3.258  -6.402  1.00 22.01 ? 211 GLU B CD  1 
ATOM   1007 O OE1 . GLU B 1 21  ? -2.252  -2.295  -6.465  1.00 23.87 ? 211 GLU B OE1 1 
ATOM   1008 O OE2 . GLU B 1 21  ? -2.904  -4.294  -7.076  1.00 26.20 ? 211 GLU B OE2 1 
ATOM   1009 N N   . ILE B 1 22  ? -6.395  -2.735  -2.811  1.00 17.12 ? 212 ILE B N   1 
ATOM   1010 C CA  . ILE B 1 22  ? -6.195  -2.451  -1.397  1.00 18.43 ? 212 ILE B CA  1 
ATOM   1011 C C   . ILE B 1 22  ? -4.975  -3.162  -0.853  1.00 16.06 ? 212 ILE B C   1 
ATOM   1012 O O   . ILE B 1 22  ? -4.781  -4.347  -1.106  1.00 17.80 ? 212 ILE B O   1 
ATOM   1013 C CB  . ILE B 1 22  ? -7.379  -2.948  -0.531  1.00 18.25 ? 212 ILE B CB  1 
ATOM   1014 C CG1 . ILE B 1 22  ? -8.711  -2.437  -1.089  1.00 19.75 ? 212 ILE B CG1 1 
ATOM   1015 C CG2 . ILE B 1 22  ? -7.169  -2.504  0.928   1.00 15.35 ? 212 ILE B CG2 1 
ATOM   1016 C CD1 . ILE B 1 22  ? -8.924  -0.955  -0.959  1.00 19.75 ? 212 ILE B CD1 1 
ATOM   1017 N N   . PHE B 1 23  ? -4.153  -2.426  -0.112  1.00 16.54 ? 213 PHE B N   1 
ATOM   1018 C CA  . PHE B 1 23  ? -2.990  -2.996  0.543   1.00 16.55 ? 213 PHE B CA  1 
ATOM   1019 C C   . PHE B 1 23  ? -3.395  -3.083  2.009   1.00 17.66 ? 213 PHE B C   1 
ATOM   1020 O O   . PHE B 1 23  ? -3.716  -2.072  2.632   1.00 17.42 ? 213 PHE B O   1 
ATOM   1021 C CB  . PHE B 1 23  ? -1.769  -2.089  0.392   1.00 17.45 ? 213 PHE B CB  1 
ATOM   1022 C CG  . PHE B 1 23  ? -0.991  -2.320  -0.882  1.00 18.43 ? 213 PHE B CG  1 
ATOM   1023 C CD1 . PHE B 1 23  ? -1.584  -2.115  -2.128  1.00 16.91 ? 213 PHE B CD1 1 
ATOM   1024 C CD2 . PHE B 1 23  ? 0.330   -2.760  -0.832  1.00 16.81 ? 213 PHE B CD2 1 
ATOM   1025 C CE1 . PHE B 1 23  ? -0.870  -2.346  -3.306  1.00 17.30 ? 213 PHE B CE1 1 
ATOM   1026 C CE2 . PHE B 1 23  ? 1.055   -2.994  -2.004  1.00 19.29 ? 213 PHE B CE2 1 
ATOM   1027 C CZ  . PHE B 1 23  ? 0.455   -2.787  -3.244  1.00 16.94 ? 213 PHE B CZ  1 
ATOM   1028 N N   . LEU B 1 24  ? -3.388  -4.292  2.555   1.00 16.77 ? 214 LEU B N   1 
ATOM   1029 C CA  . LEU B 1 24  ? -3.780  -4.493  3.941   1.00 17.70 ? 214 LEU B CA  1 
ATOM   1030 C C   . LEU B 1 24  ? -2.630  -5.135  4.710   1.00 19.59 ? 214 LEU B C   1 
ATOM   1031 O O   . LEU B 1 24  ? -2.170  -6.222  4.358   1.00 19.51 ? 214 LEU B O   1 
ATOM   1032 C CB  . LEU B 1 24  ? -5.024  -5.384  3.991   1.00 16.21 ? 214 LEU B CB  1 
ATOM   1033 C CG  . LEU B 1 24  ? -5.743  -5.620  5.325   1.00 16.53 ? 214 LEU B CG  1 
ATOM   1034 C CD1 . LEU B 1 24  ? -7.137  -6.164  5.047   1.00 20.64 ? 214 LEU B CD1 1 
ATOM   1035 C CD2 . LEU B 1 24  ? -4.946  -6.579  6.201   1.00 15.51 ? 214 LEU B CD2 1 
ATOM   1036 N N   . LEU B 1 25  ? -2.164  -4.445  5.748   1.00 16.39 ? 215 LEU B N   1 
ATOM   1037 C CA  . LEU B 1 25  ? -1.085  -4.946  6.588   1.00 19.26 ? 215 LEU B CA  1 
ATOM   1038 C C   . LEU B 1 25  ? -1.741  -5.592  7.804   1.00 20.15 ? 215 LEU B C   1 
ATOM   1039 O O   . LEU B 1 25  ? -2.610  -4.994  8.445   1.00 20.42 ? 215 LEU B O   1 
ATOM   1040 C CB  . LEU B 1 25  ? -0.164  -3.802  7.008   1.00 19.12 ? 215 LEU B CB  1 
ATOM   1041 C CG  . LEU B 1 25  ? 0.363   -2.946  5.846   1.00 22.36 ? 215 LEU B CG  1 
ATOM   1042 C CD1 . LEU B 1 25  ? 1.407   -1.964  6.368   1.00 19.18 ? 215 LEU B CD1 1 
ATOM   1043 C CD2 . LEU B 1 25  ? 0.971   -3.845  4.766   1.00 21.48 ? 215 LEU B CD2 1 
ATOM   1044 N N   . CYS B 1 26  ? -1.328  -6.812  8.123   1.00 19.40 ? 216 CYS B N   1 
ATOM   1045 C CA  . CYS B 1 26  ? -1.944  -7.537  9.227   1.00 20.21 ? 216 CYS B CA  1 
ATOM   1046 C C   . CYS B 1 26  ? -0.965  -8.340  10.078  1.00 24.86 ? 216 CYS B C   1 
ATOM   1047 O O   . CYS B 1 26  ? 0.244   -8.362  9.815   1.00 22.26 ? 216 CYS B O   1 
ATOM   1048 C CB  . CYS B 1 26  ? -2.998  -8.490  8.657   1.00 20.02 ? 216 CYS B CB  1 
ATOM   1049 S SG  . CYS B 1 26  ? -2.340  -9.634  7.388   1.00 23.96 ? 216 CYS B SG  1 
ATOM   1050 N N   . ASP B 1 27  ? -1.499  -8.987  11.112  1.00 23.76 ? 217 ASP B N   1 
ATOM   1051 C CA  . ASP B 1 27  ? -0.683  -9.851  11.959  1.00 26.17 ? 217 ASP B CA  1 
ATOM   1052 C C   . ASP B 1 27  ? -0.543  -11.133 11.146  1.00 25.11 ? 217 ASP B C   1 
ATOM   1053 O O   . ASP B 1 27  ? -1.268  -11.332 10.171  1.00 23.28 ? 217 ASP B O   1 
ATOM   1054 C CB  . ASP B 1 27  ? -1.383  -10.155 13.288  1.00 28.48 ? 217 ASP B CB  1 
ATOM   1055 C CG  . ASP B 1 27  ? -1.160  -9.074  14.329  1.00 35.05 ? 217 ASP B CG  1 
ATOM   1056 O OD1 . ASP B 1 27  ? -1.741  -9.178  15.431  1.00 37.51 ? 217 ASP B OD1 1 
ATOM   1057 O OD2 . ASP B 1 27  ? -0.400  -8.124  14.050  1.00 37.99 ? 217 ASP B OD2 1 
ATOM   1058 N N   . LYS B 1 28  ? 0.386   -11.995 11.542  1.00 27.84 ? 218 LYS B N   1 
ATOM   1059 C CA  . LYS B 1 28  ? 0.633   -13.253 10.839  1.00 30.22 ? 218 LYS B CA  1 
ATOM   1060 C C   . LYS B 1 28  ? -0.614  -14.053 10.444  1.00 29.17 ? 218 LYS B C   1 
ATOM   1061 O O   . LYS B 1 28  ? -1.468  -14.344 11.281  1.00 26.54 ? 218 LYS B O   1 
ATOM   1062 C CB  . LYS B 1 28  ? 1.551   -14.137 11.693  1.00 34.55 ? 218 LYS B CB  1 
ATOM   1063 C CG  . LYS B 1 28  ? 1.804   -15.527 11.126  1.00 41.98 ? 218 LYS B CG  1 
ATOM   1064 C CD  . LYS B 1 28  ? 2.659   -16.357 12.079  1.00 46.37 ? 218 LYS B CD  1 
ATOM   1065 C CE  . LYS B 1 28  ? 2.905   -17.759 11.536  1.00 51.12 ? 218 LYS B CE  1 
ATOM   1066 N NZ  . LYS B 1 28  ? 3.725   -18.583 12.471  1.00 54.46 ? 218 LYS B NZ  1 
ATOM   1067 N N   . VAL B 1 29  ? -0.702  -14.399 9.159   1.00 26.32 ? 219 VAL B N   1 
ATOM   1068 C CA  . VAL B 1 29  ? -1.804  -15.204 8.622   1.00 26.45 ? 219 VAL B CA  1 
ATOM   1069 C C   . VAL B 1 29  ? -1.220  -16.309 7.738   1.00 28.86 ? 219 VAL B C   1 
ATOM   1070 O O   . VAL B 1 29  ? -0.030  -16.291 7.424   1.00 33.81 ? 219 VAL B O   1 
ATOM   1071 C CB  . VAL B 1 29  ? -2.777  -14.369 7.748   1.00 28.14 ? 219 VAL B CB  1 
ATOM   1072 C CG1 . VAL B 1 29  ? -3.461  -13.299 8.587   1.00 23.96 ? 219 VAL B CG1 1 
ATOM   1073 C CG2 . VAL B 1 29  ? -2.023  -13.744 6.580   1.00 26.02 ? 219 VAL B CG2 1 
ATOM   1074 N N   . GLN B 1 30  ? -2.056  -17.266 7.342   1.00 28.08 ? 220 GLN B N   1 
ATOM   1075 C CA  . GLN B 1 30  ? -1.628  -18.365 6.473   1.00 27.72 ? 220 GLN B CA  1 
ATOM   1076 C C   . GLN B 1 30  ? -2.258  -18.122 5.109   1.00 26.67 ? 220 GLN B C   1 
ATOM   1077 O O   . GLN B 1 30  ? -3.484  -18.137 4.977   1.00 25.31 ? 220 GLN B O   1 
ATOM   1078 C CB  . GLN B 1 30  ? -2.103  -19.707 7.031   1.00 33.25 ? 220 GLN B CB  1 
ATOM   1079 C CG  . GLN B 1 30  ? -1.514  -20.082 8.385   1.00 41.99 ? 220 GLN B CG  1 
ATOM   1080 C CD  . GLN B 1 30  ? -0.050  -20.471 8.301   1.00 49.15 ? 220 GLN B CD  1 
ATOM   1081 O OE1 . GLN B 1 30  ? 0.803   -19.663 7.934   1.00 53.77 ? 220 GLN B OE1 1 
ATOM   1082 N NE2 . GLN B 1 30  ? 0.247   -21.722 8.642   1.00 54.71 ? 220 GLN B NE2 1 
ATOM   1083 N N   . LYS B 1 31  ? -1.426  -17.909 4.094   1.00 25.79 ? 221 LYS B N   1 
ATOM   1084 C CA  . LYS B 1 31  ? -1.922  -17.622 2.752   1.00 25.17 ? 221 LYS B CA  1 
ATOM   1085 C C   . LYS B 1 31  ? -2.958  -18.598 2.205   1.00 25.71 ? 221 LYS B C   1 
ATOM   1086 O O   . LYS B 1 31  ? -3.806  -18.214 1.399   1.00 24.55 ? 221 LYS B O   1 
ATOM   1087 C CB  . LYS B 1 31  ? -0.752  -17.504 1.766   1.00 27.75 ? 221 LYS B CB  1 
ATOM   1088 C CG  . LYS B 1 31  ? 0.095   -18.755 1.633   1.00 31.67 ? 221 LYS B CG  1 
ATOM   1089 C CD  . LYS B 1 31  ? 1.280   -18.514 0.707   1.00 34.86 ? 221 LYS B CD  1 
ATOM   1090 C CE  . LYS B 1 31  ? 2.122   -19.767 0.559   1.00 39.50 ? 221 LYS B CE  1 
ATOM   1091 N NZ  . LYS B 1 31  ? 3.294   -19.516 -0.317  1.00 43.72 ? 221 LYS B NZ  1 
ATOM   1092 N N   . GLU B 1 32  ? -2.902  -19.855 2.633   1.00 25.84 ? 222 GLU B N   1 
ATOM   1093 C CA  . GLU B 1 32  ? -3.857  -20.844 2.148   1.00 29.97 ? 222 GLU B CA  1 
ATOM   1094 C C   . GLU B 1 32  ? -5.127  -20.927 2.999   1.00 27.34 ? 222 GLU B C   1 
ATOM   1095 O O   . GLU B 1 32  ? -6.072  -21.640 2.652   1.00 26.24 ? 222 GLU B O   1 
ATOM   1096 C CB  . GLU B 1 32  ? -3.197  -22.227 2.064   1.00 36.14 ? 222 GLU B CB  1 
ATOM   1097 C CG  . GLU B 1 32  ? -2.526  -22.719 3.344   1.00 45.17 ? 222 GLU B CG  1 
ATOM   1098 C CD  . GLU B 1 32  ? -1.227  -21.991 3.660   1.00 50.62 ? 222 GLU B CD  1 
ATOM   1099 O OE1 . GLU B 1 32  ? -1.281  -20.847 4.153   1.00 53.52 ? 222 GLU B OE1 1 
ATOM   1100 O OE2 . GLU B 1 32  ? -0.148  -22.565 3.407   1.00 56.07 ? 222 GLU B OE2 1 
ATOM   1101 N N   . ASP B 1 33  ? -5.154  -20.177 4.096   1.00 24.66 ? 223 ASP B N   1 
ATOM   1102 C CA  . ASP B 1 33  ? -6.300  -20.194 5.004   1.00 24.97 ? 223 ASP B CA  1 
ATOM   1103 C C   . ASP B 1 33  ? -6.662  -18.764 5.412   1.00 24.32 ? 223 ASP B C   1 
ATOM   1104 O O   . ASP B 1 33  ? -6.700  -18.445 6.601   1.00 25.81 ? 223 ASP B O   1 
ATOM   1105 C CB  . ASP B 1 33  ? -5.935  -21.012 6.249   1.00 24.41 ? 223 ASP B CB  1 
ATOM   1106 C CG  . ASP B 1 33  ? -7.126  -21.303 7.145   1.00 25.52 ? 223 ASP B CG  1 
ATOM   1107 O OD1 . ASP B 1 33  ? -6.902  -21.660 8.320   1.00 26.35 ? 223 ASP B OD1 1 
ATOM   1108 O OD2 . ASP B 1 33  ? -8.277  -21.190 6.681   1.00 26.37 ? 223 ASP B OD2 1 
ATOM   1109 N N   . ILE B 1 34  ? -6.914  -17.902 4.429   1.00 24.20 ? 224 ILE B N   1 
ATOM   1110 C CA  . ILE B 1 34  ? -7.259  -16.516 4.728   1.00 20.88 ? 224 ILE B CA  1 
ATOM   1111 C C   . ILE B 1 34  ? -8.058  -15.858 3.604   1.00 22.92 ? 224 ILE B C   1 
ATOM   1112 O O   . ILE B 1 34  ? -7.849  -16.135 2.419   1.00 18.94 ? 224 ILE B O   1 
ATOM   1113 C CB  . ILE B 1 34  ? -5.977  -15.682 5.019   1.00 23.47 ? 224 ILE B CB  1 
ATOM   1114 C CG1 . ILE B 1 34  ? -6.346  -14.333 5.647   1.00 19.33 ? 224 ILE B CG1 1 
ATOM   1115 C CG2 . ILE B 1 34  ? -5.182  -15.479 3.739   1.00 20.26 ? 224 ILE B CG2 1 
ATOM   1116 C CD1 . ILE B 1 34  ? -6.918  -14.439 7.067   1.00 17.62 ? 224 ILE B CD1 1 
ATOM   1117 N N   . GLU B 1 35  ? -8.990  -14.994 3.995   1.00 19.75 ? 225 GLU B N   1 
ATOM   1118 C CA  . GLU B 1 35  ? -9.833  -14.279 3.050   1.00 20.74 ? 225 GLU B CA  1 
ATOM   1119 C C   . GLU B 1 35  ? -10.100 -12.888 3.615   1.00 19.01 ? 225 GLU B C   1 
ATOM   1120 O O   . GLU B 1 35  ? -9.807  -12.618 4.776   1.00 20.37 ? 225 GLU B O   1 
ATOM   1121 C CB  . GLU B 1 35  ? -11.175 -15.005 2.880   1.00 22.10 ? 225 GLU B CB  1 
ATOM   1122 C CG  . GLU B 1 35  ? -11.127 -16.298 2.083   1.00 29.92 ? 225 GLU B CG  1 
ATOM   1123 C CD  . GLU B 1 35  ? -12.445 -17.052 2.135   1.00 32.69 ? 225 GLU B CD  1 
ATOM   1124 O OE1 . GLU B 1 35  ? -12.702 -17.873 1.229   1.00 32.88 ? 225 GLU B OE1 1 
ATOM   1125 O OE2 . GLU B 1 35  ? -13.222 -16.828 3.089   1.00 31.91 ? 225 GLU B OE2 1 
ATOM   1126 N N   . VAL B 1 36  ? -10.635 -12.008 2.777   1.00 19.66 ? 226 VAL B N   1 
ATOM   1127 C CA  . VAL B 1 36  ? -11.002 -10.668 3.209   1.00 20.56 ? 226 VAL B CA  1 
ATOM   1128 C C   . VAL B 1 36  ? -12.485 -10.584 2.875   1.00 21.56 ? 226 VAL B C   1 
ATOM   1129 O O   . VAL B 1 36  ? -12.884 -10.775 1.724   1.00 21.42 ? 226 VAL B O   1 
ATOM   1130 C CB  . VAL B 1 36  ? -10.228 -9.568  2.456   1.00 20.24 ? 226 VAL B CB  1 
ATOM   1131 C CG1 . VAL B 1 36  ? -10.699 -8.198  2.926   1.00 23.30 ? 226 VAL B CG1 1 
ATOM   1132 C CG2 . VAL B 1 36  ? -8.729  -9.713  2.712   1.00 18.94 ? 226 VAL B CG2 1 
ATOM   1133 N N   . TYR B 1 37  ? -13.295 -10.320 3.895   1.00 23.48 ? 227 TYR B N   1 
ATOM   1134 C CA  . TYR B 1 37  ? -14.746 -10.249 3.749   1.00 27.91 ? 227 TYR B CA  1 
ATOM   1135 C C   . TYR B 1 37  ? -15.339 -8.848  3.883   1.00 25.61 ? 227 TYR B C   1 
ATOM   1136 O O   . TYR B 1 37  ? -14.945 -8.078  4.755   1.00 27.57 ? 227 TYR B O   1 
ATOM   1137 C CB  . TYR B 1 37  ? -15.409 -11.144 4.802   1.00 31.80 ? 227 TYR B CB  1 
ATOM   1138 C CG  . TYR B 1 37  ? -15.913 -12.473 4.294   1.00 38.98 ? 227 TYR B CG  1 
ATOM   1139 C CD1 . TYR B 1 37  ? -15.043 -13.406 3.731   1.00 42.70 ? 227 TYR B CD1 1 
ATOM   1140 C CD2 . TYR B 1 37  ? -17.264 -12.805 4.394   1.00 43.20 ? 227 TYR B CD2 1 
ATOM   1141 C CE1 . TYR B 1 37  ? -15.506 -14.643 3.279   1.00 43.86 ? 227 TYR B CE1 1 
ATOM   1142 C CE2 . TYR B 1 37  ? -17.737 -14.037 3.944   1.00 46.29 ? 227 TYR B CE2 1 
ATOM   1143 C CZ  . TYR B 1 37  ? -16.853 -14.950 3.389   1.00 46.52 ? 227 TYR B CZ  1 
ATOM   1144 O OH  . TYR B 1 37  ? -17.314 -16.172 2.954   1.00 45.86 ? 227 TYR B OH  1 
ATOM   1145 N N   . PHE B 1 38  ? -16.293 -8.538  3.016   1.00 22.39 ? 228 PHE B N   1 
ATOM   1146 C CA  . PHE B 1 38  ? -16.994 -7.263  3.061   1.00 21.93 ? 228 PHE B CA  1 
ATOM   1147 C C   . PHE B 1 38  ? -18.443 -7.618  3.353   1.00 22.76 ? 228 PHE B C   1 
ATOM   1148 O O   . PHE B 1 38  ? -19.045 -8.430  2.647   1.00 24.51 ? 228 PHE B O   1 
ATOM   1149 C CB  . PHE B 1 38  ? -16.888 -6.516  1.732   1.00 20.01 ? 228 PHE B CB  1 
ATOM   1150 C CG  . PHE B 1 38  ? -15.521 -5.958  1.458   1.00 23.50 ? 228 PHE B CG  1 
ATOM   1151 C CD1 . PHE B 1 38  ? -14.506 -6.769  0.963   1.00 19.02 ? 228 PHE B CD1 1 
ATOM   1152 C CD2 . PHE B 1 38  ? -15.246 -4.617  1.701   1.00 21.31 ? 228 PHE B CD2 1 
ATOM   1153 C CE1 . PHE B 1 38  ? -13.239 -6.254  0.713   1.00 17.27 ? 228 PHE B CE1 1 
ATOM   1154 C CE2 . PHE B 1 38  ? -13.981 -4.091  1.454   1.00 17.71 ? 228 PHE B CE2 1 
ATOM   1155 C CZ  . PHE B 1 38  ? -12.973 -4.915  0.958   1.00 18.82 ? 228 PHE B CZ  1 
ATOM   1156 N N   . THR B 1 39  ? -19.008 -7.019  4.393   1.00 21.14 ? 229 THR B N   1 
ATOM   1157 C CA  . THR B 1 39  ? -20.380 -7.333  4.761   1.00 19.30 ? 229 THR B CA  1 
ATOM   1158 C C   . THR B 1 39  ? -21.223 -6.114  5.072   1.00 18.04 ? 229 THR B C   1 
ATOM   1159 O O   . THR B 1 39  ? -20.741 -5.132  5.633   1.00 17.96 ? 229 THR B O   1 
ATOM   1160 C CB  . THR B 1 39  ? -20.424 -8.242  5.999   1.00 21.76 ? 229 THR B CB  1 
ATOM   1161 O OG1 . THR B 1 39  ? -19.540 -9.352  5.812   1.00 32.38 ? 229 THR B OG1 1 
ATOM   1162 C CG2 . THR B 1 39  ? -21.836 -8.764  6.217   1.00 29.13 ? 229 THR B CG2 1 
ATOM   1163 N N   . GLY B 1 40  ? -22.493 -6.211  4.708   1.00 19.24 ? 230 GLY B N   1 
ATOM   1164 C CA  . GLY B 1 40  ? -23.453 -5.156  4.953   1.00 22.18 ? 230 GLY B CA  1 
ATOM   1165 C C   . GLY B 1 40  ? -24.793 -5.847  5.091   1.00 20.93 ? 230 GLY B C   1 
ATOM   1166 O O   . GLY B 1 40  ? -24.868 -7.062  4.892   1.00 20.42 ? 230 GLY B O   1 
ATOM   1167 N N   . PRO B 1 41  ? -25.866 -5.128  5.449   1.00 20.41 ? 231 PRO B N   1 
ATOM   1168 C CA  . PRO B 1 41  ? -27.164 -5.795  5.578   1.00 20.49 ? 231 PRO B CA  1 
ATOM   1169 C C   . PRO B 1 41  ? -27.558 -6.468  4.258   1.00 19.81 ? 231 PRO B C   1 
ATOM   1170 O O   . PRO B 1 41  ? -27.614 -5.813  3.220   1.00 23.05 ? 231 PRO B O   1 
ATOM   1171 C CB  . PRO B 1 41  ? -28.101 -4.646  5.944   1.00 21.99 ? 231 PRO B CB  1 
ATOM   1172 C CG  . PRO B 1 41  ? -27.206 -3.732  6.724   1.00 22.45 ? 231 PRO B CG  1 
ATOM   1173 C CD  . PRO B 1 41  ? -25.939 -3.729  5.898   1.00 20.23 ? 231 PRO B CD  1 
ATOM   1174 N N   . GLY B 1 42  ? -27.809 -7.771  4.300   1.00 20.62 ? 232 GLY B N   1 
ATOM   1175 C CA  . GLY B 1 42  ? -28.199 -8.492  3.099   1.00 23.14 ? 232 GLY B CA  1 
ATOM   1176 C C   . GLY B 1 42  ? -27.164 -8.541  1.987   1.00 24.24 ? 232 GLY B C   1 
ATOM   1177 O O   . GLY B 1 42  ? -27.519 -8.708  0.815   1.00 22.76 ? 232 GLY B O   1 
ATOM   1178 N N   . TRP B 1 43  ? -25.886 -8.403  2.336   1.00 19.66 ? 233 TRP B N   1 
ATOM   1179 C CA  . TRP B 1 43  ? -24.827 -8.445  1.335   1.00 18.60 ? 233 TRP B CA  1 
ATOM   1180 C C   . TRP B 1 43  ? -23.498 -8.892  1.913   1.00 19.85 ? 233 TRP B C   1 
ATOM   1181 O O   . TRP B 1 43  ? -23.143 -8.530  3.033   1.00 18.22 ? 233 TRP B O   1 
ATOM   1182 C CB  . TRP B 1 43  ? -24.623 -7.072  0.691   1.00 20.26 ? 233 TRP B CB  1 
ATOM   1183 C CG  . TRP B 1 43  ? -23.539 -7.065  -0.368  1.00 16.96 ? 233 TRP B CG  1 
ATOM   1184 C CD1 . TRP B 1 43  ? -23.630 -7.576  -1.631  1.00 18.62 ? 233 TRP B CD1 1 
ATOM   1185 C CD2 . TRP B 1 43  ? -22.200 -6.559  -0.237  1.00 18.26 ? 233 TRP B CD2 1 
ATOM   1186 N NE1 . TRP B 1 43  ? -22.438 -7.423  -2.294  1.00 22.95 ? 233 TRP B NE1 1 
ATOM   1187 C CE2 . TRP B 1 43  ? -21.541 -6.802  -1.462  1.00 21.98 ? 233 TRP B CE2 1 
ATOM   1188 C CE3 . TRP B 1 43  ? -21.495 -5.925  0.798   1.00 19.93 ? 233 TRP B CE3 1 
ATOM   1189 C CZ2 . TRP B 1 43  ? -20.208 -6.432  -1.686  1.00 21.29 ? 233 TRP B CZ2 1 
ATOM   1190 C CZ3 . TRP B 1 43  ? -20.166 -5.557  0.578   1.00 19.38 ? 233 TRP B CZ3 1 
ATOM   1191 C CH2 . TRP B 1 43  ? -19.538 -5.815  -0.657  1.00 22.19 ? 233 TRP B CH2 1 
ATOM   1192 N N   . GLU B 1 44  ? -22.768 -9.692  1.144   1.00 18.80 ? 234 GLU B N   1 
ATOM   1193 C CA  . GLU B 1 44  ? -21.452 -10.146 1.570   1.00 18.32 ? 234 GLU B CA  1 
ATOM   1194 C C   . GLU B 1 44  ? -20.684 -10.553 0.323   1.00 17.46 ? 234 GLU B C   1 
ATOM   1195 O O   . GLU B 1 44  ? -21.242 -11.143 -0.598  1.00 15.75 ? 234 GLU B O   1 
ATOM   1196 C CB  . GLU B 1 44  ? -21.555 -11.321 2.557   1.00 20.10 ? 234 GLU B CB  1 
ATOM   1197 C CG  . GLU B 1 44  ? -21.390 -12.705 1.949   1.00 27.33 ? 234 GLU B CG  1 
ATOM   1198 C CD  . GLU B 1 44  ? -21.209 -13.792 3.001   1.00 32.93 ? 234 GLU B CD  1 
ATOM   1199 O OE1 . GLU B 1 44  ? -20.885 -14.938 2.623   1.00 39.53 ? 234 GLU B OE1 1 
ATOM   1200 O OE2 . GLU B 1 44  ? -21.387 -13.506 4.205   1.00 33.23 ? 234 GLU B OE2 1 
ATOM   1201 N N   . ALA B 1 45  ? -19.407 -10.199 0.287   1.00 17.00 ? 235 ALA B N   1 
ATOM   1202 C CA  . ALA B 1 45  ? -18.557 -10.535 -0.846  1.00 18.00 ? 235 ALA B CA  1 
ATOM   1203 C C   . ALA B 1 45  ? -17.112 -10.551 -0.368  1.00 21.48 ? 235 ALA B C   1 
ATOM   1204 O O   . ALA B 1 45  ? -16.764 -9.869  0.596   1.00 21.08 ? 235 ALA B O   1 
ATOM   1205 C CB  . ALA B 1 45  ? -18.741 -9.517  -1.968  1.00 19.95 ? 235 ALA B CB  1 
ATOM   1206 N N   . ARG B 1 46  ? -16.278 -11.338 -1.041  1.00 21.56 ? 236 ARG B N   1 
ATOM   1207 C CA  . ARG B 1 46  ? -14.871 -11.463 -0.682  1.00 19.07 ? 236 ARG B CA  1 
ATOM   1208 C C   . ARG B 1 46  ? -13.957 -10.581 -1.519  1.00 19.73 ? 236 ARG B C   1 
ATOM   1209 O O   . ARG B 1 46  ? -14.256 -10.288 -2.671  1.00 19.02 ? 236 ARG B O   1 
ATOM   1210 C CB  . ARG B 1 46  ? -14.413 -12.915 -0.861  1.00 18.84 ? 236 ARG B CB  1 
ATOM   1211 C CG  . ARG B 1 46  ? -14.987 -13.893 0.144   1.00 22.35 ? 236 ARG B CG  1 
ATOM   1212 C CD  . ARG B 1 46  ? -14.579 -15.322 -0.179  1.00 24.03 ? 236 ARG B CD  1 
ATOM   1213 N NE  . ARG B 1 46  ? -15.200 -15.801 -1.410  1.00 24.59 ? 236 ARG B NE  1 
ATOM   1214 C CZ  . ARG B 1 46  ? -15.039 -17.027 -1.902  1.00 27.75 ? 236 ARG B CZ  1 
ATOM   1215 N NH1 . ARG B 1 46  ? -15.642 -17.382 -3.030  1.00 26.68 ? 236 ARG B NH1 1 
ATOM   1216 N NH2 . ARG B 1 46  ? -14.271 -17.898 -1.266  1.00 26.91 ? 236 ARG B NH2 1 
ATOM   1217 N N   . GLY B 1 47  ? -12.844 -10.150 -0.932  1.00 20.85 ? 237 GLY B N   1 
ATOM   1218 C CA  . GLY B 1 47  ? -11.892 -9.364  -1.693  1.00 19.04 ? 237 GLY B CA  1 
ATOM   1219 C C   . GLY B 1 47  ? -11.254 -10.367 -2.643  1.00 21.71 ? 237 GLY B C   1 
ATOM   1220 O O   . GLY B 1 47  ? -11.132 -11.535 -2.293  1.00 19.45 ? 237 GLY B O   1 
ATOM   1221 N N   . SER B 1 48  ? -10.841 -9.930  -3.830  1.00 20.68 ? 238 SER B N   1 
ATOM   1222 C CA  . SER B 1 48  ? -10.242 -10.831 -4.814  1.00 20.57 ? 238 SER B CA  1 
ATOM   1223 C C   . SER B 1 48  ? -8.710  -10.859 -4.787  1.00 21.77 ? 238 SER B C   1 
ATOM   1224 O O   . SER B 1 48  ? -8.068  -9.829  -4.998  1.00 19.82 ? 238 SER B O   1 
ATOM   1225 C CB  . SER B 1 48  ? -10.719 -10.434 -6.219  1.00 22.56 ? 238 SER B CB  1 
ATOM   1226 O OG  . SER B 1 48  ? -10.188 -11.292 -7.212  1.00 27.91 ? 238 SER B OG  1 
ATOM   1227 N N   . PHE B 1 49  ? -8.133  -12.032 -4.511  1.00 20.95 ? 239 PHE B N   1 
ATOM   1228 C CA  . PHE B 1 49  ? -6.673  -12.204 -4.501  1.00 23.11 ? 239 PHE B CA  1 
ATOM   1229 C C   . PHE B 1 49  ? -6.274  -13.678 -4.520  1.00 23.94 ? 239 PHE B C   1 
ATOM   1230 O O   . PHE B 1 49  ? -7.111  -14.558 -4.324  1.00 22.69 ? 239 PHE B O   1 
ATOM   1231 C CB  . PHE B 1 49  ? -6.024  -11.524 -3.283  1.00 21.22 ? 239 PHE B CB  1 
ATOM   1232 C CG  . PHE B 1 49  ? -6.382  -12.145 -1.962  1.00 23.03 ? 239 PHE B CG  1 
ATOM   1233 C CD1 . PHE B 1 49  ? -7.601  -11.862 -1.348  1.00 20.21 ? 239 PHE B CD1 1 
ATOM   1234 C CD2 . PHE B 1 49  ? -5.493  -13.001 -1.323  1.00 21.01 ? 239 PHE B CD2 1 
ATOM   1235 C CE1 . PHE B 1 49  ? -7.927  -12.428 -0.112  1.00 25.27 ? 239 PHE B CE1 1 
ATOM   1236 C CE2 . PHE B 1 49  ? -5.805  -13.573 -0.091  1.00 23.31 ? 239 PHE B CE2 1 
ATOM   1237 C CZ  . PHE B 1 49  ? -7.028  -13.284 0.517   1.00 21.35 ? 239 PHE B CZ  1 
ATOM   1238 N N   . SER B 1 50  ? -4.994  -13.942 -4.767  1.00 23.93 ? 240 SER B N   1 
ATOM   1239 C CA  . SER B 1 50  ? -4.487  -15.310 -4.798  1.00 23.20 ? 240 SER B CA  1 
ATOM   1240 C C   . SER B 1 50  ? -3.436  -15.464 -3.711  1.00 23.83 ? 240 SER B C   1 
ATOM   1241 O O   . SER B 1 50  ? -3.039  -14.487 -3.077  1.00 22.29 ? 240 SER B O   1 
ATOM   1242 C CB  . SER B 1 50  ? -3.867  -15.621 -6.163  1.00 29.53 ? 240 SER B CB  1 
ATOM   1243 O OG  . SER B 1 50  ? -2.704  -14.840 -6.377  1.00 32.19 ? 240 SER B OG  1 
ATOM   1244 N N   . GLN B 1 51  ? -2.976  -16.687 -3.484  1.00 22.75 ? 241 GLN B N   1 
ATOM   1245 C CA  . GLN B 1 51  ? -1.974  -16.898 -2.449  1.00 22.20 ? 241 GLN B CA  1 
ATOM   1246 C C   . GLN B 1 51  ? -0.705  -16.083 -2.684  1.00 19.91 ? 241 GLN B C   1 
ATOM   1247 O O   . GLN B 1 51  ? -0.048  -15.663 -1.730  1.00 20.44 ? 241 GLN B O   1 
ATOM   1248 C CB  . GLN B 1 51  ? -1.621  -18.382 -2.342  1.00 27.13 ? 241 GLN B CB  1 
ATOM   1249 C CG  . GLN B 1 51  ? -2.794  -19.261 -1.967  1.00 28.19 ? 241 GLN B CG  1 
ATOM   1250 C CD  . GLN B 1 51  ? -2.367  -20.648 -1.507  1.00 31.62 ? 241 GLN B CD  1 
ATOM   1251 O OE1 . GLN B 1 51  ? -3.204  -21.518 -1.270  1.00 37.21 ? 241 GLN B OE1 1 
ATOM   1252 N NE2 . GLN B 1 51  ? -1.061  -20.855 -1.374  1.00 30.10 ? 241 GLN B NE2 1 
ATOM   1253 N N   . ALA B 1 52  ? -0.369  -15.841 -3.948  1.00 19.38 ? 242 ALA B N   1 
ATOM   1254 C CA  . ALA B 1 52  ? 0.834   -15.079 -4.278  1.00 20.62 ? 242 ALA B CA  1 
ATOM   1255 C C   . ALA B 1 52  ? 0.725   -13.626 -3.836  1.00 21.08 ? 242 ALA B C   1 
ATOM   1256 O O   . ALA B 1 52  ? 1.734   -12.925 -3.726  1.00 22.11 ? 242 ALA B O   1 
ATOM   1257 C CB  . ALA B 1 52  ? 1.098   -15.141 -5.777  1.00 21.11 ? 242 ALA B CB  1 
ATOM   1258 N N   . ASP B 1 53  ? -0.499  -13.180 -3.577  1.00 23.59 ? 243 ASP B N   1 
ATOM   1259 C CA  . ASP B 1 53  ? -0.743  -11.804 -3.161  1.00 21.70 ? 243 ASP B CA  1 
ATOM   1260 C C   . ASP B 1 53  ? -0.594  -11.597 -1.665  1.00 21.28 ? 243 ASP B C   1 
ATOM   1261 O O   . ASP B 1 53  ? -0.688  -10.470 -1.177  1.00 20.00 ? 243 ASP B O   1 
ATOM   1262 C CB  . ASP B 1 53  ? -2.134  -11.371 -3.608  1.00 19.68 ? 243 ASP B CB  1 
ATOM   1263 C CG  . ASP B 1 53  ? -2.269  -11.350 -5.103  1.00 22.57 ? 243 ASP B CG  1 
ATOM   1264 O OD1 . ASP B 1 53  ? -3.296  -11.846 -5.610  1.00 22.18 ? 243 ASP B OD1 1 
ATOM   1265 O OD2 . ASP B 1 53  ? -1.346  -10.826 -5.772  1.00 21.21 ? 243 ASP B OD2 1 
ATOM   1266 N N   . VAL B 1 54  ? -0.382  -12.686 -0.932  1.00 19.60 ? 244 VAL B N   1 
ATOM   1267 C CA  . VAL B 1 54  ? -0.176  -12.591 0.505   1.00 18.83 ? 244 VAL B CA  1 
ATOM   1268 C C   . VAL B 1 54  ? 1.336   -12.521 0.657   1.00 23.48 ? 244 VAL B C   1 
ATOM   1269 O O   . VAL B 1 54  ? 2.042   -13.477 0.343   1.00 23.69 ? 244 VAL B O   1 
ATOM   1270 C CB  . VAL B 1 54  ? -0.726  -13.834 1.244   1.00 21.49 ? 244 VAL B CB  1 
ATOM   1271 C CG1 . VAL B 1 54  ? -0.512  -13.677 2.743   1.00 16.42 ? 244 VAL B CG1 1 
ATOM   1272 C CG2 . VAL B 1 54  ? -2.206  -14.012 0.926   1.00 18.35 ? 244 VAL B CG2 1 
ATOM   1273 N N   . HIS B 1 55  ? 1.820   -11.377 1.134   1.00 23.06 ? 245 HIS B N   1 
ATOM   1274 C CA  . HIS B 1 55  ? 3.246   -11.122 1.289   1.00 22.55 ? 245 HIS B CA  1 
ATOM   1275 C C   . HIS B 1 55  ? 3.831   -11.452 2.655   1.00 23.59 ? 245 HIS B C   1 
ATOM   1276 O O   . HIS B 1 55  ? 3.529   -10.791 3.648   1.00 21.25 ? 245 HIS B O   1 
ATOM   1277 C CB  . HIS B 1 55  ? 3.524   -9.651  0.963   1.00 21.12 ? 245 HIS B CB  1 
ATOM   1278 C CG  . HIS B 1 55  ? 4.972   -9.272  1.021   1.00 21.22 ? 245 HIS B CG  1 
ATOM   1279 N ND1 . HIS B 1 55  ? 5.888   -9.680  0.075   1.00 22.62 ? 245 HIS B ND1 1 
ATOM   1280 C CD2 . HIS B 1 55  ? 5.656   -8.505  1.901   1.00 24.27 ? 245 HIS B CD2 1 
ATOM   1281 C CE1 . HIS B 1 55  ? 7.074   -9.177  0.368   1.00 22.43 ? 245 HIS B CE1 1 
ATOM   1282 N NE2 . HIS B 1 55  ? 6.961   -8.460  1.471   1.00 22.06 ? 245 HIS B NE2 1 
ATOM   1283 N N   . ARG B 1 56  ? 4.677   -12.477 2.693   1.00 19.80 ? 246 ARG B N   1 
ATOM   1284 C CA  . ARG B 1 56  ? 5.347   -12.884 3.921   1.00 21.36 ? 246 ARG B CA  1 
ATOM   1285 C C   . ARG B 1 56  ? 4.411   -13.035 5.115   1.00 22.64 ? 246 ARG B C   1 
ATOM   1286 O O   . ARG B 1 56  ? 4.786   -12.718 6.244   1.00 22.67 ? 246 ARG B O   1 
ATOM   1287 C CB  . ARG B 1 56  ? 6.456   -11.879 4.250   1.00 23.32 ? 246 ARG B CB  1 
ATOM   1288 C CG  . ARG B 1 56  ? 7.382   -11.597 3.074   1.00 26.94 ? 246 ARG B CG  1 
ATOM   1289 C CD  . ARG B 1 56  ? 8.101   -12.862 2.616   1.00 32.31 ? 246 ARG B CD  1 
ATOM   1290 N NE  . ARG B 1 56  ? 8.987   -12.621 1.479   1.00 37.86 ? 246 ARG B NE  1 
ATOM   1291 C CZ  . ARG B 1 56  ? 8.580   -12.477 0.220   1.00 40.86 ? 246 ARG B CZ  1 
ATOM   1292 N NH1 . ARG B 1 56  ? 7.289   -12.552 -0.078  1.00 44.77 ? 246 ARG B NH1 1 
ATOM   1293 N NH2 . ARG B 1 56  ? 9.465   -12.255 -0.743  1.00 38.54 ? 246 ARG B NH2 1 
ATOM   1294 N N   . GLN B 1 57  ? 3.197   -13.512 4.847   1.00 23.77 ? 247 GLN B N   1 
ATOM   1295 C CA  . GLN B 1 57  ? 2.183   -13.755 5.870   1.00 24.00 ? 247 GLN B CA  1 
ATOM   1296 C C   . GLN B 1 57  ? 1.673   -12.546 6.654   1.00 24.54 ? 247 GLN B C   1 
ATOM   1297 O O   . GLN B 1 57  ? 0.853   -12.716 7.559   1.00 22.64 ? 247 GLN B O   1 
ATOM   1298 C CB  . GLN B 1 57  ? 2.700   -14.789 6.880   1.00 26.95 ? 247 GLN B CB  1 
ATOM   1299 C CG  . GLN B 1 57  ? 3.080   -16.137 6.287   1.00 30.30 ? 247 GLN B CG  1 
ATOM   1300 C CD  . GLN B 1 57  ? 3.686   -17.071 7.324   1.00 35.68 ? 247 GLN B CD  1 
ATOM   1301 O OE1 . GLN B 1 57  ? 4.720   -16.770 7.916   1.00 36.25 ? 247 GLN B OE1 1 
ATOM   1302 N NE2 . GLN B 1 57  ? 3.038   -18.208 7.551   1.00 38.33 ? 247 GLN B NE2 1 
ATOM   1303 N N   . VAL B 1 58  ? 2.127   -11.338 6.319   1.00 22.93 ? 248 VAL B N   1 
ATOM   1304 C CA  . VAL B 1 58  ? 1.697   -10.155 7.067   1.00 20.91 ? 248 VAL B CA  1 
ATOM   1305 C C   . VAL B 1 58  ? 1.108   -8.995  6.254   1.00 22.09 ? 248 VAL B C   1 
ATOM   1306 O O   . VAL B 1 58  ? 0.950   -7.887  6.770   1.00 18.82 ? 248 VAL B O   1 
ATOM   1307 C CB  . VAL B 1 58  ? 2.854   -9.611  7.938   1.00 18.96 ? 248 VAL B CB  1 
ATOM   1308 C CG1 . VAL B 1 58  ? 3.268   -10.662 8.961   1.00 21.68 ? 248 VAL B CG1 1 
ATOM   1309 C CG2 . VAL B 1 58  ? 4.031   -9.232  7.064   1.00 20.81 ? 248 VAL B CG2 1 
ATOM   1310 N N   . ALA B 1 59  ? 0.777   -9.256  4.995   1.00 19.59 ? 249 ALA B N   1 
ATOM   1311 C CA  . ALA B 1 59  ? 0.180   -8.240  4.137   1.00 19.87 ? 249 ALA B CA  1 
ATOM   1312 C C   . ALA B 1 59  ? -0.554  -8.921  2.996   1.00 20.93 ? 249 ALA B C   1 
ATOM   1313 O O   . ALA B 1 59  ? -0.111  -9.950  2.488   1.00 20.93 ? 249 ALA B O   1 
ATOM   1314 C CB  . ALA B 1 59  ? 1.254   -7.306  3.583   1.00 19.65 ? 249 ALA B CB  1 
ATOM   1315 N N   . ILE B 1 60  ? -1.686  -8.343  2.609   1.00 18.70 ? 250 ILE B N   1 
ATOM   1316 C CA  . ILE B 1 60  ? -2.488  -8.874  1.522   1.00 17.91 ? 250 ILE B CA  1 
ATOM   1317 C C   . ILE B 1 60  ? -2.830  -7.742  0.566   1.00 17.65 ? 250 ILE B C   1 
ATOM   1318 O O   . ILE B 1 60  ? -3.246  -6.664  0.993   1.00 16.90 ? 250 ILE B O   1 
ATOM   1319 C CB  . ILE B 1 60  ? -3.815  -9.472  2.032   1.00 19.88 ? 250 ILE B CB  1 
ATOM   1320 C CG1 . ILE B 1 60  ? -3.542  -10.513 3.120   1.00 19.91 ? 250 ILE B CG1 1 
ATOM   1321 C CG2 . ILE B 1 60  ? -4.580  -10.084 0.864   1.00 16.65 ? 250 ILE B CG2 1 
ATOM   1322 C CD1 . ILE B 1 60  ? -4.794  -11.159 3.689   1.00 21.63 ? 250 ILE B CD1 1 
ATOM   1323 N N   . VAL B 1 61  ? -2.628  -7.978  -0.725  1.00 17.98 ? 251 VAL B N   1 
ATOM   1324 C CA  . VAL B 1 61  ? -2.964  -6.984  -1.734  1.00 16.50 ? 251 VAL B CA  1 
ATOM   1325 C C   . VAL B 1 61  ? -4.102  -7.615  -2.527  1.00 18.31 ? 251 VAL B C   1 
ATOM   1326 O O   . VAL B 1 61  ? -3.936  -8.665  -3.152  1.00 17.98 ? 251 VAL B O   1 
ATOM   1327 C CB  . VAL B 1 61  ? -1.760  -6.673  -2.656  1.00 17.46 ? 251 VAL B CB  1 
ATOM   1328 C CG1 . VAL B 1 61  ? -2.162  -5.650  -3.721  1.00 16.93 ? 251 VAL B CG1 1 
ATOM   1329 C CG2 . VAL B 1 61  ? -0.610  -6.127  -1.821  1.00 19.92 ? 251 VAL B CG2 1 
ATOM   1330 N N   . PHE B 1 62  ? -5.269  -6.986  -2.487  1.00 15.16 ? 252 PHE B N   1 
ATOM   1331 C CA  . PHE B 1 62  ? -6.429  -7.534  -3.171  1.00 15.12 ? 252 PHE B CA  1 
ATOM   1332 C C   . PHE B 1 62  ? -7.272  -6.464  -3.834  1.00 16.02 ? 252 PHE B C   1 
ATOM   1333 O O   . PHE B 1 62  ? -7.047  -5.270  -3.642  1.00 16.68 ? 252 PHE B O   1 
ATOM   1334 C CB  . PHE B 1 62  ? -7.292  -8.302  -2.161  1.00 12.98 ? 252 PHE B CB  1 
ATOM   1335 C CG  . PHE B 1 62  ? -7.911  -7.429  -1.090  1.00 14.79 ? 252 PHE B CG  1 
ATOM   1336 C CD1 . PHE B 1 62  ? -9.184  -6.891  -1.260  1.00 16.94 ? 252 PHE B CD1 1 
ATOM   1337 C CD2 . PHE B 1 62  ? -7.226  -7.162  0.094   1.00 15.30 ? 252 PHE B CD2 1 
ATOM   1338 C CE1 . PHE B 1 62  ? -9.771  -6.103  -0.268  1.00 18.70 ? 252 PHE B CE1 1 
ATOM   1339 C CE2 . PHE B 1 62  ? -7.802  -6.372  1.095   1.00 20.26 ? 252 PHE B CE2 1 
ATOM   1340 C CZ  . PHE B 1 62  ? -9.078  -5.845  0.911   1.00 18.90 ? 252 PHE B CZ  1 
ATOM   1341 N N   . ARG B 1 63  ? -8.256  -6.912  -4.607  1.00 15.20 ? 253 ARG B N   1 
ATOM   1342 C CA  . ARG B 1 63  ? -9.170  -6.009  -5.288  1.00 17.13 ? 253 ARG B CA  1 
ATOM   1343 C C   . ARG B 1 63  ? -10.527 -6.096  -4.599  1.00 19.55 ? 253 ARG B C   1 
ATOM   1344 O O   . ARG B 1 63  ? -10.986 -7.187  -4.248  1.00 15.02 ? 253 ARG B O   1 
ATOM   1345 C CB  . ARG B 1 63  ? -9.306  -6.418  -6.754  1.00 21.65 ? 253 ARG B CB  1 
ATOM   1346 C CG  . ARG B 1 63  ? -8.018  -6.272  -7.552  1.00 25.27 ? 253 ARG B CG  1 
ATOM   1347 C CD  . ARG B 1 63  ? -7.826  -4.850  -8.035  1.00 27.01 ? 253 ARG B CD  1 
ATOM   1348 N NE  . ARG B 1 63  ? -6.546  -4.677  -8.721  1.00 29.83 ? 253 ARG B NE  1 
ATOM   1349 C CZ  . ARG B 1 63  ? -6.219  -3.603  -9.434  1.00 29.68 ? 253 ARG B CZ  1 
ATOM   1350 N NH1 . ARG B 1 63  ? -7.078  -2.602  -9.562  1.00 29.55 ? 253 ARG B NH1 1 
ATOM   1351 N NH2 . ARG B 1 63  ? -5.029  -3.527  -10.015 1.00 31.80 ? 253 ARG B NH2 1 
ATOM   1352 N N   . THR B 1 64  ? -11.165 -4.948  -4.406  1.00 16.14 ? 254 THR B N   1 
ATOM   1353 C CA  . THR B 1 64  ? -12.468 -4.914  -3.761  1.00 16.48 ? 254 THR B CA  1 
ATOM   1354 C C   . THR B 1 64  ? -13.522 -5.530  -4.667  1.00 16.53 ? 254 THR B C   1 
ATOM   1355 O O   . THR B 1 64  ? -13.435 -5.445  -5.896  1.00 17.61 ? 254 THR B O   1 
ATOM   1356 C CB  . THR B 1 64  ? -12.889 -3.468  -3.438  1.00 13.39 ? 254 THR B CB  1 
ATOM   1357 O OG1 . THR B 1 64  ? -12.913 -2.700  -4.650  1.00 15.61 ? 254 THR B OG1 1 
ATOM   1358 C CG2 . THR B 1 64  ? -11.914 -2.837  -2.469  1.00 14.78 ? 254 THR B CG2 1 
ATOM   1359 N N   . PRO B 1 65  ? -14.532 -6.180  -4.075  1.00 17.89 ? 255 PRO B N   1 
ATOM   1360 C CA  . PRO B 1 65  ? -15.573 -6.780  -4.910  1.00 17.16 ? 255 PRO B CA  1 
ATOM   1361 C C   . PRO B 1 65  ? -16.595 -5.723  -5.286  1.00 18.03 ? 255 PRO B C   1 
ATOM   1362 O O   . PRO B 1 65  ? -16.658 -4.663  -4.659  1.00 17.87 ? 255 PRO B O   1 
ATOM   1363 C CB  . PRO B 1 65  ? -16.172 -7.842  -3.995  1.00 19.14 ? 255 PRO B CB  1 
ATOM   1364 C CG  . PRO B 1 65  ? -16.078 -7.194  -2.644  1.00 17.78 ? 255 PRO B CG  1 
ATOM   1365 C CD  . PRO B 1 65  ? -14.686 -6.580  -2.664  1.00 16.33 ? 255 PRO B CD  1 
ATOM   1366 N N   . PRO B 1 66  ? -17.394 -5.981  -6.328  1.00 19.90 ? 256 PRO B N   1 
ATOM   1367 C CA  . PRO B 1 66  ? -18.404 -4.994  -6.715  1.00 19.14 ? 256 PRO B CA  1 
ATOM   1368 C C   . PRO B 1 66  ? -19.431 -4.995  -5.585  1.00 19.31 ? 256 PRO B C   1 
ATOM   1369 O O   . PRO B 1 66  ? -19.661 -6.033  -4.966  1.00 18.03 ? 256 PRO B O   1 
ATOM   1370 C CB  . PRO B 1 66  ? -18.996 -5.579  -7.998  1.00 21.99 ? 256 PRO B CB  1 
ATOM   1371 C CG  . PRO B 1 66  ? -17.903 -6.471  -8.526  1.00 24.43 ? 256 PRO B CG  1 
ATOM   1372 C CD  . PRO B 1 66  ? -17.361 -7.105  -7.279  1.00 21.98 ? 256 PRO B CD  1 
ATOM   1373 N N   . TYR B 1 67  ? -20.030 -3.843  -5.306  1.00 17.16 ? 257 TYR B N   1 
ATOM   1374 C CA  . TYR B 1 67  ? -21.041 -3.769  -4.259  1.00 19.65 ? 257 TYR B CA  1 
ATOM   1375 C C   . TYR B 1 67  ? -22.368 -4.240  -4.866  1.00 19.45 ? 257 TYR B C   1 
ATOM   1376 O O   . TYR B 1 67  ? -22.474 -4.386  -6.081  1.00 16.04 ? 257 TYR B O   1 
ATOM   1377 C CB  . TYR B 1 67  ? -21.166 -2.328  -3.742  1.00 19.45 ? 257 TYR B CB  1 
ATOM   1378 C CG  . TYR B 1 67  ? -22.215 -2.177  -2.675  1.00 20.07 ? 257 TYR B CG  1 
ATOM   1379 C CD1 . TYR B 1 67  ? -22.165 -2.948  -1.514  1.00 16.31 ? 257 TYR B CD1 1 
ATOM   1380 C CD2 . TYR B 1 67  ? -23.298 -1.316  -2.851  1.00 18.79 ? 257 TYR B CD2 1 
ATOM   1381 C CE1 . TYR B 1 67  ? -23.172 -2.874  -0.559  1.00 20.92 ? 257 TYR B CE1 1 
ATOM   1382 C CE2 . TYR B 1 67  ? -24.312 -1.234  -1.897  1.00 20.13 ? 257 TYR B CE2 1 
ATOM   1383 C CZ  . TYR B 1 67  ? -24.243 -2.017  -0.760  1.00 18.71 ? 257 TYR B CZ  1 
ATOM   1384 O OH  . TYR B 1 67  ? -25.252 -1.973  0.170   1.00 18.87 ? 257 TYR B OH  1 
ATOM   1385 N N   . ALA B 1 68  ? -23.368 -4.484  -4.024  1.00 20.02 ? 258 ALA B N   1 
ATOM   1386 C CA  . ALA B 1 68  ? -24.677 -4.949  -4.493  1.00 21.72 ? 258 ALA B CA  1 
ATOM   1387 C C   . ALA B 1 68  ? -25.365 -3.953  -5.424  1.00 24.18 ? 258 ALA B C   1 
ATOM   1388 O O   . ALA B 1 68  ? -26.189 -4.331  -6.262  1.00 21.97 ? 258 ALA B O   1 
ATOM   1389 C CB  . ALA B 1 68  ? -25.583 -5.241  -3.295  1.00 19.11 ? 258 ALA B CB  1 
ATOM   1390 N N   . ASP B 1 69  ? -25.028 -2.678  -5.270  1.00 22.18 ? 259 ASP B N   1 
ATOM   1391 C CA  . ASP B 1 69  ? -25.627 -1.620  -6.076  1.00 25.02 ? 259 ASP B CA  1 
ATOM   1392 C C   . ASP B 1 69  ? -24.545 -0.911  -6.882  1.00 26.29 ? 259 ASP B C   1 
ATOM   1393 O O   . ASP B 1 69  ? -23.715 -0.191  -6.327  1.00 27.53 ? 259 ASP B O   1 
ATOM   1394 C CB  . ASP B 1 69  ? -26.348 -0.632  -5.157  1.00 24.13 ? 259 ASP B CB  1 
ATOM   1395 C CG  . ASP B 1 69  ? -27.112 0.432   -5.919  1.00 27.20 ? 259 ASP B CG  1 
ATOM   1396 O OD1 . ASP B 1 69  ? -27.878 1.178   -5.273  1.00 25.13 ? 259 ASP B OD1 1 
ATOM   1397 O OD2 . ASP B 1 69  ? -26.947 0.528   -7.151  1.00 29.60 ? 259 ASP B OD2 1 
ATOM   1398 N N   . PRO B 1 70  ? -24.542 -1.107  -8.209  1.00 25.23 ? 260 PRO B N   1 
ATOM   1399 C CA  . PRO B 1 70  ? -23.553 -0.488  -9.096  1.00 25.72 ? 260 PRO B CA  1 
ATOM   1400 C C   . PRO B 1 70  ? -23.831 0.969   -9.455  1.00 27.66 ? 260 PRO B C   1 
ATOM   1401 O O   . PRO B 1 70  ? -23.035 1.597   -10.149 1.00 30.49 ? 260 PRO B O   1 
ATOM   1402 C CB  . PRO B 1 70  ? -23.594 -1.390  -10.322 1.00 25.68 ? 260 PRO B CB  1 
ATOM   1403 C CG  . PRO B 1 70  ? -25.056 -1.714  -10.405 1.00 24.90 ? 260 PRO B CG  1 
ATOM   1404 C CD  . PRO B 1 70  ? -25.400 -2.043  -8.961  1.00 25.18 ? 260 PRO B CD  1 
ATOM   1405 N N   . SER B 1 71  ? -24.957 1.501   -8.989  1.00 26.36 ? 261 SER B N   1 
ATOM   1406 C CA  . SER B 1 71  ? -25.318 2.883   -9.283  1.00 30.23 ? 261 SER B CA  1 
ATOM   1407 C C   . SER B 1 71  ? -25.686 3.635   -8.007  1.00 30.06 ? 261 SER B C   1 
ATOM   1408 O O   . SER B 1 71  ? -26.757 4.236   -7.900  1.00 29.77 ? 261 SER B O   1 
ATOM   1409 C CB  . SER B 1 71  ? -26.483 2.923   -10.275 1.00 31.29 ? 261 SER B CB  1 
ATOM   1410 O OG  . SER B 1 71  ? -27.608 2.240   -9.758  1.00 42.49 ? 261 SER B OG  1 
ATOM   1411 N N   . LEU B 1 72  ? -24.779 3.591   -7.040  1.00 29.05 ? 262 LEU B N   1 
ATOM   1412 C CA  . LEU B 1 72  ? -24.963 4.255   -5.757  1.00 29.59 ? 262 LEU B CA  1 
ATOM   1413 C C   . LEU B 1 72  ? -25.117 5.759   -5.956  1.00 29.25 ? 262 LEU B C   1 
ATOM   1414 O O   . LEU B 1 72  ? -24.432 6.354   -6.787  1.00 26.05 ? 262 LEU B O   1 
ATOM   1415 C CB  . LEU B 1 72  ? -23.743 3.980   -4.874  1.00 27.83 ? 262 LEU B CB  1 
ATOM   1416 C CG  . LEU B 1 72  ? -23.949 3.447   -3.460  1.00 31.80 ? 262 LEU B CG  1 
ATOM   1417 C CD1 . LEU B 1 72  ? -24.935 2.288   -3.458  1.00 28.47 ? 262 LEU B CD1 1 
ATOM   1418 C CD2 . LEU B 1 72  ? -22.595 3.017   -2.905  1.00 21.75 ? 262 LEU B CD2 1 
ATOM   1419 N N   . GLN B 1 73  ? -26.014 6.375   -5.192  1.00 30.18 ? 263 GLN B N   1 
ATOM   1420 C CA  . GLN B 1 73  ? -26.224 7.813   -5.294  1.00 31.07 ? 263 GLN B CA  1 
ATOM   1421 C C   . GLN B 1 73  ? -25.556 8.520   -4.121  1.00 30.70 ? 263 GLN B C   1 
ATOM   1422 O O   . GLN B 1 73  ? -25.383 9.739   -4.128  1.00 32.26 ? 263 GLN B O   1 
ATOM   1423 C CB  . GLN B 1 73  ? -27.721 8.128   -5.320  1.00 34.07 ? 263 GLN B CB  1 
ATOM   1424 C CG  . GLN B 1 73  ? -28.420 7.627   -6.572  1.00 39.20 ? 263 GLN B CG  1 
ATOM   1425 C CD  . GLN B 1 73  ? -27.821 8.214   -7.836  1.00 44.30 ? 263 GLN B CD  1 
ATOM   1426 O OE1 . GLN B 1 73  ? -27.913 9.417   -8.080  1.00 47.70 ? 263 GLN B OE1 1 
ATOM   1427 N NE2 . GLN B 1 73  ? -27.197 7.365   -8.646  1.00 43.73 ? 263 GLN B NE2 1 
ATOM   1428 N N   . ALA B 1 74  ? -25.178 7.737   -3.114  1.00 27.77 ? 264 ALA B N   1 
ATOM   1429 C CA  . ALA B 1 74  ? -24.518 8.260   -1.924  1.00 24.37 ? 264 ALA B CA  1 
ATOM   1430 C C   . ALA B 1 74  ? -23.723 7.122   -1.292  1.00 23.94 ? 264 ALA B C   1 
ATOM   1431 O O   . ALA B 1 74  ? -23.967 5.950   -1.588  1.00 24.36 ? 264 ALA B O   1 
ATOM   1432 C CB  . ALA B 1 74  ? -25.553 8.790   -0.934  1.00 26.66 ? 264 ALA B CB  1 
ATOM   1433 N N   . PRO B 1 75  ? -22.770 7.450   -0.410  1.00 23.29 ? 265 PRO B N   1 
ATOM   1434 C CA  . PRO B 1 75  ? -21.950 6.429   0.252   1.00 21.07 ? 265 PRO B CA  1 
ATOM   1435 C C   . PRO B 1 75  ? -22.758 5.439   1.086   1.00 21.65 ? 265 PRO B C   1 
ATOM   1436 O O   . PRO B 1 75  ? -23.809 5.777   1.622   1.00 20.61 ? 265 PRO B O   1 
ATOM   1437 C CB  . PRO B 1 75  ? -21.005 7.255   1.128   1.00 20.59 ? 265 PRO B CB  1 
ATOM   1438 C CG  . PRO B 1 75  ? -20.899 8.563   0.381   1.00 23.45 ? 265 PRO B CG  1 
ATOM   1439 C CD  . PRO B 1 75  ? -22.330 8.803   -0.022  1.00 22.92 ? 265 PRO B CD  1 
ATOM   1440 N N   . VAL B 1 76  ? -22.253 4.213   1.188   1.00 19.68 ? 266 VAL B N   1 
ATOM   1441 C CA  . VAL B 1 76  ? -22.882 3.171   1.991   1.00 19.90 ? 266 VAL B CA  1 
ATOM   1442 C C   . VAL B 1 76  ? -21.760 2.578   2.831   1.00 18.91 ? 266 VAL B C   1 
ATOM   1443 O O   . VAL B 1 76  ? -20.644 2.402   2.337   1.00 17.16 ? 266 VAL B O   1 
ATOM   1444 C CB  . VAL B 1 76  ? -23.505 2.042   1.124   1.00 21.21 ? 266 VAL B CB  1 
ATOM   1445 C CG1 . VAL B 1 76  ? -24.604 2.608   0.236   1.00 23.22 ? 266 VAL B CG1 1 
ATOM   1446 C CG2 . VAL B 1 76  ? -22.440 1.372   0.293   1.00 26.78 ? 266 VAL B CG2 1 
ATOM   1447 N N   . ARG B 1 77  ? -22.035 2.294   4.099   1.00 17.91 ? 267 ARG B N   1 
ATOM   1448 C CA  . ARG B 1 77  ? -21.003 1.720   4.953   1.00 18.61 ? 267 ARG B CA  1 
ATOM   1449 C C   . ARG B 1 77  ? -21.108 0.206   5.072   1.00 17.79 ? 267 ARG B C   1 
ATOM   1450 O O   . ARG B 1 77  ? -22.185 -0.338  5.301   1.00 19.06 ? 267 ARG B O   1 
ATOM   1451 C CB  . ARG B 1 77  ? -21.047 2.298   6.372   1.00 20.69 ? 267 ARG B CB  1 
ATOM   1452 C CG  . ARG B 1 77  ? -19.878 1.771   7.211   1.00 25.14 ? 267 ARG B CG  1 
ATOM   1453 C CD  . ARG B 1 77  ? -20.125 1.682   8.711   1.00 30.90 ? 267 ARG B CD  1 
ATOM   1454 N NE  . ARG B 1 77  ? -20.236 2.973   9.371   1.00 30.06 ? 267 ARG B NE  1 
ATOM   1455 C CZ  . ARG B 1 77  ? -19.823 3.216   10.614  1.00 27.96 ? 267 ARG B CZ  1 
ATOM   1456 N NH1 . ARG B 1 77  ? -19.980 4.419   11.132  1.00 22.15 ? 267 ARG B NH1 1 
ATOM   1457 N NH2 . ARG B 1 77  ? -19.229 2.270   11.330  1.00 27.95 ? 267 ARG B NH2 1 
ATOM   1458 N N   . VAL B 1 78  ? -19.977 -0.468  4.912   1.00 18.10 ? 268 VAL B N   1 
ATOM   1459 C CA  . VAL B 1 78  ? -19.918 -1.914  5.062   1.00 17.67 ? 268 VAL B CA  1 
ATOM   1460 C C   . VAL B 1 78  ? -18.744 -2.183  5.988   1.00 18.87 ? 268 VAL B C   1 
ATOM   1461 O O   . VAL B 1 78  ? -18.017 -1.256  6.362   1.00 20.68 ? 268 VAL B O   1 
ATOM   1462 C CB  . VAL B 1 78  ? -19.679 -2.646  3.715   1.00 20.42 ? 268 VAL B CB  1 
ATOM   1463 C CG1 . VAL B 1 78  ? -20.834 -2.370  2.767   1.00 15.12 ? 268 VAL B CG1 1 
ATOM   1464 C CG2 . VAL B 1 78  ? -18.351 -2.216  3.102   1.00 16.13 ? 268 VAL B CG2 1 
ATOM   1465 N N   . SER B 1 79  ? -18.568 -3.438  6.377   1.00 17.20 ? 269 SER B N   1 
ATOM   1466 C CA  . SER B 1 79  ? -17.462 -3.803  7.245   1.00 19.53 ? 269 SER B CA  1 
ATOM   1467 C C   . SER B 1 79  ? -16.464 -4.625  6.454   1.00 19.33 ? 269 SER B C   1 
ATOM   1468 O O   . SER B 1 79  ? -16.846 -5.448  5.623   1.00 21.72 ? 269 SER B O   1 
ATOM   1469 C CB  . SER B 1 79  ? -17.950 -4.634  8.436   1.00 22.07 ? 269 SER B CB  1 
ATOM   1470 O OG  . SER B 1 79  ? -18.793 -3.876  9.286   1.00 28.25 ? 269 SER B OG  1 
ATOM   1471 N N   . MET B 1 80  ? -15.184 -4.381  6.697   1.00 18.83 ? 270 MET B N   1 
ATOM   1472 C CA  . MET B 1 80  ? -14.130 -5.139  6.039   1.00 19.60 ? 270 MET B CA  1 
ATOM   1473 C C   . MET B 1 80  ? -13.480 -5.933  7.162   1.00 18.54 ? 270 MET B C   1 
ATOM   1474 O O   . MET B 1 80  ? -13.104 -5.365  8.182   1.00 17.54 ? 270 MET B O   1 
ATOM   1475 C CB  . MET B 1 80  ? -13.127 -4.194  5.385   1.00 20.04 ? 270 MET B CB  1 
ATOM   1476 C CG  . MET B 1 80  ? -11.974 -4.898  4.711   1.00 20.92 ? 270 MET B CG  1 
ATOM   1477 S SD  . MET B 1 80  ? -11.008 -3.743  3.723   1.00 28.97 ? 270 MET B SD  1 
ATOM   1478 C CE  . MET B 1 80  ? -10.556 -2.503  4.936   1.00 30.12 ? 270 MET B CE  1 
ATOM   1479 N N   . GLN B 1 81  ? -13.368 -7.247  6.983   1.00 20.34 ? 271 GLN B N   1 
ATOM   1480 C CA  . GLN B 1 81  ? -12.790 -8.110  8.004   1.00 19.90 ? 271 GLN B CA  1 
ATOM   1481 C C   . GLN B 1 81  ? -11.921 -9.212  7.425   1.00 19.50 ? 271 GLN B C   1 
ATOM   1482 O O   . GLN B 1 81  ? -12.146 -9.669  6.310   1.00 19.79 ? 271 GLN B O   1 
ATOM   1483 C CB  . GLN B 1 81  ? -13.896 -8.807  8.798   1.00 24.99 ? 271 GLN B CB  1 
ATOM   1484 C CG  . GLN B 1 81  ? -14.689 -7.952  9.753   1.00 27.15 ? 271 GLN B CG  1 
ATOM   1485 C CD  . GLN B 1 81  ? -15.894 -8.702  10.290  1.00 28.67 ? 271 GLN B CD  1 
ATOM   1486 O OE1 . GLN B 1 81  ? -16.834 -8.987  9.548   1.00 29.96 ? 271 GLN B OE1 1 
ATOM   1487 N NE2 . GLN B 1 81  ? -15.864 -9.043  11.576  1.00 28.23 ? 271 GLN B NE2 1 
ATOM   1488 N N   . LEU B 1 82  ? -10.933 -9.646  8.198   1.00 18.37 ? 272 LEU B N   1 
ATOM   1489 C CA  . LEU B 1 82  ? -10.107 -10.765 7.776   1.00 22.24 ? 272 LEU B CA  1 
ATOM   1490 C C   . LEU B 1 82  ? -10.943 -11.949 8.252   1.00 25.68 ? 272 LEU B C   1 
ATOM   1491 O O   . LEU B 1 82  ? -11.632 -11.856 9.272   1.00 25.73 ? 272 LEU B O   1 
ATOM   1492 C CB  . LEU B 1 82  ? -8.755  -10.768 8.492   1.00 18.87 ? 272 LEU B CB  1 
ATOM   1493 C CG  . LEU B 1 82  ? -7.677  -9.815  7.971   1.00 20.62 ? 272 LEU B CG  1 
ATOM   1494 C CD1 . LEU B 1 82  ? -6.492  -9.846  8.910   1.00 18.60 ? 272 LEU B CD1 1 
ATOM   1495 C CD2 . LEU B 1 82  ? -7.251  -10.221 6.551   1.00 20.64 ? 272 LEU B CD2 1 
ATOM   1496 N N   . ARG B 1 83  ? -10.901 -13.049 7.516   1.00 25.29 ? 273 ARG B N   1 
ATOM   1497 C CA  . ARG B 1 83  ? -11.664 -14.226 7.891   1.00 24.84 ? 273 ARG B CA  1 
ATOM   1498 C C   . ARG B 1 83  ? -10.843 -15.476 7.617   1.00 28.03 ? 273 ARG B C   1 
ATOM   1499 O O   . ARG B 1 83  ? -10.349 -15.671 6.507   1.00 23.99 ? 273 ARG B O   1 
ATOM   1500 C CB  . ARG B 1 83  ? -12.969 -14.276 7.090   1.00 29.76 ? 273 ARG B CB  1 
ATOM   1501 C CG  . ARG B 1 83  ? -13.804 -15.536 7.288   1.00 33.30 ? 273 ARG B CG  1 
ATOM   1502 C CD  . ARG B 1 83  ? -15.148 -15.401 6.585   1.00 36.42 ? 273 ARG B CD  1 
ATOM   1503 N NE  . ARG B 1 83  ? -15.985 -16.591 6.723   1.00 40.71 ? 273 ARG B NE  1 
ATOM   1504 C CZ  . ARG B 1 83  ? -15.762 -17.744 6.099   1.00 44.36 ? 273 ARG B CZ  1 
ATOM   1505 N NH1 . ARG B 1 83  ? -14.723 -17.869 5.284   1.00 46.41 ? 273 ARG B NH1 1 
ATOM   1506 N NH2 . ARG B 1 83  ? -16.581 -18.772 6.285   1.00 45.46 ? 273 ARG B NH2 1 
ATOM   1507 N N   . ARG B 1 84  ? -10.679 -16.306 8.644   1.00 28.06 ? 274 ARG B N   1 
ATOM   1508 C CA  . ARG B 1 84  ? -9.950  -17.558 8.505   1.00 28.23 ? 274 ARG B CA  1 
ATOM   1509 C C   . ARG B 1 84  ? -11.034 -18.597 8.248   1.00 30.68 ? 274 ARG B C   1 
ATOM   1510 O O   . ARG B 1 84  ? -11.817 -18.921 9.143   1.00 29.22 ? 274 ARG B O   1 
ATOM   1511 C CB  . ARG B 1 84  ? -9.184  -17.864 9.793   1.00 29.80 ? 274 ARG B CB  1 
ATOM   1512 C CG  . ARG B 1 84  ? -8.377  -19.155 9.771   1.00 34.81 ? 274 ARG B CG  1 
ATOM   1513 C CD  . ARG B 1 84  ? -7.288  -19.113 10.834  1.00 39.00 ? 274 ARG B CD  1 
ATOM   1514 N NE  . ARG B 1 84  ? -7.815  -18.732 12.141  1.00 41.89 ? 274 ARG B NE  1 
ATOM   1515 C CZ  . ARG B 1 84  ? -7.067  -18.289 13.146  1.00 43.85 ? 274 ARG B CZ  1 
ATOM   1516 N NH1 . ARG B 1 84  ? -5.756  -18.171 12.995  1.00 44.23 ? 274 ARG B NH1 1 
ATOM   1517 N NH2 . ARG B 1 84  ? -7.630  -17.955 14.299  1.00 47.92 ? 274 ARG B NH2 1 
ATOM   1518 N N   . PRO B 1 85  ? -11.114 -19.112 7.010   1.00 30.08 ? 275 PRO B N   1 
ATOM   1519 C CA  . PRO B 1 85  ? -12.110 -20.112 6.616   1.00 31.84 ? 275 PRO B CA  1 
ATOM   1520 C C   . PRO B 1 85  ? -12.090 -21.433 7.377   1.00 33.67 ? 275 PRO B C   1 
ATOM   1521 O O   . PRO B 1 85  ? -13.138 -22.048 7.570   1.00 33.50 ? 275 PRO B O   1 
ATOM   1522 C CB  . PRO B 1 85  ? -11.851 -20.289 5.120   1.00 33.24 ? 275 PRO B CB  1 
ATOM   1523 C CG  . PRO B 1 85  ? -10.398 -19.986 4.992   1.00 36.13 ? 275 PRO B CG  1 
ATOM   1524 C CD  . PRO B 1 85  ? -10.229 -18.784 5.880   1.00 32.61 ? 275 PRO B CD  1 
ATOM   1525 N N   . SER B 1 86  ? -10.914 -21.873 7.814   1.00 33.27 ? 276 SER B N   1 
ATOM   1526 C CA  . SER B 1 86  ? -10.833 -23.131 8.549   1.00 33.98 ? 276 SER B CA  1 
ATOM   1527 C C   . SER B 1 86  ? -11.666 -23.099 9.831   1.00 35.65 ? 276 SER B C   1 
ATOM   1528 O O   . SER B 1 86  ? -12.515 -23.961 10.036  1.00 35.64 ? 276 SER B O   1 
ATOM   1529 C CB  . SER B 1 86  ? -9.379  -23.473 8.890   1.00 32.00 ? 276 SER B CB  1 
ATOM   1530 O OG  . SER B 1 86  ? -8.797  -22.507 9.747   1.00 34.27 ? 276 SER B OG  1 
ATOM   1531 N N   . ASP B 1 87  ? -11.437 -22.107 10.685  1.00 36.29 ? 277 ASP B N   1 
ATOM   1532 C CA  . ASP B 1 87  ? -12.177 -22.027 11.943  1.00 36.76 ? 277 ASP B CA  1 
ATOM   1533 C C   . ASP B 1 87  ? -13.218 -20.912 12.001  1.00 37.19 ? 277 ASP B C   1 
ATOM   1534 O O   . ASP B 1 87  ? -13.811 -20.669 13.054  1.00 33.99 ? 277 ASP B O   1 
ATOM   1535 C CB  . ASP B 1 87  ? -11.200 -21.883 13.114  1.00 38.54 ? 277 ASP B CB  1 
ATOM   1536 C CG  . ASP B 1 87  ? -10.496 -20.546 13.123  1.00 41.40 ? 277 ASP B CG  1 
ATOM   1537 O OD1 . ASP B 1 87  ? -10.304 -19.966 12.035  1.00 43.24 ? 277 ASP B OD1 1 
ATOM   1538 O OD2 . ASP B 1 87  ? -10.122 -20.081 14.221  1.00 42.52 ? 277 ASP B OD2 1 
ATOM   1539 N N   . ARG B 1 88  ? -13.433 -20.234 10.872  1.00 35.62 ? 278 ARG B N   1 
ATOM   1540 C CA  . ARG B 1 88  ? -14.426 -19.161 10.790  1.00 35.75 ? 278 ARG B CA  1 
ATOM   1541 C C   . ARG B 1 88  ? -14.066 -17.945 11.638  1.00 32.90 ? 278 ARG B C   1 
ATOM   1542 O O   . ARG B 1 88  ? -14.903 -17.067 11.857  1.00 32.78 ? 278 ARG B O   1 
ATOM   1543 C CB  . ARG B 1 88  ? -15.794 -19.682 11.239  1.00 39.55 ? 278 ARG B CB  1 
ATOM   1544 C CG  . ARG B 1 88  ? -16.294 -20.907 10.496  1.00 45.79 ? 278 ARG B CG  1 
ATOM   1545 C CD  . ARG B 1 88  ? -16.951 -20.528 9.186   1.00 51.98 ? 278 ARG B CD  1 
ATOM   1546 N NE  . ARG B 1 88  ? -18.223 -21.221 9.003   1.00 56.90 ? 278 ARG B NE  1 
ATOM   1547 C CZ  . ARG B 1 88  ? -19.251 -21.137 9.844   1.00 60.59 ? 278 ARG B CZ  1 
ATOM   1548 N NH1 . ARG B 1 88  ? -19.164 -20.391 10.938  1.00 61.09 ? 278 ARG B NH1 1 
ATOM   1549 N NH2 . ARG B 1 88  ? -20.374 -21.798 9.590   1.00 62.22 ? 278 ARG B NH2 1 
ATOM   1550 N N   . GLU B 1 89  ? -12.829 -17.897 12.123  1.00 30.47 ? 279 GLU B N   1 
ATOM   1551 C CA  . GLU B 1 89  ? -12.371 -16.785 12.949  1.00 31.16 ? 279 GLU B CA  1 
ATOM   1552 C C   . GLU B 1 89  ? -12.428 -15.475 12.162  1.00 29.41 ? 279 GLU B C   1 
ATOM   1553 O O   . GLU B 1 89  ? -12.086 -15.435 10.981  1.00 27.70 ? 279 GLU B O   1 
ATOM   1554 C CB  . GLU B 1 89  ? -10.939 -17.041 13.421  1.00 37.36 ? 279 GLU B CB  1 
ATOM   1555 C CG  . GLU B 1 89  ? -10.427 -16.035 14.439  1.00 46.49 ? 279 GLU B CG  1 
ATOM   1556 C CD  . GLU B 1 89  ? -11.146 -16.135 15.774  1.00 52.40 ? 279 GLU B CD  1 
ATOM   1557 O OE1 . GLU B 1 89  ? -10.848 -15.318 16.672  1.00 56.83 ? 279 GLU B OE1 1 
ATOM   1558 O OE2 . GLU B 1 89  ? -12.003 -17.031 15.927  1.00 54.57 ? 279 GLU B OE2 1 
ATOM   1559 N N   . LEU B 1 90  ? -12.864 -14.407 12.820  1.00 29.77 ? 280 LEU B N   1 
ATOM   1560 C CA  . LEU B 1 90  ? -12.969 -13.102 12.174  1.00 30.18 ? 280 LEU B CA  1 
ATOM   1561 C C   . LEU B 1 90  ? -12.169 -12.049 12.919  1.00 29.51 ? 280 LEU B C   1 
ATOM   1562 O O   . LEU B 1 90  ? -12.036 -12.104 14.141  1.00 29.36 ? 280 LEU B O   1 
ATOM   1563 C CB  . LEU B 1 90  ? -14.429 -12.649 12.112  1.00 31.60 ? 280 LEU B CB  1 
ATOM   1564 C CG  . LEU B 1 90  ? -15.401 -13.395 11.200  1.00 34.70 ? 280 LEU B CG  1 
ATOM   1565 C CD1 . LEU B 1 90  ? -16.804 -12.827 11.395  1.00 35.60 ? 280 LEU B CD1 1 
ATOM   1566 C CD2 . LEU B 1 90  ? -14.964 -13.255 9.750   1.00 34.54 ? 280 LEU B CD2 1 
ATOM   1567 N N   . SER B 1 91  ? -11.626 -11.087 12.183  1.00 26.97 ? 281 SER B N   1 
ATOM   1568 C CA  . SER B 1 91  ? -10.877 -10.019 12.820  1.00 23.59 ? 281 SER B CA  1 
ATOM   1569 C C   . SER B 1 91  ? -11.913 -8.974  13.206  1.00 23.89 ? 281 SER B C   1 
ATOM   1570 O O   . SER B 1 91  ? -13.072 -9.047  12.785  1.00 23.26 ? 281 SER B O   1 
ATOM   1571 C CB  . SER B 1 91  ? -9.890  -9.381  11.840  1.00 23.61 ? 281 SER B CB  1 
ATOM   1572 O OG  . SER B 1 91  ? -10.577 -8.538  10.924  1.00 21.79 ? 281 SER B OG  1 
ATOM   1573 N N   . GLU B 1 92  ? -11.497 -8.005  14.009  1.00 25.17 ? 282 GLU B N   1 
ATOM   1574 C CA  . GLU B 1 92  ? -12.393 -6.925  14.388  1.00 25.70 ? 282 GLU B CA  1 
ATOM   1575 C C   . GLU B 1 92  ? -12.656 -6.228  13.053  1.00 24.33 ? 282 GLU B C   1 
ATOM   1576 O O   . GLU B 1 92  ? -11.766 -6.146  12.209  1.00 23.40 ? 282 GLU B O   1 
ATOM   1577 C CB  . GLU B 1 92  ? -11.681 -5.990  15.355  1.00 31.04 ? 282 GLU B CB  1 
ATOM   1578 C CG  . GLU B 1 92  ? -12.594 -5.091  16.141  1.00 42.51 ? 282 GLU B CG  1 
ATOM   1579 C CD  . GLU B 1 92  ? -11.875 -4.462  17.313  1.00 45.18 ? 282 GLU B CD  1 
ATOM   1580 O OE1 . GLU B 1 92  ? -11.337 -5.221  18.150  1.00 43.93 ? 282 GLU B OE1 1 
ATOM   1581 O OE2 . GLU B 1 92  ? -11.846 -3.216  17.394  1.00 49.03 ? 282 GLU B OE2 1 
ATOM   1582 N N   . PRO B 1 93  ? -13.877 -5.726  12.838  1.00 24.87 ? 283 PRO B N   1 
ATOM   1583 C CA  . PRO B 1 93  ? -14.182 -5.059  11.572  1.00 24.81 ? 283 PRO B CA  1 
ATOM   1584 C C   . PRO B 1 93  ? -13.626 -3.651  11.407  1.00 26.43 ? 283 PRO B C   1 
ATOM   1585 O O   . PRO B 1 93  ? -13.387 -2.941  12.383  1.00 28.46 ? 283 PRO B O   1 
ATOM   1586 C CB  . PRO B 1 93  ? -15.706 -5.076  11.546  1.00 27.00 ? 283 PRO B CB  1 
ATOM   1587 C CG  . PRO B 1 93  ? -16.036 -4.859  12.986  1.00 25.45 ? 283 PRO B CG  1 
ATOM   1588 C CD  . PRO B 1 93  ? -15.071 -5.786  13.701  1.00 26.27 ? 283 PRO B CD  1 
ATOM   1589 N N   . MET B 1 94  ? -13.399 -3.266  10.156  1.00 23.61 ? 284 MET B N   1 
ATOM   1590 C CA  . MET B 1 94  ? -12.923 -1.932  9.842   1.00 21.99 ? 284 MET B CA  1 
ATOM   1591 C C   . MET B 1 94  ? -13.964 -1.320  8.925   1.00 21.74 ? 284 MET B C   1 
ATOM   1592 O O   . MET B 1 94  ? -14.490 -1.991  8.035   1.00 20.84 ? 284 MET B O   1 
ATOM   1593 C CB  . MET B 1 94  ? -11.578 -1.971  9.118   1.00 26.56 ? 284 MET B CB  1 
ATOM   1594 C CG  . MET B 1 94  ? -11.076 -0.587  8.740   1.00 30.03 ? 284 MET B CG  1 
ATOM   1595 S SD  . MET B 1 94  ? -9.504  -0.591  7.861   1.00 37.94 ? 284 MET B SD  1 
ATOM   1596 C CE  . MET B 1 94  ? -8.343  -0.700  9.234   1.00 36.17 ? 284 MET B CE  1 
ATOM   1597 N N   . GLU B 1 95  ? -14.277 -0.051  9.141   1.00 17.93 ? 285 GLU B N   1 
ATOM   1598 C CA  . GLU B 1 95  ? -15.258 0.605   8.297   1.00 18.75 ? 285 GLU B CA  1 
ATOM   1599 C C   . GLU B 1 95  ? -14.724 0.804   6.883   1.00 19.49 ? 285 GLU B C   1 
ATOM   1600 O O   . GLU B 1 95  ? -13.580 1.224   6.690   1.00 19.44 ? 285 GLU B O   1 
ATOM   1601 C CB  . GLU B 1 95  ? -15.652 1.971   8.874   1.00 17.20 ? 285 GLU B CB  1 
ATOM   1602 C CG  . GLU B 1 95  ? -16.582 2.768   7.956   1.00 18.00 ? 285 GLU B CG  1 
ATOM   1603 C CD  . GLU B 1 95  ? -16.947 4.134   8.508   1.00 23.65 ? 285 GLU B CD  1 
ATOM   1604 O OE1 . GLU B 1 95  ? -17.808 4.810   7.905   1.00 22.40 ? 285 GLU B OE1 1 
ATOM   1605 O OE2 . GLU B 1 95  ? -16.373 4.534   9.542   1.00 24.86 ? 285 GLU B OE2 1 
ATOM   1606 N N   . PHE B 1 96  ? -15.557 0.476   5.900   1.00 15.72 ? 286 PHE B N   1 
ATOM   1607 C CA  . PHE B 1 96  ? -15.217 0.677   4.499   1.00 17.03 ? 286 PHE B CA  1 
ATOM   1608 C C   . PHE B 1 96  ? -16.454 1.274   3.854   1.00 17.87 ? 286 PHE B C   1 
ATOM   1609 O O   . PHE B 1 96  ? -17.573 0.830   4.115   1.00 18.01 ? 286 PHE B O   1 
ATOM   1610 C CB  . PHE B 1 96  ? -14.859 -0.636  3.802   1.00 18.28 ? 286 PHE B CB  1 
ATOM   1611 C CG  . PHE B 1 96  ? -14.458 -0.457  2.364   1.00 17.69 ? 286 PHE B CG  1 
ATOM   1612 C CD1 . PHE B 1 96  ? -15.408 -0.477  1.351   1.00 19.43 ? 286 PHE B CD1 1 
ATOM   1613 C CD2 . PHE B 1 96  ? -13.129 -0.228  2.029   1.00 20.47 ? 286 PHE B CD2 1 
ATOM   1614 C CE1 . PHE B 1 96  ? -15.038 -0.270  0.016   1.00 21.03 ? 286 PHE B CE1 1 
ATOM   1615 C CE2 . PHE B 1 96  ? -12.749 -0.018  0.707   1.00 21.03 ? 286 PHE B CE2 1 
ATOM   1616 C CZ  . PHE B 1 96  ? -13.708 -0.039  -0.304  1.00 18.06 ? 286 PHE B CZ  1 
ATOM   1617 N N   . GLN B 1 97  ? -16.261 2.295   3.033   1.00 16.36 ? 287 GLN B N   1 
ATOM   1618 C CA  . GLN B 1 97  ? -17.392 2.935   2.379   1.00 18.40 ? 287 GLN B CA  1 
ATOM   1619 C C   . GLN B 1 97  ? -17.363 2.795   0.864   1.00 18.71 ? 287 GLN B C   1 
ATOM   1620 O O   . GLN B 1 97  ? -16.368 3.134   0.216   1.00 16.44 ? 287 GLN B O   1 
ATOM   1621 C CB  . GLN B 1 97  ? -17.457 4.426   2.747   1.00 18.20 ? 287 GLN B CB  1 
ATOM   1622 C CG  . GLN B 1 97  ? -17.745 4.702   4.221   1.00 20.49 ? 287 GLN B CG  1 
ATOM   1623 C CD  . GLN B 1 97  ? -17.888 6.188   4.544   1.00 22.67 ? 287 GLN B CD  1 
ATOM   1624 O OE1 . GLN B 1 97  ? -17.916 6.578   5.713   1.00 21.80 ? 287 GLN B OE1 1 
ATOM   1625 N NE2 . GLN B 1 97  ? -17.989 7.016   3.511   1.00 21.99 ? 287 GLN B NE2 1 
ATOM   1626 N N   . TYR B 1 98  ? -18.452 2.272   0.304   1.00 18.14 ? 288 TYR B N   1 
ATOM   1627 C CA  . TYR B 1 98  ? -18.567 2.152   -1.144  1.00 18.44 ? 288 TYR B CA  1 
ATOM   1628 C C   . TYR B 1 98  ? -19.161 3.471   -1.622  1.00 18.68 ? 288 TYR B C   1 
ATOM   1629 O O   . TYR B 1 98  ? -20.104 3.987   -1.020  1.00 18.22 ? 288 TYR B O   1 
ATOM   1630 C CB  . TYR B 1 98  ? -19.482 0.990   -1.532  1.00 14.62 ? 288 TYR B CB  1 
ATOM   1631 C CG  . TYR B 1 98  ? -18.752 -0.327  -1.645  1.00 17.80 ? 288 TYR B CG  1 
ATOM   1632 C CD1 . TYR B 1 98  ? -18.891 -1.315  -0.670  1.00 18.09 ? 288 TYR B CD1 1 
ATOM   1633 C CD2 . TYR B 1 98  ? -17.914 -0.583  -2.734  1.00 16.16 ? 288 TYR B CD2 1 
ATOM   1634 C CE1 . TYR B 1 98  ? -18.215 -2.534  -0.779  1.00 16.51 ? 288 TYR B CE1 1 
ATOM   1635 C CE2 . TYR B 1 98  ? -17.237 -1.792  -2.853  1.00 13.70 ? 288 TYR B CE2 1 
ATOM   1636 C CZ  . TYR B 1 98  ? -17.393 -2.762  -1.878  1.00 19.05 ? 288 TYR B CZ  1 
ATOM   1637 O OH  . TYR B 1 98  ? -16.747 -3.970  -2.019  1.00 19.22 ? 288 TYR B OH  1 
ATOM   1638 N N   . LEU B 1 99  ? -18.621 4.008   -2.711  1.00 19.72 ? 289 LEU B N   1 
ATOM   1639 C CA  . LEU B 1 99  ? -19.080 5.299   -3.222  1.00 20.15 ? 289 LEU B CA  1 
ATOM   1640 C C   . LEU B 1 99  ? -19.615 5.269   -4.645  1.00 21.27 ? 289 LEU B C   1 
ATOM   1641 O O   . LEU B 1 99  ? -19.347 4.341   -5.407  1.00 20.33 ? 289 LEU B O   1 
ATOM   1642 C CB  . LEU B 1 99  ? -17.920 6.289   -3.179  1.00 22.34 ? 289 LEU B CB  1 
ATOM   1643 C CG  . LEU B 1 99  ? -17.068 6.298   -1.908  1.00 19.55 ? 289 LEU B CG  1 
ATOM   1644 C CD1 . LEU B 1 99  ? -15.769 7.056   -2.173  1.00 22.16 ? 289 LEU B CD1 1 
ATOM   1645 C CD2 . LEU B 1 99  ? -17.851 6.919   -0.777  1.00 21.54 ? 289 LEU B CD2 1 
ATOM   1646 N N   . PRO B 1 100 ? -20.398 6.292   -5.016  1.00 23.95 ? 290 PRO B N   1 
ATOM   1647 C CA  . PRO B 1 100 ? -20.937 6.348   -6.376  1.00 26.93 ? 290 PRO B CA  1 
ATOM   1648 C C   . PRO B 1 100 ? -19.709 6.382   -7.281  1.00 27.93 ? 290 PRO B C   1 
ATOM   1649 O O   . PRO B 1 100 ? -18.690 6.955   -6.905  1.00 25.53 ? 290 PRO B O   1 
ATOM   1650 C CB  . PRO B 1 100 ? -21.687 7.676   -6.392  1.00 27.30 ? 290 PRO B CB  1 
ATOM   1651 C CG  . PRO B 1 100 ? -22.177 7.800   -4.984  1.00 26.45 ? 290 PRO B CG  1 
ATOM   1652 C CD  . PRO B 1 100 ? -20.971 7.358   -4.174  1.00 23.95 ? 290 PRO B CD  1 
ATOM   1653 N N   . ASP B 1 101 ? -19.789 5.768   -8.456  1.00 31.53 ? 291 ASP B N   1 
ATOM   1654 C CA  . ASP B 1 101 ? -18.645 5.761   -9.362  1.00 36.70 ? 291 ASP B CA  1 
ATOM   1655 C C   . ASP B 1 101 ? -18.610 7.032   -10.201 1.00 39.97 ? 291 ASP B C   1 
ATOM   1656 O O   . ASP B 1 101 ? -17.670 7.826   -9.986  1.00 41.59 ? 291 ASP B O   1 
ATOM   1657 C CB  . ASP B 1 101 ? -18.698 4.540   -10.281 1.00 39.09 ? 291 ASP B CB  1 
ATOM   1658 C CG  . ASP B 1 101 ? -17.437 4.383   -11.109 1.00 43.47 ? 291 ASP B CG  1 
ATOM   1659 O OD1 . ASP B 1 101 ? -16.365 4.125   -10.519 1.00 40.30 ? 291 ASP B OD1 1 
ATOM   1660 O OD2 . ASP B 1 101 ? -17.515 4.522   -12.348 1.00 45.71 ? 291 ASP B OD2 1 
HETATM 1661 O O   . HOH C 2 .   ? 14.204  7.021   3.541   1.00 16.34 ? 600 HOH A O   1 
HETATM 1662 O O   . HOH C 2 .   ? 4.996   12.053  -5.102  1.00 19.50 ? 601 HOH A O   1 
HETATM 1663 O O   . HOH C 2 .   ? 11.423  6.778   13.787  1.00 23.61 ? 607 HOH A O   1 
HETATM 1664 O O   . HOH C 2 .   ? 17.492  5.355   -6.497  1.00 17.49 ? 608 HOH A O   1 
HETATM 1665 O O   . HOH C 2 .   ? -1.237  9.669   -0.509  1.00 24.64 ? 610 HOH A O   1 
HETATM 1666 O O   . HOH C 2 .   ? 14.601  -6.099  1.174   1.00 26.18 ? 612 HOH A O   1 
HETATM 1667 O O   . HOH C 2 .   ? -0.037  9.270   -9.620  1.00 26.98 ? 613 HOH A O   1 
HETATM 1668 O O   . HOH C 2 .   ? 5.718   9.608   6.795   1.00 28.79 ? 614 HOH A O   1 
HETATM 1669 O O   . HOH C 2 .   ? 4.113   7.135   6.583   1.00 33.01 ? 615 HOH A O   1 
HETATM 1670 O O   . HOH C 2 .   ? 4.740   7.124   12.579  1.00 23.89 ? 616 HOH A O   1 
HETATM 1671 O O   . HOH C 2 .   ? -2.879  5.807   1.020   1.00 29.38 ? 617 HOH A O   1 
HETATM 1672 O O   . HOH C 2 .   ? 12.450  9.124   6.711   1.00 24.95 ? 618 HOH A O   1 
HETATM 1673 O O   . HOH C 2 .   ? 9.424   19.739  -6.218  1.00 25.23 ? 621 HOH A O   1 
HETATM 1674 O O   . HOH C 2 .   ? 4.793   21.191  -11.791 1.00 27.97 ? 623 HOH A O   1 
HETATM 1675 O O   . HOH C 2 .   ? -0.430  13.273  -5.925  1.00 24.35 ? 626 HOH A O   1 
HETATM 1676 O O   . HOH C 2 .   ? 6.244   17.252  0.245   1.00 22.42 ? 630 HOH A O   1 
HETATM 1677 O O   . HOH C 2 .   ? 4.114   8.626   9.590   1.00 45.67 ? 631 HOH A O   1 
HETATM 1678 O O   . HOH C 2 .   ? -1.610  11.832  -2.408  1.00 24.93 ? 637 HOH A O   1 
HETATM 1679 O O   . HOH C 2 .   ? -1.038  7.280   -2.207  1.00 25.59 ? 639 HOH A O   1 
HETATM 1680 O O   . HOH C 2 .   ? 9.562   -3.819  11.407  1.00 23.67 ? 640 HOH A O   1 
HETATM 1681 O O   . HOH C 2 .   ? 10.442  -0.628  -12.626 1.00 37.93 ? 641 HOH A O   1 
HETATM 1682 O O   . HOH C 2 .   ? 11.816  10.926  -17.772 1.00 28.88 ? 643 HOH A O   1 
HETATM 1683 O O   . HOH C 2 .   ? 7.810   -1.199  13.303  1.00 32.64 ? 646 HOH A O   1 
HETATM 1684 O O   . HOH C 2 .   ? 14.234  -4.747  -5.854  1.00 28.92 ? 648 HOH A O   1 
HETATM 1685 O O   . HOH C 2 .   ? 2.055   -12.442 15.251  1.00 38.24 ? 650 HOH A O   1 
HETATM 1686 O O   . HOH C 2 .   ? 11.853  9.715   10.241  1.00 32.10 ? 652 HOH A O   1 
HETATM 1687 O O   . HOH C 2 .   ? -3.308  10.882  2.780   1.00 46.25 ? 653 HOH A O   1 
HETATM 1688 O O   . HOH C 2 .   ? 17.991  -3.139  6.776   1.00 27.27 ? 656 HOH A O   1 
HETATM 1689 O O   . HOH C 2 .   ? 1.990   7.954   5.300   1.00 29.53 ? 657 HOH A O   1 
HETATM 1690 O O   . HOH C 2 .   ? 15.596  11.282  -14.239 1.00 28.82 ? 659 HOH A O   1 
HETATM 1691 O O   . HOH C 2 .   ? 17.186  -5.957  -5.637  1.00 31.72 ? 661 HOH A O   1 
HETATM 1692 O O   . HOH C 2 .   ? 19.222  4.617   -11.932 1.00 29.35 ? 662 HOH A O   1 
HETATM 1693 O O   . HOH C 2 .   ? 7.127   13.843  6.545   1.00 34.55 ? 663 HOH A O   1 
HETATM 1694 O O   . HOH C 2 .   ? 20.230  16.321  -4.287  1.00 27.44 ? 664 HOH A O   1 
HETATM 1695 O O   . HOH C 2 .   ? 2.651   6.851   8.771   1.00 35.68 ? 666 HOH A O   1 
HETATM 1696 O O   . HOH C 2 .   ? 16.439  13.891  1.761   1.00 37.56 ? 667 HOH A O   1 
HETATM 1697 O O   . HOH C 2 .   ? 0.766   4.596   -10.318 1.00 42.92 ? 669 HOH A O   1 
HETATM 1698 O O   . HOH C 2 .   ? 0.982   15.041  -2.516  1.00 37.16 ? 670 HOH A O   1 
HETATM 1699 O O   . HOH C 2 .   ? 8.187   -10.709 9.513   1.00 36.52 ? 673 HOH A O   1 
HETATM 1700 O O   . HOH C 2 .   ? 14.175  16.927  -3.146  1.00 24.00 ? 676 HOH A O   1 
HETATM 1701 O O   . HOH C 2 .   ? 5.832   -0.375  -10.076 1.00 36.24 ? 677 HOH A O   1 
HETATM 1702 O O   . HOH C 2 .   ? -4.022  11.395  -5.688  1.00 46.45 ? 678 HOH A O   1 
HETATM 1703 O O   . HOH C 2 .   ? 15.731  21.787  -5.975  1.00 36.06 ? 680 HOH A O   1 
HETATM 1704 O O   . HOH C 2 .   ? 20.076  -4.293  8.344   1.00 49.95 ? 682 HOH A O   1 
HETATM 1705 O O   . HOH C 2 .   ? 8.004   -5.159  14.260  1.00 39.44 ? 684 HOH A O   1 
HETATM 1706 O O   . HOH C 2 .   ? 2.735   -2.724  12.204  1.00 43.32 ? 686 HOH A O   1 
HETATM 1707 O O   . HOH C 2 .   ? -0.597  23.668  4.994   1.00 32.06 ? 691 HOH A O   1 
HETATM 1708 O O   . HOH C 2 .   ? 23.225  11.843  -6.136  1.00 41.86 ? 694 HOH A O   1 
HETATM 1709 O O   . HOH C 2 .   ? 1.564   -0.265  -8.503  1.00 40.94 ? 695 HOH A O   1 
HETATM 1710 O O   . HOH C 2 .   ? -2.819  3.598   -5.134  1.00 51.61 ? 696 HOH A O   1 
HETATM 1711 O O   . HOH C 2 .   ? 15.847  13.717  -12.370 1.00 40.82 ? 697 HOH A O   1 
HETATM 1712 O O   . HOH C 2 .   ? 26.065  0.316   -2.714  1.00 46.31 ? 701 HOH A O   1 
HETATM 1713 O O   . HOH C 2 .   ? 15.611  -4.684  13.932  1.00 48.12 ? 702 HOH A O   1 
HETATM 1714 O O   . HOH C 2 .   ? 18.903  19.708  -7.677  1.00 47.61 ? 703 HOH A O   1 
HETATM 1715 O O   . HOH C 2 .   ? -3.441  24.728  -4.572  1.00 46.17 ? 704 HOH A O   1 
HETATM 1716 O O   . HOH C 2 .   ? 3.376   1.498   -14.544 1.00 49.63 ? 707 HOH A O   1 
HETATM 1717 O O   . HOH C 2 .   ? 15.703  6.520   -13.778 1.00 40.03 ? 708 HOH A O   1 
HETATM 1718 O O   . HOH C 2 .   ? 25.506  -3.705  7.819   1.00 36.52 ? 709 HOH A O   1 
HETATM 1719 O O   . HOH C 2 .   ? 4.669   29.374  -9.724  1.00 58.12 ? 711 HOH A O   1 
HETATM 1720 O O   . HOH C 2 .   ? 20.678  5.496   -9.330  1.00 36.90 ? 713 HOH A O   1 
HETATM 1721 O O   . HOH C 2 .   ? 10.159  20.618  -17.134 1.00 42.62 ? 714 HOH A O   1 
HETATM 1722 O O   . HOH C 2 .   ? -0.129  21.528  -13.209 1.00 39.87 ? 716 HOH A O   1 
HETATM 1723 O O   . HOH C 2 .   ? 3.456   -10.253 13.224  1.00 54.51 ? 718 HOH A O   1 
HETATM 1724 O O   . HOH C 2 .   ? 0.113   16.216  -13.487 1.00 34.14 ? 719 HOH A O   1 
HETATM 1725 O O   . HOH C 2 .   ? 6.107   -4.173  13.097  1.00 34.82 ? 722 HOH A O   1 
HETATM 1726 O O   . HOH C 2 .   ? 16.619  25.097  -6.431  1.00 44.54 ? 723 HOH A O   1 
HETATM 1727 O O   . HOH C 2 .   ? 0.239   15.299  -9.550  1.00 38.66 ? 725 HOH A O   1 
HETATM 1728 O O   . HOH C 2 .   ? 6.007   5.156   -13.358 1.00 34.80 ? 728 HOH A O   1 
HETATM 1729 O O   . HOH C 2 .   ? 20.075  18.191  -6.098  1.00 51.95 ? 732 HOH A O   1 
HETATM 1730 O O   . HOH C 2 .   ? 16.168  3.609   9.210   1.00 40.88 ? 733 HOH A O   1 
HETATM 1731 O O   . HOH C 2 .   ? 5.288   24.212  -3.790  1.00 54.13 ? 735 HOH A O   1 
HETATM 1732 O O   . HOH C 2 .   ? 7.834   13.155  -20.175 1.00 39.91 ? 737 HOH A O   1 
HETATM 1733 O O   . HOH C 2 .   ? 16.818  18.879  -11.714 1.00 47.39 ? 739 HOH A O   1 
HETATM 1734 O O   . HOH C 2 .   ? 1.003   16.189  -17.331 1.00 50.12 ? 742 HOH A O   1 
HETATM 1735 O O   . HOH C 2 .   ? 2.528   25.830  -8.033  1.00 45.92 ? 744 HOH A O   1 
HETATM 1736 O O   . HOH C 2 .   ? 21.926  11.501  -0.690  1.00 50.94 ? 747 HOH A O   1 
HETATM 1737 O O   . HOH C 2 .   ? -1.799  27.814  -8.608  1.00 55.19 ? 748 HOH A O   1 
HETATM 1738 O O   . HOH C 2 .   ? 4.685   22.465  -1.865  1.00 47.81 ? 750 HOH A O   1 
HETATM 1739 O O   . HOH C 2 .   ? 24.798  -1.955  -4.131  1.00 39.51 ? 752 HOH A O   1 
HETATM 1740 O O   . HOH C 2 .   ? 21.870  2.602   10.083  1.00 41.70 ? 753 HOH A O   1 
HETATM 1741 O O   . HOH C 2 .   ? 15.123  7.386   6.229   1.00 42.46 ? 755 HOH A O   1 
HETATM 1742 O O   . HOH C 2 .   ? -1.452  11.466  -10.328 1.00 44.76 ? 760 HOH A O   1 
HETATM 1743 O O   . HOH C 2 .   ? 7.572   0.796   -11.651 1.00 38.86 ? 761 HOH A O   1 
HETATM 1744 O O   . HOH C 2 .   ? -4.536  35.223  -8.508  1.00 53.97 ? 762 HOH A O   1 
HETATM 1745 O O   . HOH C 2 .   ? 13.807  5.085   -15.693 1.00 45.93 ? 763 HOH A O   1 
HETATM 1746 O O   . HOH C 2 .   ? -3.275  21.724  -7.220  1.00 46.71 ? 765 HOH A O   1 
HETATM 1747 O O   . HOH C 2 .   ? 14.885  -0.028  17.346  1.00 50.98 ? 767 HOH A O   1 
HETATM 1748 O O   . HOH C 2 .   ? 13.296  16.847  -14.760 1.00 45.01 ? 768 HOH A O   1 
HETATM 1749 O O   . HOH C 2 .   ? 1.359   22.186  -16.130 1.00 51.70 ? 769 HOH A O   1 
HETATM 1750 O O   . HOH C 2 .   ? 2.808   18.447  -0.589  1.00 50.53 ? 772 HOH A O   1 
HETATM 1751 O O   . HOH D 2 .   ? -14.015 -0.480  -4.505  1.00 18.43 ? 602 HOH B O   1 
HETATM 1752 O O   . HOH D 2 .   ? -10.310 4.336   -3.955  1.00 37.58 ? 603 HOH B O   1 
HETATM 1753 O O   . HOH D 2 .   ? 5.848   -16.244 1.302   1.00 36.46 ? 604 HOH B O   1 
HETATM 1754 O O   . HOH D 2 .   ? 0.233   -3.659  -6.686  1.00 20.85 ? 605 HOH B O   1 
HETATM 1755 O O   . HOH D 2 .   ? -24.655 2.627   5.199   1.00 20.55 ? 606 HOH B O   1 
HETATM 1756 O O   . HOH D 2 .   ? -11.039 -13.145 0.019   1.00 21.57 ? 609 HOH B O   1 
HETATM 1757 O O   . HOH D 2 .   ? 2.709   -15.193 2.803   1.00 20.69 ? 611 HOH B O   1 
HETATM 1758 O O   . HOH D 2 .   ? -9.120  -7.990  15.259  1.00 31.66 ? 619 HOH B O   1 
HETATM 1759 O O   . HOH D 2 .   ? -27.933 -6.740  -1.135  1.00 24.37 ? 620 HOH B O   1 
HETATM 1760 O O   . HOH D 2 .   ? -18.329 -0.363  9.454   1.00 30.07 ? 622 HOH B O   1 
HETATM 1761 O O   . HOH D 2 .   ? -17.136 -8.228  6.903   1.00 29.99 ? 624 HOH B O   1 
HETATM 1762 O O   . HOH D 2 .   ? -2.913  3.252   -2.653  1.00 31.07 ? 625 HOH B O   1 
HETATM 1763 O O   . HOH D 2 .   ? -10.323 -14.561 -3.996  1.00 31.73 ? 627 HOH B O   1 
HETATM 1764 O O   . HOH D 2 .   ? -8.595  -6.019  13.048  1.00 25.06 ? 628 HOH B O   1 
HETATM 1765 O O   . HOH D 2 .   ? -3.965  -11.062 11.526  1.00 28.59 ? 629 HOH B O   1 
HETATM 1766 O O   . HOH D 2 .   ? -17.347 -15.467 -4.701  1.00 31.62 ? 632 HOH B O   1 
HETATM 1767 O O   . HOH D 2 .   ? -9.552  6.406   1.660   1.00 34.95 ? 633 HOH B O   1 
HETATM 1768 O O   . HOH D 2 .   ? -24.876 -3.079  2.451   1.00 26.12 ? 634 HOH B O   1 
HETATM 1769 O O   . HOH D 2 .   ? -4.457  -19.086 -5.359  1.00 36.94 ? 635 HOH B O   1 
HETATM 1770 O O   . HOH D 2 .   ? -6.766  0.538   -7.470  1.00 26.05 ? 636 HOH B O   1 
HETATM 1771 O O   . HOH D 2 .   ? -13.841 -24.960 8.234   1.00 31.13 ? 638 HOH B O   1 
HETATM 1772 O O   . HOH D 2 .   ? 8.283   -12.538 -3.813  1.00 39.89 ? 644 HOH B O   1 
HETATM 1773 O O   . HOH D 2 .   ? -21.457 -3.081  -8.344  1.00 22.96 ? 645 HOH B O   1 
HETATM 1774 O O   . HOH D 2 .   ? -12.266 6.388   -2.739  1.00 30.18 ? 647 HOH B O   1 
HETATM 1775 O O   . HOH D 2 .   ? -4.607  -17.555 8.473   1.00 25.93 ? 649 HOH B O   1 
HETATM 1776 O O   . HOH D 2 .   ? -19.515 -5.457  11.654  1.00 30.21 ? 651 HOH B O   1 
HETATM 1777 O O   . HOH D 2 .   ? -28.576 -4.108  -7.505  1.00 33.55 ? 654 HOH B O   1 
HETATM 1778 O O   . HOH D 2 .   ? -14.536 4.772   5.307   1.00 28.70 ? 655 HOH B O   1 
HETATM 1779 O O   . HOH D 2 .   ? -27.339 -3.600  2.467   1.00 38.50 ? 658 HOH B O   1 
HETATM 1780 O O   . HOH D 2 .   ? -7.844  -23.884 11.718  1.00 32.18 ? 660 HOH B O   1 
HETATM 1781 O O   . HOH D 2 .   ? -16.972 -0.742  11.562  1.00 40.08 ? 665 HOH B O   1 
HETATM 1782 O O   . HOH D 2 .   ? -17.137 9.601   6.735   1.00 34.56 ? 668 HOH B O   1 
HETATM 1783 O O   . HOH D 2 .   ? -26.880 5.119   -0.908  1.00 41.69 ? 671 HOH B O   1 
HETATM 1784 O O   . HOH D 2 .   ? -2.632  0.140   -5.991  1.00 29.14 ? 672 HOH B O   1 
HETATM 1785 O O   . HOH D 2 .   ? -1.025  -17.985 -6.221  1.00 35.08 ? 674 HOH B O   1 
HETATM 1786 O O   . HOH D 2 .   ? -3.455  5.451   -1.898  1.00 45.33 ? 675 HOH B O   1 
HETATM 1787 O O   . HOH D 2 .   ? -16.250 10.096  -9.554  1.00 44.33 ? 679 HOH B O   1 
HETATM 1788 O O   . HOH D 2 .   ? -8.841  1.879   -8.958  1.00 38.23 ? 681 HOH B O   1 
HETATM 1789 O O   . HOH D 2 .   ? -4.552  -6.187  -7.085  1.00 33.90 ? 683 HOH B O   1 
HETATM 1790 O O   . HOH D 2 .   ? -1.472  -1.330  -8.990  1.00 38.82 ? 685 HOH B O   1 
HETATM 1791 O O   . HOH D 2 .   ? 6.994   -15.915 4.808   1.00 38.58 ? 687 HOH B O   1 
HETATM 1792 O O   . HOH D 2 .   ? 5.204   -11.025 -2.101  1.00 39.37 ? 688 HOH B O   1 
HETATM 1793 O O   . HOH D 2 .   ? -19.443 -9.620  11.409  1.00 46.65 ? 689 HOH B O   1 
HETATM 1794 O O   . HOH D 2 .   ? -14.565 -4.470  -10.499 1.00 47.29 ? 690 HOH B O   1 
HETATM 1795 O O   . HOH D 2 .   ? -3.294  4.685   4.821   1.00 34.28 ? 692 HOH B O   1 
HETATM 1796 O O   . HOH D 2 .   ? -8.370  4.840   -7.543  1.00 40.63 ? 693 HOH B O   1 
HETATM 1797 O O   . HOH D 2 .   ? -12.762 1.363   11.058  1.00 36.27 ? 698 HOH B O   1 
HETATM 1798 O O   . HOH D 2 .   ? 1.192   -7.637  11.972  1.00 53.52 ? 699 HOH B O   1 
HETATM 1799 O O   . HOH D 2 .   ? 3.211   0.392   8.780   1.00 32.71 ? 700 HOH B O   1 
HETATM 1800 O O   . HOH D 2 .   ? 1.231   -8.885  -2.490  1.00 31.12 ? 705 HOH B O   1 
HETATM 1801 O O   . HOH D 2 .   ? -27.784 5.386   -3.422  1.00 46.47 ? 706 HOH B O   1 
HETATM 1802 O O   . HOH D 2 .   ? -9.622  -15.611 -1.139  1.00 39.26 ? 710 HOH B O   1 
HETATM 1803 O O   . HOH D 2 .   ? -17.820 -1.523  13.803  1.00 51.50 ? 712 HOH B O   1 
HETATM 1804 O O   . HOH D 2 .   ? -9.487  6.304   -0.906  1.00 41.52 ? 715 HOH B O   1 
HETATM 1805 O O   . HOH D 2 .   ? -12.119 2.846   8.344   1.00 34.26 ? 717 HOH B O   1 
HETATM 1806 O O   . HOH D 2 .   ? -21.918 -8.343  -5.080  0.50 30.91 ? 720 HOH B O   1 
HETATM 1807 O O   . HOH D 2 .   ? 1.925   -11.511 -6.886  1.00 46.08 ? 721 HOH B O   1 
HETATM 1808 O O   . HOH D 2 .   ? -15.629 8.125   2.503   1.00 43.15 ? 724 HOH B O   1 
HETATM 1809 O O   . HOH D 2 .   ? -6.510  -17.592 -2.238  1.00 48.70 ? 726 HOH B O   1 
HETATM 1810 O O   . HOH D 2 .   ? -4.153  -8.607  -5.810  1.00 41.58 ? 727 HOH B O   1 
HETATM 1811 O O   . HOH D 2 .   ? -29.713 -0.684  -8.385  1.00 47.98 ? 729 HOH B O   1 
HETATM 1812 O O   . HOH D 2 .   ? 2.855   -15.610 -1.297  1.00 35.87 ? 730 HOH B O   1 
HETATM 1813 O O   . HOH D 2 .   ? -13.689 5.305   8.219   1.00 41.00 ? 731 HOH B O   1 
HETATM 1814 O O   . HOH D 2 .   ? -9.441  -12.716 15.923  1.00 53.10 ? 734 HOH B O   1 
HETATM 1815 O O   . HOH D 2 .   ? -4.760  -21.290 9.654   1.00 44.76 ? 736 HOH B O   1 
HETATM 1816 O O   . HOH D 2 .   ? -12.248 3.970   -7.305  1.00 34.95 ? 738 HOH B O   1 
HETATM 1817 O O   . HOH D 2 .   ? -24.451 -10.076 5.278   1.00 49.56 ? 741 HOH B O   1 
HETATM 1818 O O   . HOH D 2 .   ? -19.894 -17.354 10.108  1.00 51.94 ? 743 HOH B O   1 
HETATM 1819 O O   . HOH D 2 .   ? -0.299  -23.561 -0.859  1.00 44.41 ? 745 HOH B O   1 
HETATM 1820 O O   . HOH D 2 .   ? -5.201  -22.222 20.502  1.00 34.62 ? 751 HOH B O   1 
HETATM 1821 O O   . HOH D 2 .   ? -22.481 4.846   -8.982  1.00 44.69 ? 754 HOH B O   1 
HETATM 1822 O O   . HOH D 2 .   ? -14.102 -11.589 -5.037  1.00 42.44 ? 756 HOH B O   1 
HETATM 1823 O O   . HOH D 2 .   ? -1.002  -16.042 -8.666  1.00 53.18 ? 757 HOH B O   1 
HETATM 1824 O O   . HOH D 2 .   ? -17.913 -4.216  -11.665 1.00 32.47 ? 758 HOH B O   1 
HETATM 1825 O O   . HOH D 2 .   ? -18.829 9.568   3.475   1.00 34.12 ? 759 HOH B O   1 
HETATM 1826 O O   . HOH D 2 .   ? -15.946 6.100   -6.992  1.00 38.71 ? 764 HOH B O   1 
HETATM 1827 O O   . HOH D 2 .   ? -6.137  -20.679 -1.962  1.00 47.26 ? 770 HOH B O   1 
HETATM 1828 O O   . HOH D 2 .   ? -18.797 -7.944  13.168  1.00 54.27 ? 771 HOH B O   1 
# 
